data_4ZYF
# 
_entry.id   4ZYF 
# 
_audit_conform.dict_name       mmcif_pdbx.dic 
_audit_conform.dict_version    5.383 
_audit_conform.dict_location   http://mmcif.pdb.org/dictionaries/ascii/mmcif_pdbx.dic 
# 
loop_
_database_2.database_id 
_database_2.database_code 
_database_2.pdbx_database_accession 
_database_2.pdbx_DOI 
PDB   4ZYF         pdb_00004zyf 10.2210/pdb4zyf/pdb 
WWPDB D_1000210117 ?            ?                   
# 
loop_
_pdbx_audit_revision_history.ordinal 
_pdbx_audit_revision_history.data_content_type 
_pdbx_audit_revision_history.major_revision 
_pdbx_audit_revision_history.minor_revision 
_pdbx_audit_revision_history.revision_date 
1 'Structure model' 1 0 2015-07-29 
2 'Structure model' 1 1 2015-08-05 
3 'Structure model' 1 2 2015-09-09 
4 'Structure model' 1 3 2024-01-10 
# 
_pdbx_audit_revision_details.ordinal             1 
_pdbx_audit_revision_details.revision_ordinal    1 
_pdbx_audit_revision_details.data_content_type   'Structure model' 
_pdbx_audit_revision_details.provider            repository 
_pdbx_audit_revision_details.type                'Initial release' 
_pdbx_audit_revision_details.description         ? 
_pdbx_audit_revision_details.details             ? 
# 
loop_
_pdbx_audit_revision_group.ordinal 
_pdbx_audit_revision_group.revision_ordinal 
_pdbx_audit_revision_group.data_content_type 
_pdbx_audit_revision_group.group 
1 2 'Structure model' 'Non-polymer description' 
2 3 'Structure model' 'Database references'     
3 4 'Structure model' 'Data collection'         
4 4 'Structure model' 'Database references'     
5 4 'Structure model' 'Refinement description'  
# 
loop_
_pdbx_audit_revision_category.ordinal 
_pdbx_audit_revision_category.revision_ordinal 
_pdbx_audit_revision_category.data_content_type 
_pdbx_audit_revision_category.category 
1 4 'Structure model' chem_comp_atom                
2 4 'Structure model' chem_comp_bond                
3 4 'Structure model' database_2                    
4 4 'Structure model' diffrn_radiation_wavelength   
5 4 'Structure model' pdbx_initial_refinement_model 
# 
loop_
_pdbx_audit_revision_item.ordinal 
_pdbx_audit_revision_item.revision_ordinal 
_pdbx_audit_revision_item.data_content_type 
_pdbx_audit_revision_item.item 
1 4 'Structure model' '_database_2.pdbx_DOI'                
2 4 'Structure model' '_database_2.pdbx_database_accession' 
# 
_pdbx_database_status.status_code                     REL 
_pdbx_database_status.status_code_sf                  REL 
_pdbx_database_status.status_code_mr                  ? 
_pdbx_database_status.entry_id                        4ZYF 
_pdbx_database_status.recvd_initial_deposition_date   2015-05-21 
_pdbx_database_status.SG_entry                        N 
_pdbx_database_status.deposit_site                    RCSB 
_pdbx_database_status.process_site                    PDBE 
_pdbx_database_status.status_code_cs                  ? 
_pdbx_database_status.methods_development_category    ? 
_pdbx_database_status.pdb_format_compatible           Y 
_pdbx_database_status.status_code_nmr_data            ? 
# 
loop_
_pdbx_database_related.db_name 
_pdbx_database_related.details 
_pdbx_database_related.db_id 
_pdbx_database_related.content_type 
PDB . 4ZYC unspecified 
PDB . 4DIJ unspecified 
PDB . 4OQ3 unspecified 
# 
_audit_author.name           'Kallen, J.' 
_audit_author.pdbx_ordinal   1 
# 
_citation.abstract                  ? 
_citation.abstract_id_CAS           ? 
_citation.book_id_ISBN              ? 
_citation.book_publisher            ? 
_citation.book_publisher_city       ? 
_citation.book_title                ? 
_citation.coordinate_linkage        ? 
_citation.country                   US 
_citation.database_id_Medline       ? 
_citation.details                   ? 
_citation.id                        primary 
_citation.journal_abbrev            J.Med.Chem. 
_citation.journal_id_ASTM           JMCMAR 
_citation.journal_id_CSD            0151 
_citation.journal_id_ISSN           0022-2623 
_citation.journal_full              ? 
_citation.journal_issue             ? 
_citation.journal_volume            58 
_citation.language                  ? 
_citation.page_first                6348 
_citation.page_last                 6358 
_citation.title                     
;Discovery of a Dihydroisoquinolinone Derivative (NVP-CGM097): A Highly Potent and Selective MDM2 Inhibitor Undergoing Phase 1 Clinical Trials in p53wt Tumors.
;
_citation.year                      2015 
_citation.database_id_CSD           ? 
_citation.pdbx_database_id_DOI      10.1021/acs.jmedchem.5b00810 
_citation.pdbx_database_id_PubMed   26181851 
_citation.unpublished_flag          ? 
# 
loop_
_citation_author.citation_id 
_citation_author.name 
_citation_author.ordinal 
_citation_author.identifier_ORCID 
primary 'Holzer, P.'            1  ? 
primary 'Masuya, K.'            2  ? 
primary 'Furet, P.'             3  ? 
primary 'Kallen, J.'            4  ? 
primary 'Valat-Stachyra, T.'    5  ? 
primary 'Ferretti, S.'          6  ? 
primary 'Berghausen, J.'        7  ? 
primary 'Bouisset-Leonard, M.'  8  ? 
primary 'Buschmann, N.'         9  ? 
primary 'Pissot-Soldermann, C.' 10 ? 
primary 'Rynn, C.'              11 ? 
primary 'Ruetz, S.'             12 ? 
primary 'Stutz, S.'             13 ? 
primary 'Chene, P.'             14 ? 
primary 'Jeay, S.'              15 ? 
primary 'Gessier, F.'           16 ? 
# 
loop_
_entity.id 
_entity.type 
_entity.src_method 
_entity.pdbx_description 
_entity.formula_weight 
_entity.pdbx_number_of_molecules 
_entity.pdbx_ec 
_entity.pdbx_mutation 
_entity.pdbx_fragment 
_entity.details 
1 polymer     man 'E3 ubiquitin-protein ligase Mdm2' 11156.052 1  6.3.2.- ? 
'N-TERMINAL DOMAIN, P53-BINDING DOMAIN, UNP residues 17-111' ? 
2 non-polymer syn 
;(S)-1-(4-chlorophenyl)-7-isopropoxy-6-methoxy-2-(4-(methyl(((1r,4S)-4-(4-methyl-3-oxopiperazin-1-yl)cyclohexyl)methyl)amino)phenyl)-1,2-dihydroisoquinolin-3(4H)-one
;
659.257   1  ?       ? ?                                                            ? 
3 non-polymer syn 'CHLORIDE ION' 35.453    1  ?       ? ?                                                            ? 
4 water       nat water 18.015    65 ?       ? ?                                                            ? 
# 
_entity_name_com.entity_id   1 
_entity_name_com.name        'Double minute 2 protein,Hdm2,Oncoprotein Mdm2,p53-binding protein Mdm2' 
# 
_entity_poly.entity_id                      1 
_entity_poly.type                           'polypeptide(L)' 
_entity_poly.nstd_linkage                   no 
_entity_poly.nstd_monomer                   no 
_entity_poly.pdbx_seq_one_letter_code       
;GSQIPASEQETLVRPKPLLLKLLKSVGAQKDTYTMKEVLFYLGQYIMTKRLYDEKQQHIVYCSNDLLGDLFGVPSFSVKE
HRKIYTMIYRNLVVVN
;
_entity_poly.pdbx_seq_one_letter_code_can   
;GSQIPASEQETLVRPKPLLLKLLKSVGAQKDTYTMKEVLFYLGQYIMTKRLYDEKQQHIVYCSNDLLGDLFGVPSFSVKE
HRKIYTMIYRNLVVVN
;
_entity_poly.pdbx_strand_id                 A 
_entity_poly.pdbx_target_identifier         ? 
# 
loop_
_pdbx_entity_nonpoly.entity_id 
_pdbx_entity_nonpoly.name 
_pdbx_entity_nonpoly.comp_id 
2 
;(S)-1-(4-chlorophenyl)-7-isopropoxy-6-methoxy-2-(4-(methyl(((1r,4S)-4-(4-methyl-3-oxopiperazin-1-yl)cyclohexyl)methyl)amino)phenyl)-1,2-dihydroisoquinolin-3(4H)-one
;
4T4 
3 'CHLORIDE ION' CL  
4 water HOH 
# 
loop_
_entity_poly_seq.entity_id 
_entity_poly_seq.num 
_entity_poly_seq.mon_id 
_entity_poly_seq.hetero 
1 1  GLY n 
1 2  SER n 
1 3  GLN n 
1 4  ILE n 
1 5  PRO n 
1 6  ALA n 
1 7  SER n 
1 8  GLU n 
1 9  GLN n 
1 10 GLU n 
1 11 THR n 
1 12 LEU n 
1 13 VAL n 
1 14 ARG n 
1 15 PRO n 
1 16 LYS n 
1 17 PRO n 
1 18 LEU n 
1 19 LEU n 
1 20 LEU n 
1 21 LYS n 
1 22 LEU n 
1 23 LEU n 
1 24 LYS n 
1 25 SER n 
1 26 VAL n 
1 27 GLY n 
1 28 ALA n 
1 29 GLN n 
1 30 LYS n 
1 31 ASP n 
1 32 THR n 
1 33 TYR n 
1 34 THR n 
1 35 MET n 
1 36 LYS n 
1 37 GLU n 
1 38 VAL n 
1 39 LEU n 
1 40 PHE n 
1 41 TYR n 
1 42 LEU n 
1 43 GLY n 
1 44 GLN n 
1 45 TYR n 
1 46 ILE n 
1 47 MET n 
1 48 THR n 
1 49 LYS n 
1 50 ARG n 
1 51 LEU n 
1 52 TYR n 
1 53 ASP n 
1 54 GLU n 
1 55 LYS n 
1 56 GLN n 
1 57 GLN n 
1 58 HIS n 
1 59 ILE n 
1 60 VAL n 
1 61 TYR n 
1 62 CYS n 
1 63 SER n 
1 64 ASN n 
1 65 ASP n 
1 66 LEU n 
1 67 LEU n 
1 68 GLY n 
1 69 ASP n 
1 70 LEU n 
1 71 PHE n 
1 72 GLY n 
1 73 VAL n 
1 74 PRO n 
1 75 SER n 
1 76 PHE n 
1 77 SER n 
1 78 VAL n 
1 79 LYS n 
1 80 GLU n 
1 81 HIS n 
1 82 ARG n 
1 83 LYS n 
1 84 ILE n 
1 85 TYR n 
1 86 THR n 
1 87 MET n 
1 88 ILE n 
1 89 TYR n 
1 90 ARG n 
1 91 ASN n 
1 92 LEU n 
1 93 VAL n 
1 94 VAL n 
1 95 VAL n 
1 96 ASN n 
# 
_entity_src_gen.entity_id                          1 
_entity_src_gen.pdbx_src_id                        1 
_entity_src_gen.pdbx_alt_source_flag               sample 
_entity_src_gen.pdbx_seq_type                      'Biological sequence' 
_entity_src_gen.pdbx_beg_seq_num                   1 
_entity_src_gen.pdbx_end_seq_num                   96 
_entity_src_gen.gene_src_common_name               Human 
_entity_src_gen.gene_src_genus                     ? 
_entity_src_gen.pdbx_gene_src_gene                 MDM2 
_entity_src_gen.gene_src_species                   ? 
_entity_src_gen.gene_src_strain                    ? 
_entity_src_gen.gene_src_tissue                    ? 
_entity_src_gen.gene_src_tissue_fraction           ? 
_entity_src_gen.gene_src_details                   ? 
_entity_src_gen.pdbx_gene_src_fragment             ? 
_entity_src_gen.pdbx_gene_src_scientific_name      'Homo sapiens' 
_entity_src_gen.pdbx_gene_src_ncbi_taxonomy_id     9606 
_entity_src_gen.pdbx_gene_src_variant              ? 
_entity_src_gen.pdbx_gene_src_cell_line            ? 
_entity_src_gen.pdbx_gene_src_atcc                 ? 
_entity_src_gen.pdbx_gene_src_organ                ? 
_entity_src_gen.pdbx_gene_src_organelle            ? 
_entity_src_gen.pdbx_gene_src_cell                 ? 
_entity_src_gen.pdbx_gene_src_cellular_location    ? 
_entity_src_gen.host_org_common_name               ? 
_entity_src_gen.pdbx_host_org_scientific_name      'Escherichia coli' 
_entity_src_gen.pdbx_host_org_ncbi_taxonomy_id     562 
_entity_src_gen.host_org_genus                     ? 
_entity_src_gen.pdbx_host_org_gene                 ? 
_entity_src_gen.pdbx_host_org_organ                ? 
_entity_src_gen.host_org_species                   ? 
_entity_src_gen.pdbx_host_org_tissue               ? 
_entity_src_gen.pdbx_host_org_tissue_fraction      ? 
_entity_src_gen.pdbx_host_org_strain               ? 
_entity_src_gen.pdbx_host_org_variant              ? 
_entity_src_gen.pdbx_host_org_cell_line            ? 
_entity_src_gen.pdbx_host_org_atcc                 ? 
_entity_src_gen.pdbx_host_org_culture_collection   ? 
_entity_src_gen.pdbx_host_org_cell                 ? 
_entity_src_gen.pdbx_host_org_organelle            ? 
_entity_src_gen.pdbx_host_org_cellular_location    ? 
_entity_src_gen.pdbx_host_org_vector_type          ? 
_entity_src_gen.pdbx_host_org_vector               ? 
_entity_src_gen.host_org_details                   ? 
_entity_src_gen.expression_system_id               ? 
_entity_src_gen.plasmid_name                       ? 
_entity_src_gen.plasmid_details                    ? 
_entity_src_gen.pdbx_description                   ? 
# 
loop_
_chem_comp.id 
_chem_comp.type 
_chem_comp.mon_nstd_flag 
_chem_comp.name 
_chem_comp.pdbx_synonyms 
_chem_comp.formula 
_chem_comp.formula_weight 
4T4 non-polymer         . 
;(S)-1-(4-chlorophenyl)-7-isopropoxy-6-methoxy-2-(4-(methyl(((1r,4S)-4-(4-methyl-3-oxopiperazin-1-yl)cyclohexyl)methyl)amino)phenyl)-1,2-dihydroisoquinolin-3(4H)-one
;
NVP-CGM097 'C38 H47 Cl N4 O4' 659.257 
ALA 'L-peptide linking' y ALANINE ?          'C3 H7 N O2'       89.093  
ARG 'L-peptide linking' y ARGININE ?          'C6 H15 N4 O2 1'   175.209 
ASN 'L-peptide linking' y ASPARAGINE ?          'C4 H8 N2 O3'      132.118 
ASP 'L-peptide linking' y 'ASPARTIC ACID' ?          'C4 H7 N O4'       133.103 
CL  non-polymer         . 'CHLORIDE ION' ?          'Cl -1'            35.453  
CYS 'L-peptide linking' y CYSTEINE ?          'C3 H7 N O2 S'     121.158 
GLN 'L-peptide linking' y GLUTAMINE ?          'C5 H10 N2 O3'     146.144 
GLU 'L-peptide linking' y 'GLUTAMIC ACID' ?          'C5 H9 N O4'       147.129 
GLY 'peptide linking'   y GLYCINE ?          'C2 H5 N O2'       75.067  
HIS 'L-peptide linking' y HISTIDINE ?          'C6 H10 N3 O2 1'   156.162 
HOH non-polymer         . WATER ?          'H2 O'             18.015  
ILE 'L-peptide linking' y ISOLEUCINE ?          'C6 H13 N O2'      131.173 
LEU 'L-peptide linking' y LEUCINE ?          'C6 H13 N O2'      131.173 
LYS 'L-peptide linking' y LYSINE ?          'C6 H15 N2 O2 1'   147.195 
MET 'L-peptide linking' y METHIONINE ?          'C5 H11 N O2 S'    149.211 
PHE 'L-peptide linking' y PHENYLALANINE ?          'C9 H11 N O2'      165.189 
PRO 'L-peptide linking' y PROLINE ?          'C5 H9 N O2'       115.130 
SER 'L-peptide linking' y SERINE ?          'C3 H7 N O3'       105.093 
THR 'L-peptide linking' y THREONINE ?          'C4 H9 N O3'       119.119 
TYR 'L-peptide linking' y TYROSINE ?          'C9 H11 N O3'      181.189 
VAL 'L-peptide linking' y VALINE ?          'C5 H11 N O2'      117.146 
# 
loop_
_pdbx_poly_seq_scheme.asym_id 
_pdbx_poly_seq_scheme.entity_id 
_pdbx_poly_seq_scheme.seq_id 
_pdbx_poly_seq_scheme.mon_id 
_pdbx_poly_seq_scheme.ndb_seq_num 
_pdbx_poly_seq_scheme.pdb_seq_num 
_pdbx_poly_seq_scheme.auth_seq_num 
_pdbx_poly_seq_scheme.pdb_mon_id 
_pdbx_poly_seq_scheme.auth_mon_id 
_pdbx_poly_seq_scheme.pdb_strand_id 
_pdbx_poly_seq_scheme.pdb_ins_code 
_pdbx_poly_seq_scheme.hetero 
A 1 1  GLY 1  16  ?   ?   ?   A . n 
A 1 2  SER 2  17  ?   ?   ?   A . n 
A 1 3  GLN 3  18  18  GLN GLN A . n 
A 1 4  ILE 4  19  19  ILE ILE A . n 
A 1 5  PRO 5  20  20  PRO PRO A . n 
A 1 6  ALA 6  21  21  ALA ALA A . n 
A 1 7  SER 7  22  22  SER SER A . n 
A 1 8  GLU 8  23  23  GLU GLU A . n 
A 1 9  GLN 9  24  24  GLN GLN A . n 
A 1 10 GLU 10 25  25  GLU GLU A . n 
A 1 11 THR 11 26  26  THR THR A . n 
A 1 12 LEU 12 27  27  LEU LEU A . n 
A 1 13 VAL 13 28  28  VAL VAL A . n 
A 1 14 ARG 14 29  29  ARG ARG A . n 
A 1 15 PRO 15 30  30  PRO PRO A . n 
A 1 16 LYS 16 31  31  LYS LYS A . n 
A 1 17 PRO 17 32  32  PRO PRO A . n 
A 1 18 LEU 18 33  33  LEU LEU A . n 
A 1 19 LEU 19 34  34  LEU LEU A . n 
A 1 20 LEU 20 35  35  LEU LEU A . n 
A 1 21 LYS 21 36  36  LYS LYS A . n 
A 1 22 LEU 22 37  37  LEU LEU A . n 
A 1 23 LEU 23 38  38  LEU LEU A . n 
A 1 24 LYS 24 39  39  LYS LYS A . n 
A 1 25 SER 25 40  40  SER SER A . n 
A 1 26 VAL 26 41  41  VAL VAL A . n 
A 1 27 GLY 27 42  42  GLY GLY A . n 
A 1 28 ALA 28 43  43  ALA ALA A . n 
A 1 29 GLN 29 44  44  GLN GLN A . n 
A 1 30 LYS 30 45  45  LYS LYS A . n 
A 1 31 ASP 31 46  46  ASP ASP A . n 
A 1 32 THR 32 47  47  THR THR A . n 
A 1 33 TYR 33 48  48  TYR TYR A . n 
A 1 34 THR 34 49  49  THR THR A . n 
A 1 35 MET 35 50  50  MET MET A . n 
A 1 36 LYS 36 51  51  LYS LYS A . n 
A 1 37 GLU 37 52  52  GLU GLU A . n 
A 1 38 VAL 38 53  53  VAL VAL A . n 
A 1 39 LEU 39 54  54  LEU LEU A . n 
A 1 40 PHE 40 55  55  PHE PHE A . n 
A 1 41 TYR 41 56  56  TYR TYR A . n 
A 1 42 LEU 42 57  57  LEU LEU A . n 
A 1 43 GLY 43 58  58  GLY GLY A . n 
A 1 44 GLN 44 59  59  GLN GLN A . n 
A 1 45 TYR 45 60  60  TYR TYR A . n 
A 1 46 ILE 46 61  61  ILE ILE A . n 
A 1 47 MET 47 62  62  MET MET A . n 
A 1 48 THR 48 63  63  THR THR A . n 
A 1 49 LYS 49 64  64  LYS LYS A . n 
A 1 50 ARG 50 65  65  ARG ARG A . n 
A 1 51 LEU 51 66  66  LEU LEU A . n 
A 1 52 TYR 52 67  67  TYR TYR A . n 
A 1 53 ASP 53 68  68  ASP ASP A . n 
A 1 54 GLU 54 69  69  GLU GLU A . n 
A 1 55 LYS 55 70  70  LYS LYS A . n 
A 1 56 GLN 56 71  71  GLN GLN A . n 
A 1 57 GLN 57 72  72  GLN GLN A . n 
A 1 58 HIS 58 73  73  HIS HIS A . n 
A 1 59 ILE 59 74  74  ILE ILE A . n 
A 1 60 VAL 60 75  75  VAL VAL A . n 
A 1 61 TYR 61 76  76  TYR TYR A . n 
A 1 62 CYS 62 77  77  CYS CYS A . n 
A 1 63 SER 63 78  78  SER SER A . n 
A 1 64 ASN 64 79  79  ASN ASN A . n 
A 1 65 ASP 65 80  80  ASP ASP A . n 
A 1 66 LEU 66 81  81  LEU LEU A . n 
A 1 67 LEU 67 82  82  LEU LEU A . n 
A 1 68 GLY 68 83  83  GLY GLY A . n 
A 1 69 ASP 69 84  84  ASP ASP A . n 
A 1 70 LEU 70 85  85  LEU LEU A . n 
A 1 71 PHE 71 86  86  PHE PHE A . n 
A 1 72 GLY 72 87  87  GLY GLY A . n 
A 1 73 VAL 73 88  88  VAL VAL A . n 
A 1 74 PRO 74 89  89  PRO PRO A . n 
A 1 75 SER 75 90  90  SER SER A . n 
A 1 76 PHE 76 91  91  PHE PHE A . n 
A 1 77 SER 77 92  92  SER SER A . n 
A 1 78 VAL 78 93  93  VAL VAL A . n 
A 1 79 LYS 79 94  94  LYS LYS A . n 
A 1 80 GLU 80 95  95  GLU GLU A . n 
A 1 81 HIS 81 96  96  HIS HIS A . n 
A 1 82 ARG 82 97  97  ARG ARG A . n 
A 1 83 LYS 83 98  98  LYS LYS A . n 
A 1 84 ILE 84 99  99  ILE ILE A . n 
A 1 85 TYR 85 100 100 TYR TYR A . n 
A 1 86 THR 86 101 101 THR THR A . n 
A 1 87 MET 87 102 102 MET MET A . n 
A 1 88 ILE 88 103 103 ILE ILE A . n 
A 1 89 TYR 89 104 104 TYR TYR A . n 
A 1 90 ARG 90 105 105 ARG ARG A . n 
A 1 91 ASN 91 106 106 ASN ASN A . n 
A 1 92 LEU 92 107 107 LEU LEU A . n 
A 1 93 VAL 93 108 108 VAL VAL A . n 
A 1 94 VAL 94 109 109 VAL VAL A . n 
A 1 95 VAL 95 110 110 VAL VAL A . n 
A 1 96 ASN 96 111 ?   ?   ?   A . n 
# 
loop_
_pdbx_nonpoly_scheme.asym_id 
_pdbx_nonpoly_scheme.entity_id 
_pdbx_nonpoly_scheme.mon_id 
_pdbx_nonpoly_scheme.ndb_seq_num 
_pdbx_nonpoly_scheme.pdb_seq_num 
_pdbx_nonpoly_scheme.auth_seq_num 
_pdbx_nonpoly_scheme.pdb_mon_id 
_pdbx_nonpoly_scheme.auth_mon_id 
_pdbx_nonpoly_scheme.pdb_strand_id 
_pdbx_nonpoly_scheme.pdb_ins_code 
B 2 4T4 1  201 1  4T4 LI1 A . 
C 3 CL  1  202 1  CL  CL  A . 
D 4 HOH 1  301 49 HOH HOH A . 
D 4 HOH 2  302 64 HOH HOH A . 
D 4 HOH 3  303 9  HOH HOH A . 
D 4 HOH 4  304 50 HOH HOH A . 
D 4 HOH 5  305 42 HOH HOH A . 
D 4 HOH 6  306 55 HOH HOH A . 
D 4 HOH 7  307 36 HOH HOH A . 
D 4 HOH 8  308 35 HOH HOH A . 
D 4 HOH 9  309 62 HOH HOH A . 
D 4 HOH 10 310 22 HOH HOH A . 
D 4 HOH 11 311 66 HOH HOH A . 
D 4 HOH 12 312 10 HOH HOH A . 
D 4 HOH 13 313 67 HOH HOH A . 
D 4 HOH 14 314 41 HOH HOH A . 
D 4 HOH 15 315 54 HOH HOH A . 
D 4 HOH 16 316 12 HOH HOH A . 
D 4 HOH 17 317 4  HOH HOH A . 
D 4 HOH 18 318 20 HOH HOH A . 
D 4 HOH 19 319 2  HOH HOH A . 
D 4 HOH 20 320 6  HOH HOH A . 
D 4 HOH 21 321 51 HOH HOH A . 
D 4 HOH 22 322 26 HOH HOH A . 
D 4 HOH 23 323 5  HOH HOH A . 
D 4 HOH 24 324 53 HOH HOH A . 
D 4 HOH 25 325 60 HOH HOH A . 
D 4 HOH 26 326 11 HOH HOH A . 
D 4 HOH 27 327 23 HOH HOH A . 
D 4 HOH 28 328 31 HOH HOH A . 
D 4 HOH 29 329 16 HOH HOH A . 
D 4 HOH 30 330 46 HOH HOH A . 
D 4 HOH 31 331 1  HOH HOH A . 
D 4 HOH 32 332 25 HOH HOH A . 
D 4 HOH 33 333 21 HOH HOH A . 
D 4 HOH 34 334 44 HOH HOH A . 
D 4 HOH 35 335 18 HOH HOH A . 
D 4 HOH 36 336 8  HOH HOH A . 
D 4 HOH 37 337 43 HOH HOH A . 
D 4 HOH 38 338 59 HOH HOH A . 
D 4 HOH 39 339 3  HOH HOH A . 
D 4 HOH 40 340 65 HOH HOH A . 
D 4 HOH 41 341 7  HOH HOH A . 
D 4 HOH 42 342 29 HOH HOH A . 
D 4 HOH 43 343 56 HOH HOH A . 
D 4 HOH 44 344 15 HOH HOH A . 
D 4 HOH 45 345 61 HOH HOH A . 
D 4 HOH 46 346 14 HOH HOH A . 
D 4 HOH 47 347 19 HOH HOH A . 
D 4 HOH 48 348 13 HOH HOH A . 
D 4 HOH 49 349 28 HOH HOH A . 
D 4 HOH 50 350 58 HOH HOH A . 
D 4 HOH 51 351 48 HOH HOH A . 
D 4 HOH 52 352 45 HOH HOH A . 
D 4 HOH 53 353 47 HOH HOH A . 
D 4 HOH 54 354 38 HOH HOH A . 
D 4 HOH 55 355 40 HOH HOH A . 
D 4 HOH 56 356 39 HOH HOH A . 
D 4 HOH 57 357 24 HOH HOH A . 
D 4 HOH 58 358 57 HOH HOH A . 
D 4 HOH 59 359 32 HOH HOH A . 
D 4 HOH 60 360 52 HOH HOH A . 
D 4 HOH 61 361 27 HOH HOH A . 
D 4 HOH 62 362 33 HOH HOH A . 
D 4 HOH 63 363 37 HOH HOH A . 
D 4 HOH 64 364 17 HOH HOH A . 
D 4 HOH 65 365 34 HOH HOH A . 
# 
loop_
_software.citation_id 
_software.classification 
_software.compiler_name 
_software.compiler_version 
_software.contact_author 
_software.contact_author_email 
_software.date 
_software.description 
_software.dependencies 
_software.hardware 
_software.language 
_software.location 
_software.mods 
_software.name 
_software.os 
_software.os_version 
_software.type 
_software.version 
_software.pdbx_ordinal 
? 'data scaling'    ? ? ? ? ? ? ? ? ? ? ? XSCALE      ? ? ? .        1 
? refinement        ? ? ? ? ? ? ? ? ? ? ? REFMAC      ? ? ? 5.5.0063 2 
? 'data extraction' ? ? ? ? ? ? ? ? ? ? ? PDB_EXTRACT ? ? ? 3.15     3 
? phasing           ? ? ? ? ? ? ? ? ? ? ? MOLREP      ? ? ? .        4 
? 'data reduction'  ? ? ? ? ? ? ? ? ? ? ? APRV        ? ? ? .        5 
# 
_cell.angle_alpha                  90.000 
_cell.angle_alpha_esd              ? 
_cell.angle_beta                   90.000 
_cell.angle_beta_esd               ? 
_cell.angle_gamma                  120.000 
_cell.angle_gamma_esd              ? 
_cell.entry_id                     4ZYF 
_cell.details                      ? 
_cell.formula_units_Z              ? 
_cell.length_a                     55.609 
_cell.length_a_esd                 ? 
_cell.length_b                     55.609 
_cell.length_b_esd                 ? 
_cell.length_c                     108.280 
_cell.length_c_esd                 ? 
_cell.volume                       ? 
_cell.volume_esd                   ? 
_cell.Z_PDB                        12 
_cell.reciprocal_angle_alpha       ? 
_cell.reciprocal_angle_beta        ? 
_cell.reciprocal_angle_gamma       ? 
_cell.reciprocal_angle_alpha_esd   ? 
_cell.reciprocal_angle_beta_esd    ? 
_cell.reciprocal_angle_gamma_esd   ? 
_cell.reciprocal_length_a          ? 
_cell.reciprocal_length_b          ? 
_cell.reciprocal_length_c          ? 
_cell.reciprocal_length_a_esd      ? 
_cell.reciprocal_length_b_esd      ? 
_cell.reciprocal_length_c_esd      ? 
_cell.pdbx_unique_axis             ? 
# 
_symmetry.entry_id                         4ZYF 
_symmetry.cell_setting                     ? 
_symmetry.Int_Tables_number                178 
_symmetry.space_group_name_Hall            ? 
_symmetry.space_group_name_H-M             'P 61 2 2' 
_symmetry.pdbx_full_space_group_name_H-M   ? 
# 
_exptl.absorpt_coefficient_mu     ? 
_exptl.absorpt_correction_T_max   ? 
_exptl.absorpt_correction_T_min   ? 
_exptl.absorpt_correction_type    ? 
_exptl.absorpt_process_details    ? 
_exptl.entry_id                   4ZYF 
_exptl.crystals_number            1 
_exptl.details                    ? 
_exptl.method                     'X-RAY DIFFRACTION' 
_exptl.method_details             ? 
# 
_exptl_crystal.colour                      ? 
_exptl_crystal.density_diffrn              ? 
_exptl_crystal.density_Matthews            2.17 
_exptl_crystal.density_method              ? 
_exptl_crystal.density_percent_sol         43.22 
_exptl_crystal.description                 ? 
_exptl_crystal.F_000                       ? 
_exptl_crystal.id                          1 
_exptl_crystal.preparation                 ? 
_exptl_crystal.size_max                    ? 
_exptl_crystal.size_mid                    ? 
_exptl_crystal.size_min                    ? 
_exptl_crystal.size_rad                    ? 
_exptl_crystal.colour_lustre               ? 
_exptl_crystal.colour_modifier             ? 
_exptl_crystal.colour_primary              ? 
_exptl_crystal.density_meas                ? 
_exptl_crystal.density_meas_esd            ? 
_exptl_crystal.density_meas_gt             ? 
_exptl_crystal.density_meas_lt             ? 
_exptl_crystal.density_meas_temp           ? 
_exptl_crystal.density_meas_temp_esd       ? 
_exptl_crystal.density_meas_temp_gt        ? 
_exptl_crystal.density_meas_temp_lt        ? 
_exptl_crystal.pdbx_crystal_image_url      ? 
_exptl_crystal.pdbx_crystal_image_format   ? 
_exptl_crystal.pdbx_mosaicity              ? 
_exptl_crystal.pdbx_mosaicity_esd          ? 
# 
_exptl_crystal_grow.apparatus       ? 
_exptl_crystal_grow.atmosphere      ? 
_exptl_crystal_grow.crystal_id      1 
_exptl_crystal_grow.details         ? 
_exptl_crystal_grow.method          'VAPOR DIFFUSION, HANGING DROP' 
_exptl_crystal_grow.method_ref      ? 
_exptl_crystal_grow.pH              4.5 
_exptl_crystal_grow.pressure        ? 
_exptl_crystal_grow.pressure_esd    ? 
_exptl_crystal_grow.seeding         ? 
_exptl_crystal_grow.seeding_ref     ? 
_exptl_crystal_grow.temp            298 
_exptl_crystal_grow.temp_details    ? 
_exptl_crystal_grow.temp_esd        ? 
_exptl_crystal_grow.time            ? 
_exptl_crystal_grow.pdbx_details    
;reservoir: 2M AmSulfate, 0.1M cictric acid, pH4.5, protein: 7mg/ml Hdm2 in 50mM TRIS pH8.0, 200mM NaCl, 1mM TCEP, 10% glycerol, drop: 1ul reservoir + 1ul protein
;
_exptl_crystal_grow.pdbx_pH_range   4.5 
# 
_diffrn.ambient_environment    ? 
_diffrn.ambient_temp           100.0 
_diffrn.ambient_temp_details   ? 
_diffrn.ambient_temp_esd       ? 
_diffrn.crystal_id             1 
_diffrn.crystal_support        ? 
_diffrn.crystal_treatment      ? 
_diffrn.details                ? 
_diffrn.id                     1 
_diffrn.ambient_pressure       ? 
_diffrn.ambient_pressure_esd   ? 
_diffrn.ambient_pressure_gt    ? 
_diffrn.ambient_pressure_lt    ? 
_diffrn.ambient_temp_gt        ? 
_diffrn.ambient_temp_lt        ? 
# 
_diffrn_detector.details                      ? 
_diffrn_detector.detector                     PIXEL 
_diffrn_detector.diffrn_id                    1 
_diffrn_detector.type                         'PSI PILATUS 6M' 
_diffrn_detector.area_resol_mean              ? 
_diffrn_detector.dtime                        ? 
_diffrn_detector.pdbx_frames_total            ? 
_diffrn_detector.pdbx_collection_time_total   ? 
_diffrn_detector.pdbx_collection_date         2010-04-26 
# 
_diffrn_radiation.collimation                      ? 
_diffrn_radiation.diffrn_id                        1 
_diffrn_radiation.filter_edge                      ? 
_diffrn_radiation.inhomogeneity                    ? 
_diffrn_radiation.monochromator                    'SI 111 CHANNEL' 
_diffrn_radiation.polarisn_norm                    ? 
_diffrn_radiation.polarisn_ratio                   ? 
_diffrn_radiation.probe                            ? 
_diffrn_radiation.type                             ? 
_diffrn_radiation.xray_symbol                      ? 
_diffrn_radiation.wavelength_id                    1 
_diffrn_radiation.pdbx_monochromatic_or_laue_m_l   M 
_diffrn_radiation.pdbx_wavelength_list             ? 
_diffrn_radiation.pdbx_wavelength                  ? 
_diffrn_radiation.pdbx_diffrn_protocol             'SINGLE WAVELENGTH' 
_diffrn_radiation.pdbx_analyzer                    ? 
_diffrn_radiation.pdbx_scattering_type             x-ray 
# 
_diffrn_radiation_wavelength.id           1 
_diffrn_radiation_wavelength.wavelength   1.00000 
_diffrn_radiation_wavelength.wt           1.0 
# 
_diffrn_source.current                     ? 
_diffrn_source.details                     ? 
_diffrn_source.diffrn_id                   1 
_diffrn_source.power                       ? 
_diffrn_source.size                        ? 
_diffrn_source.source                      SYNCHROTRON 
_diffrn_source.target                      ? 
_diffrn_source.type                        'SLS BEAMLINE X10SA' 
_diffrn_source.voltage                     ? 
_diffrn_source.take-off_angle              ? 
_diffrn_source.pdbx_wavelength_list        1.00000 
_diffrn_source.pdbx_wavelength             ? 
_diffrn_source.pdbx_synchrotron_beamline   X10SA 
_diffrn_source.pdbx_synchrotron_site       SLS 
# 
_reflns.B_iso_Wilson_estimate            ? 
_reflns.entry_id                         4ZYF 
_reflns.data_reduction_details           ? 
_reflns.data_reduction_method            ? 
_reflns.d_resolution_high                1.800 
_reflns.d_resolution_low                 19.750 
_reflns.details                          ? 
_reflns.limit_h_max                      ? 
_reflns.limit_h_min                      ? 
_reflns.limit_k_max                      ? 
_reflns.limit_k_min                      ? 
_reflns.limit_l_max                      ? 
_reflns.limit_l_min                      ? 
_reflns.number_all                       ? 
_reflns.number_obs                       9762 
_reflns.observed_criterion               ? 
_reflns.observed_criterion_F_max         ? 
_reflns.observed_criterion_F_min         ? 
_reflns.observed_criterion_I_max         ? 
_reflns.observed_criterion_I_min         ? 
_reflns.observed_criterion_sigma_F       ? 
_reflns.observed_criterion_sigma_I       -3.000 
_reflns.percent_possible_obs             99.900 
_reflns.R_free_details                   ? 
_reflns.Rmerge_F_all                     ? 
_reflns.Rmerge_F_obs                     ? 
_reflns.Friedel_coverage                 ? 
_reflns.number_gt                        ? 
_reflns.threshold_expression             ? 
_reflns.pdbx_redundancy                  20.400 
_reflns.pdbx_Rmerge_I_obs                0.075 
_reflns.pdbx_Rmerge_I_all                ? 
_reflns.pdbx_Rsym_value                  ? 
_reflns.pdbx_netI_over_av_sigmaI         ? 
_reflns.pdbx_netI_over_sigmaI            29.100 
_reflns.pdbx_res_netI_over_av_sigmaI_2   ? 
_reflns.pdbx_res_netI_over_sigmaI_2      ? 
_reflns.pdbx_chi_squared                 ? 
_reflns.pdbx_scaling_rejects             ? 
_reflns.pdbx_d_res_high_opt              ? 
_reflns.pdbx_d_res_low_opt               ? 
_reflns.pdbx_d_res_opt_method            ? 
_reflns.phase_calculation_details        ? 
_reflns.pdbx_Rrim_I_all                  ? 
_reflns.pdbx_Rpim_I_all                  ? 
_reflns.pdbx_d_opt                       ? 
_reflns.pdbx_number_measured_all         ? 
_reflns.pdbx_diffrn_id                   1 
_reflns.pdbx_ordinal                     1 
_reflns.pdbx_CC_half                     ? 
_reflns.pdbx_R_split                     ? 
# 
_reflns_shell.d_res_high                  1.800 
_reflns_shell.d_res_low                   1.850 
_reflns_shell.meanI_over_sigI_all         ? 
_reflns_shell.meanI_over_sigI_obs         5.800 
_reflns_shell.number_measured_all         ? 
_reflns_shell.number_measured_obs         ? 
_reflns_shell.number_possible             ? 
_reflns_shell.number_unique_all           ? 
_reflns_shell.number_unique_obs           ? 
_reflns_shell.percent_possible_all        100.000 
_reflns_shell.percent_possible_obs        ? 
_reflns_shell.Rmerge_F_all                ? 
_reflns_shell.Rmerge_F_obs                ? 
_reflns_shell.Rmerge_I_all                ? 
_reflns_shell.Rmerge_I_obs                0.629 
_reflns_shell.meanI_over_sigI_gt          ? 
_reflns_shell.meanI_over_uI_all           ? 
_reflns_shell.meanI_over_uI_gt            ? 
_reflns_shell.number_measured_gt          ? 
_reflns_shell.number_unique_gt            ? 
_reflns_shell.percent_possible_gt         ? 
_reflns_shell.Rmerge_F_gt                 ? 
_reflns_shell.Rmerge_I_gt                 ? 
_reflns_shell.pdbx_redundancy             19.500 
_reflns_shell.pdbx_Rsym_value             ? 
_reflns_shell.pdbx_chi_squared            ? 
_reflns_shell.pdbx_netI_over_sigmaI_all   ? 
_reflns_shell.pdbx_netI_over_sigmaI_obs   ? 
_reflns_shell.pdbx_Rrim_I_all             ? 
_reflns_shell.pdbx_Rpim_I_all             ? 
_reflns_shell.pdbx_rejects                0 
_reflns_shell.pdbx_ordinal                1 
_reflns_shell.pdbx_diffrn_id              1 
_reflns_shell.pdbx_CC_half                ? 
_reflns_shell.pdbx_R_split                ? 
# 
_refine.aniso_B[1][1]                            0.2600 
_refine.aniso_B[1][2]                            0.1300 
_refine.aniso_B[1][3]                            0.0000 
_refine.aniso_B[2][2]                            0.2600 
_refine.aniso_B[2][3]                            0.0000 
_refine.aniso_B[3][3]                            -0.3900 
_refine.B_iso_max                                66.440 
_refine.B_iso_mean                               24.2740 
_refine.B_iso_min                                11.390 
_refine.correlation_coeff_Fo_to_Fc               0.9380 
_refine.correlation_coeff_Fo_to_Fc_free          0.9310 
_refine.details                                  
'HYDROGENS HAVE BEEN ADDED IN THE RIDING POSITIONS U VALUES      : REFINED INDIVIDUALLY' 
_refine.diff_density_max                         ? 
_refine.diff_density_max_esd                     ? 
_refine.diff_density_min                         ? 
_refine.diff_density_min_esd                     ? 
_refine.diff_density_rms                         ? 
_refine.diff_density_rms_esd                     ? 
_refine.entry_id                                 4ZYF 
_refine.pdbx_refine_id                           'X-RAY DIFFRACTION' 
_refine.ls_abs_structure_details                 ? 
_refine.ls_abs_structure_Flack                   ? 
_refine.ls_abs_structure_Flack_esd               ? 
_refine.ls_abs_structure_Rogers                  ? 
_refine.ls_abs_structure_Rogers_esd              ? 
_refine.ls_d_res_high                            1.8000 
_refine.ls_d_res_low                             19.7500 
_refine.ls_extinction_coef                       ? 
_refine.ls_extinction_coef_esd                   ? 
_refine.ls_extinction_expression                 ? 
_refine.ls_extinction_method                     ? 
_refine.ls_goodness_of_fit_all                   ? 
_refine.ls_goodness_of_fit_all_esd               ? 
_refine.ls_goodness_of_fit_obs                   ? 
_refine.ls_goodness_of_fit_obs_esd               ? 
_refine.ls_hydrogen_treatment                    ? 
_refine.ls_matrix_type                           ? 
_refine.ls_number_constraints                    ? 
_refine.ls_number_parameters                     ? 
_refine.ls_number_reflns_all                     ? 
_refine.ls_number_reflns_obs                     9273 
_refine.ls_number_reflns_R_free                  488 
_refine.ls_number_reflns_R_work                  ? 
_refine.ls_number_restraints                     ? 
_refine.ls_percent_reflns_obs                    100.0000 
_refine.ls_percent_reflns_R_free                 5.0000 
_refine.ls_R_factor_all                          ? 
_refine.ls_R_factor_obs                          0.2270 
_refine.ls_R_factor_R_free                       0.2321 
_refine.ls_R_factor_R_free_error                 ? 
_refine.ls_R_factor_R_free_error_details         ? 
_refine.ls_R_factor_R_work                       0.2267 
_refine.ls_R_Fsqd_factor_obs                     ? 
_refine.ls_R_I_factor_obs                        ? 
_refine.ls_redundancy_reflns_all                 ? 
_refine.ls_redundancy_reflns_obs                 ? 
_refine.ls_restrained_S_all                      ? 
_refine.ls_restrained_S_obs                      ? 
_refine.ls_shift_over_esd_max                    ? 
_refine.ls_shift_over_esd_mean                   ? 
_refine.ls_structure_factor_coef                 ? 
_refine.ls_weighting_details                     ? 
_refine.ls_weighting_scheme                      ? 
_refine.ls_wR_factor_all                         ? 
_refine.ls_wR_factor_obs                         ? 
_refine.ls_wR_factor_R_free                      ? 
_refine.ls_wR_factor_R_work                      ? 
_refine.occupancy_max                            ? 
_refine.occupancy_min                            ? 
_refine.solvent_model_details                    MASK 
_refine.solvent_model_param_bsol                 ? 
_refine.solvent_model_param_ksol                 ? 
_refine.ls_R_factor_gt                           ? 
_refine.ls_goodness_of_fit_gt                    ? 
_refine.ls_goodness_of_fit_ref                   ? 
_refine.ls_shift_over_su_max                     ? 
_refine.ls_shift_over_su_max_lt                  ? 
_refine.ls_shift_over_su_mean                    ? 
_refine.ls_shift_over_su_mean_lt                 ? 
_refine.pdbx_ls_sigma_I                          ? 
_refine.pdbx_ls_sigma_F                          0.000 
_refine.pdbx_ls_sigma_Fsqd                       ? 
_refine.pdbx_data_cutoff_high_absF               ? 
_refine.pdbx_data_cutoff_high_rms_absF           ? 
_refine.pdbx_data_cutoff_low_absF                ? 
_refine.pdbx_isotropic_thermal_model             ? 
_refine.pdbx_ls_cross_valid_method               THROUGHOUT 
_refine.pdbx_method_to_determine_struct          'MOLECULAR REPLACEMENT' 
_refine.pdbx_starting_model                      4ZYI 
_refine.pdbx_stereochemistry_target_values       'MAXIMUM LIKELIHOOD' 
_refine.pdbx_R_Free_selection_details            RANDOM 
_refine.pdbx_stereochem_target_val_spec_case     ? 
_refine.pdbx_overall_ESU_R                       0.1630 
_refine.pdbx_overall_ESU_R_Free                  0.1310 
_refine.pdbx_solvent_vdw_probe_radii             1.2000 
_refine.pdbx_solvent_ion_probe_radii             0.8000 
_refine.pdbx_solvent_shrinkage_radii             0.8000 
_refine.pdbx_real_space_R                        ? 
_refine.pdbx_density_correlation                 ? 
_refine.pdbx_pd_number_of_powder_patterns        ? 
_refine.pdbx_pd_number_of_points                 ? 
_refine.pdbx_pd_meas_number_of_points            ? 
_refine.pdbx_pd_proc_ls_prof_R_factor            ? 
_refine.pdbx_pd_proc_ls_prof_wR_factor           ? 
_refine.pdbx_pd_Marquardt_correlation_coeff      ? 
_refine.pdbx_pd_Fsqrd_R_factor                   ? 
_refine.pdbx_pd_ls_matrix_band_width             ? 
_refine.pdbx_overall_phase_error                 ? 
_refine.pdbx_overall_SU_R_free_Cruickshank_DPI   ? 
_refine.pdbx_overall_SU_R_free_Blow_DPI          ? 
_refine.pdbx_overall_SU_R_Blow_DPI               ? 
_refine.pdbx_TLS_residual_ADP_flag               ? 
_refine.pdbx_diffrn_id                           1 
_refine.overall_SU_B                             2.7500 
_refine.overall_SU_ML                            0.0880 
_refine.overall_SU_R_Cruickshank_DPI             ? 
_refine.overall_SU_R_free                        ? 
_refine.overall_FOM_free_R_set                   ? 
_refine.overall_FOM_work_R_set                   ? 
_refine.pdbx_average_fsc_overall                 ? 
_refine.pdbx_average_fsc_work                    ? 
_refine.pdbx_average_fsc_free                    ? 
# 
_refine_hist.cycle_id                         final 
_refine_hist.pdbx_refine_id                   'X-RAY DIFFRACTION' 
_refine_hist.d_res_high                       1.8000 
_refine_hist.d_res_low                        19.7500 
_refine_hist.pdbx_number_atoms_ligand         48 
_refine_hist.number_atoms_solvent             65 
_refine_hist.number_atoms_total               878 
_refine_hist.pdbx_number_residues_total       93 
_refine_hist.pdbx_B_iso_mean_ligand           23.87 
_refine_hist.pdbx_B_iso_mean_solvent          38.40 
_refine_hist.pdbx_number_atoms_protein        765 
_refine_hist.pdbx_number_atoms_nucleic_acid   0 
# 
loop_
_refine_ls_restr.pdbx_refine_id 
_refine_ls_restr.criterion 
_refine_ls_restr.dev_ideal 
_refine_ls_restr.dev_ideal_target 
_refine_ls_restr.number 
_refine_ls_restr.rejects 
_refine_ls_restr.type 
_refine_ls_restr.weight 
_refine_ls_restr.pdbx_restraint_function 
'X-RAY DIFFRACTION' ? 0.008  0.022  838  ? r_bond_refined_d       ? ? 
'X-RAY DIFFRACTION' ? 1.040  2.062  1136 ? r_angle_refined_deg    ? ? 
'X-RAY DIFFRACTION' ? 5.305  5.000  94   ? r_dihedral_angle_1_deg ? ? 
'X-RAY DIFFRACTION' ? 40.963 23.939 33   ? r_dihedral_angle_2_deg ? ? 
'X-RAY DIFFRACTION' ? 14.130 15.000 156  ? r_dihedral_angle_3_deg ? ? 
'X-RAY DIFFRACTION' ? 15.745 15.000 4    ? r_dihedral_angle_4_deg ? ? 
'X-RAY DIFFRACTION' ? 0.080  0.200  126  ? r_chiral_restr         ? ? 
'X-RAY DIFFRACTION' ? 0.005  0.021  607  ? r_gen_planes_refined   ? ? 
# 
_refine_ls_shell.pdbx_refine_id                   'X-RAY DIFFRACTION' 
_refine_ls_shell.d_res_high                       1.8000 
_refine_ls_shell.d_res_low                        1.8460 
_refine_ls_shell.number_reflns_all                703 
_refine_ls_shell.number_reflns_obs                ? 
_refine_ls_shell.number_reflns_R_free             35 
_refine_ls_shell.number_reflns_R_work             668 
_refine_ls_shell.percent_reflns_obs               100.0000 
_refine_ls_shell.percent_reflns_R_free            ? 
_refine_ls_shell.R_factor_all                     ? 
_refine_ls_shell.R_factor_obs                     ? 
_refine_ls_shell.R_factor_R_free                  0.1980 
_refine_ls_shell.R_factor_R_free_error            ? 
_refine_ls_shell.R_factor_R_work                  0.2720 
_refine_ls_shell.redundancy_reflns_all            ? 
_refine_ls_shell.redundancy_reflns_obs            ? 
_refine_ls_shell.wR_factor_all                    ? 
_refine_ls_shell.wR_factor_obs                    ? 
_refine_ls_shell.wR_factor_R_free                 ? 
_refine_ls_shell.wR_factor_R_work                 ? 
_refine_ls_shell.pdbx_total_number_of_bins_used   20 
_refine_ls_shell.pdbx_phase_error                 ? 
_refine_ls_shell.pdbx_fsc_work                    ? 
_refine_ls_shell.pdbx_fsc_free                    ? 
# 
_struct.entry_id                     4ZYF 
_struct.title                        
;Discovery of NVP-CGM097 - a highly potent and selective MDM2 inhibitor undergoing phase 1 clinical trials in p53wt tumors: Hdm2 (MDM2) complexed with NVP-CGM097
;
_struct.pdbx_model_details           ? 
_struct.pdbx_formula_weight          ? 
_struct.pdbx_formula_weight_method   ? 
_struct.pdbx_model_type_details      ? 
_struct.pdbx_CASP_flag               ? 
# 
_struct_keywords.entry_id        4ZYF 
_struct_keywords.text            'PPI WITH P53, INHIBITOR COMPLEX, cell cycle' 
_struct_keywords.pdbx_keywords   'CELL CYCLE' 
# 
loop_
_struct_asym.id 
_struct_asym.pdbx_blank_PDB_chainid_flag 
_struct_asym.pdbx_modified 
_struct_asym.entity_id 
_struct_asym.details 
A N N 1 ? 
B N N 2 ? 
C N N 3 ? 
D N N 4 ? 
# 
_struct_ref.id                         1 
_struct_ref.db_name                    UNP 
_struct_ref.db_code                    MDM2_HUMAN 
_struct_ref.pdbx_db_accession          Q00987 
_struct_ref.pdbx_db_isoform            ? 
_struct_ref.entity_id                  1 
_struct_ref.pdbx_seq_one_letter_code   
;SQIPASEQETLVRPKPLLLKLLKSVGAQKDTYTMKEVLFYLGQYIMTKRLYDEKQQHIVYCSNDLLGDLFGVPSFSVKEH
RKIYTMIYRNLVVVN
;
_struct_ref.pdbx_align_begin           17 
# 
_struct_ref_seq.align_id                      1 
_struct_ref_seq.ref_id                        1 
_struct_ref_seq.pdbx_PDB_id_code              4ZYF 
_struct_ref_seq.pdbx_strand_id                A 
_struct_ref_seq.seq_align_beg                 2 
_struct_ref_seq.pdbx_seq_align_beg_ins_code   ? 
_struct_ref_seq.seq_align_end                 96 
_struct_ref_seq.pdbx_seq_align_end_ins_code   ? 
_struct_ref_seq.pdbx_db_accession             Q00987 
_struct_ref_seq.db_align_beg                  17 
_struct_ref_seq.pdbx_db_align_beg_ins_code    ? 
_struct_ref_seq.db_align_end                  111 
_struct_ref_seq.pdbx_db_align_end_ins_code    ? 
_struct_ref_seq.pdbx_auth_seq_align_beg       17 
_struct_ref_seq.pdbx_auth_seq_align_end       111 
# 
_struct_ref_seq_dif.align_id                     1 
_struct_ref_seq_dif.pdbx_pdb_id_code             4ZYF 
_struct_ref_seq_dif.mon_id                       GLY 
_struct_ref_seq_dif.pdbx_pdb_strand_id           A 
_struct_ref_seq_dif.seq_num                      1 
_struct_ref_seq_dif.pdbx_pdb_ins_code            ? 
_struct_ref_seq_dif.pdbx_seq_db_name             UNP 
_struct_ref_seq_dif.pdbx_seq_db_accession_code   Q00987 
_struct_ref_seq_dif.db_mon_id                    ? 
_struct_ref_seq_dif.pdbx_seq_db_seq_num          ? 
_struct_ref_seq_dif.details                      'expression tag' 
_struct_ref_seq_dif.pdbx_auth_seq_num            16 
_struct_ref_seq_dif.pdbx_ordinal                 1 
# 
_pdbx_struct_assembly.id                   1 
_pdbx_struct_assembly.details              author_and_software_defined_assembly 
_pdbx_struct_assembly.method_details       PISA 
_pdbx_struct_assembly.oligomeric_details   monomeric 
_pdbx_struct_assembly.oligomeric_count     1 
# 
_pdbx_struct_assembly_gen.assembly_id       1 
_pdbx_struct_assembly_gen.oper_expression   1 
_pdbx_struct_assembly_gen.asym_id_list      A,B,C,D 
# 
_pdbx_struct_oper_list.id                   1 
_pdbx_struct_oper_list.type                 'identity operation' 
_pdbx_struct_oper_list.name                 1_555 
_pdbx_struct_oper_list.symmetry_operation   x,y,z 
_pdbx_struct_oper_list.matrix[1][1]         1.0000000000 
_pdbx_struct_oper_list.matrix[1][2]         0.0000000000 
_pdbx_struct_oper_list.matrix[1][3]         0.0000000000 
_pdbx_struct_oper_list.vector[1]            0.0000000000 
_pdbx_struct_oper_list.matrix[2][1]         0.0000000000 
_pdbx_struct_oper_list.matrix[2][2]         1.0000000000 
_pdbx_struct_oper_list.matrix[2][3]         0.0000000000 
_pdbx_struct_oper_list.vector[2]            0.0000000000 
_pdbx_struct_oper_list.matrix[3][1]         0.0000000000 
_pdbx_struct_oper_list.matrix[3][2]         0.0000000000 
_pdbx_struct_oper_list.matrix[3][3]         1.0000000000 
_pdbx_struct_oper_list.vector[3]            0.0000000000 
# 
loop_
_struct_conf.conf_type_id 
_struct_conf.id 
_struct_conf.pdbx_PDB_helix_id 
_struct_conf.beg_label_comp_id 
_struct_conf.beg_label_asym_id 
_struct_conf.beg_label_seq_id 
_struct_conf.pdbx_beg_PDB_ins_code 
_struct_conf.end_label_comp_id 
_struct_conf.end_label_asym_id 
_struct_conf.end_label_seq_id 
_struct_conf.pdbx_end_PDB_ins_code 
_struct_conf.beg_auth_comp_id 
_struct_conf.beg_auth_asym_id 
_struct_conf.beg_auth_seq_id 
_struct_conf.end_auth_comp_id 
_struct_conf.end_auth_asym_id 
_struct_conf.end_auth_seq_id 
_struct_conf.pdbx_PDB_helix_class 
_struct_conf.details 
_struct_conf.pdbx_PDB_helix_length 
HELX_P HELX_P1 AA1 PRO A 5  ? GLU A 10 ? PRO A 20 GLU A 25  5 ? 6  
HELX_P HELX_P2 AA2 LYS A 16 ? SER A 25 ? LYS A 31 SER A 40  1 ? 10 
HELX_P HELX_P3 AA3 MET A 35 ? ARG A 50 ? MET A 50 ARG A 65  1 ? 16 
HELX_P HELX_P4 AA4 ASP A 65 ? GLY A 72 ? ASP A 80 GLY A 87  1 ? 8  
HELX_P HELX_P5 AA5 GLU A 80 ? ARG A 90 ? GLU A 95 ARG A 105 1 ? 11 
# 
_struct_conf_type.id          HELX_P 
_struct_conf_type.criteria    ? 
_struct_conf_type.reference   ? 
# 
loop_
_struct_sheet.id 
_struct_sheet.type 
_struct_sheet.number_strands 
_struct_sheet.details 
AA1 ? 3 ? 
AA2 ? 2 ? 
# 
loop_
_struct_sheet_order.sheet_id 
_struct_sheet_order.range_id_1 
_struct_sheet_order.range_id_2 
_struct_sheet_order.offset 
_struct_sheet_order.sense 
AA1 1 2 ? anti-parallel 
AA1 2 3 ? anti-parallel 
AA2 1 2 ? anti-parallel 
# 
loop_
_struct_sheet_range.sheet_id 
_struct_sheet_range.id 
_struct_sheet_range.beg_label_comp_id 
_struct_sheet_range.beg_label_asym_id 
_struct_sheet_range.beg_label_seq_id 
_struct_sheet_range.pdbx_beg_PDB_ins_code 
_struct_sheet_range.end_label_comp_id 
_struct_sheet_range.end_label_asym_id 
_struct_sheet_range.end_label_seq_id 
_struct_sheet_range.pdbx_end_PDB_ins_code 
_struct_sheet_range.beg_auth_comp_id 
_struct_sheet_range.beg_auth_asym_id 
_struct_sheet_range.beg_auth_seq_id 
_struct_sheet_range.end_auth_comp_id 
_struct_sheet_range.end_auth_asym_id 
_struct_sheet_range.end_auth_seq_id 
AA1 1 TYR A 33 ? THR A 34 ? TYR A 48  THR A 49  
AA1 2 LEU A 12 ? PRO A 15 ? LEU A 27  PRO A 30  
AA1 3 LEU A 92 ? VAL A 94 ? LEU A 107 VAL A 109 
AA2 1 ILE A 59 ? TYR A 61 ? ILE A 74  TYR A 76  
AA2 2 SER A 75 ? SER A 77 ? SER A 90  SER A 92  
# 
loop_
_pdbx_struct_sheet_hbond.sheet_id 
_pdbx_struct_sheet_hbond.range_id_1 
_pdbx_struct_sheet_hbond.range_id_2 
_pdbx_struct_sheet_hbond.range_1_label_atom_id 
_pdbx_struct_sheet_hbond.range_1_label_comp_id 
_pdbx_struct_sheet_hbond.range_1_label_asym_id 
_pdbx_struct_sheet_hbond.range_1_label_seq_id 
_pdbx_struct_sheet_hbond.range_1_PDB_ins_code 
_pdbx_struct_sheet_hbond.range_1_auth_atom_id 
_pdbx_struct_sheet_hbond.range_1_auth_comp_id 
_pdbx_struct_sheet_hbond.range_1_auth_asym_id 
_pdbx_struct_sheet_hbond.range_1_auth_seq_id 
_pdbx_struct_sheet_hbond.range_2_label_atom_id 
_pdbx_struct_sheet_hbond.range_2_label_comp_id 
_pdbx_struct_sheet_hbond.range_2_label_asym_id 
_pdbx_struct_sheet_hbond.range_2_label_seq_id 
_pdbx_struct_sheet_hbond.range_2_PDB_ins_code 
_pdbx_struct_sheet_hbond.range_2_auth_atom_id 
_pdbx_struct_sheet_hbond.range_2_auth_comp_id 
_pdbx_struct_sheet_hbond.range_2_auth_asym_id 
_pdbx_struct_sheet_hbond.range_2_auth_seq_id 
AA1 1 2 O TYR A 33 ? O TYR A 48 N VAL A 13 ? N VAL A 28  
AA1 2 3 N ARG A 14 ? N ARG A 29 O VAL A 93 ? O VAL A 108 
AA2 1 2 N VAL A 60 ? N VAL A 75 O PHE A 76 ? O PHE A 91  
# 
loop_
_struct_site.id 
_struct_site.pdbx_evidence_code 
_struct_site.pdbx_auth_asym_id 
_struct_site.pdbx_auth_comp_id 
_struct_site.pdbx_auth_seq_id 
_struct_site.pdbx_auth_ins_code 
_struct_site.pdbx_num_residues 
_struct_site.details 
AC1 Software A 4T4 201 ? 14 'binding site for residue 4T4 A 201' 
AC2 Software A CL  202 ? 6  'binding site for residue CL A 202'  
# 
loop_
_struct_site_gen.id 
_struct_site_gen.site_id 
_struct_site_gen.pdbx_num_res 
_struct_site_gen.label_comp_id 
_struct_site_gen.label_asym_id 
_struct_site_gen.label_seq_id 
_struct_site_gen.pdbx_auth_ins_code 
_struct_site_gen.auth_comp_id 
_struct_site_gen.auth_asym_id 
_struct_site_gen.auth_seq_id 
_struct_site_gen.label_atom_id 
_struct_site_gen.label_alt_id 
_struct_site_gen.symmetry 
_struct_site_gen.details 
1  AC1 14 GLN A 9  ? GLN A 24  . ? 1_555  ? 
2  AC1 14 LEU A 39 ? LEU A 54  . ? 1_555  ? 
3  AC1 14 PHE A 40 ? PHE A 55  . ? 1_555  ? 
4  AC1 14 MET A 47 ? MET A 62  . ? 1_555  ? 
5  AC1 14 TYR A 52 ? TYR A 67  . ? 1_555  ? 
6  AC1 14 GLN A 57 ? GLN A 72  . ? 1_555  ? 
7  AC1 14 PHE A 71 ? PHE A 86  . ? 1_555  ? 
8  AC1 14 ARG A 82 ? ARG A 97  . ? 5_554  ? 
9  AC1 14 LYS A 83 ? LYS A 98  . ? 5_554  ? 
10 AC1 14 TYR A 85 ? TYR A 100 . ? 1_555  ? 
11 AC1 14 HOH D .  ? HOH A 302 . ? 1_555  ? 
12 AC1 14 HOH D .  ? HOH A 311 . ? 1_555  ? 
13 AC1 14 HOH D .  ? HOH A 323 . ? 1_555  ? 
14 AC1 14 HOH D .  ? HOH A 337 . ? 1_555  ? 
15 AC2 6  LYS A 49 ? LYS A 64  . ? 1_555  ? 
16 AC2 6  LYS A 49 ? LYS A 64  . ? 10_444 ? 
17 AC2 6  ASP A 65 ? ASP A 80  . ? 10_444 ? 
18 AC2 6  ASP A 65 ? ASP A 80  . ? 1_555  ? 
19 AC2 6  LEU A 66 ? LEU A 81  . ? 1_555  ? 
20 AC2 6  LEU A 66 ? LEU A 81  . ? 10_444 ? 
# 
_pdbx_struct_special_symmetry.id              1 
_pdbx_struct_special_symmetry.PDB_model_num   1 
_pdbx_struct_special_symmetry.auth_asym_id    A 
_pdbx_struct_special_symmetry.auth_comp_id    CL 
_pdbx_struct_special_symmetry.auth_seq_id     202 
_pdbx_struct_special_symmetry.PDB_ins_code    ? 
_pdbx_struct_special_symmetry.label_asym_id   C 
_pdbx_struct_special_symmetry.label_comp_id   CL 
_pdbx_struct_special_symmetry.label_seq_id    . 
# 
loop_
_pdbx_unobs_or_zero_occ_residues.id 
_pdbx_unobs_or_zero_occ_residues.PDB_model_num 
_pdbx_unobs_or_zero_occ_residues.polymer_flag 
_pdbx_unobs_or_zero_occ_residues.occupancy_flag 
_pdbx_unobs_or_zero_occ_residues.auth_asym_id 
_pdbx_unobs_or_zero_occ_residues.auth_comp_id 
_pdbx_unobs_or_zero_occ_residues.auth_seq_id 
_pdbx_unobs_or_zero_occ_residues.PDB_ins_code 
_pdbx_unobs_or_zero_occ_residues.label_asym_id 
_pdbx_unobs_or_zero_occ_residues.label_comp_id 
_pdbx_unobs_or_zero_occ_residues.label_seq_id 
1 1 Y 1 A GLY 16  ? A GLY 1  
2 1 Y 1 A SER 17  ? A SER 2  
3 1 Y 1 A ASN 111 ? A ASN 96 
# 
loop_
_chem_comp_atom.comp_id 
_chem_comp_atom.atom_id 
_chem_comp_atom.type_symbol 
_chem_comp_atom.pdbx_aromatic_flag 
_chem_comp_atom.pdbx_stereo_config 
_chem_comp_atom.pdbx_ordinal 
4T4 C1   C  N N 1   
4T4 C2   C  Y N 2   
4T4 C3   C  Y N 3   
4T4 C4   C  Y N 4   
4T4 C5   C  Y N 5   
4T4 C6   C  Y N 6   
4T4 C7   C  Y N 7   
4T4 C8   C  Y N 8   
4T4 C9   C  Y N 9   
4T4 C10  C  N N 10  
4T4 C11  C  N N 11  
4T4 C12  C  N N 12  
4T4 C13  C  N S 13  
4T4 C14  C  N N 14  
4T4 C15  C  N N 15  
4T4 C16  C  Y N 16  
4T4 C17  C  Y N 17  
4T4 C18  C  Y N 18  
4T4 C19  C  Y N 19  
4T4 C20  C  Y N 20  
4T4 C21  C  Y N 21  
4T4 C22  C  N N 22  
4T4 CL1  CL N N 23  
4T4 C23  C  Y N 24  
4T4 C24  C  Y N 25  
4T4 C25  C  Y N 26  
4T4 C26  C  Y N 27  
4T4 N1   N  N N 28  
4T4 O1   O  N N 29  
4T4 O2   O  N N 30  
4T4 C27  C  N N 31  
4T4 C28  C  N N 32  
4T4 C29  C  N N 33  
4T4 O3   O  N N 34  
4T4 N2   N  N N 35  
4T4 C30  C  N N 36  
4T4 C31  C  N N 37  
4T4 C32  C  N N 38  
4T4 C33  C  N N 39  
4T4 N3   N  N N 40  
4T4 C34  C  N N 41  
4T4 C35  C  N N 42  
4T4 N4   N  N N 43  
4T4 C36  C  N N 44  
4T4 C37  C  N N 45  
4T4 O4   O  N N 46  
4T4 C38  C  N N 47  
4T4 H1   H  N N 48  
4T4 H2   H  N N 49  
4T4 H3   H  N N 50  
4T4 H4   H  N N 51  
4T4 H5   H  N N 52  
4T4 H6   H  N N 53  
4T4 H7   H  N N 54  
4T4 H8   H  N N 55  
4T4 H9   H  N N 56  
4T4 H10  H  N N 57  
4T4 H11  H  N N 58  
4T4 H12  H  N N 59  
4T4 H13  H  N N 60  
4T4 H14  H  N N 61  
4T4 H15  H  N N 62  
4T4 H16  H  N N 63  
4T4 H17  H  N N 64  
4T4 H18  H  N N 65  
4T4 H19  H  N N 66  
4T4 H20  H  N N 67  
4T4 H21  H  N N 68  
4T4 H22  H  N N 69  
4T4 H23  H  N N 70  
4T4 H24  H  N N 71  
4T4 H25  H  N N 72  
4T4 H26  H  N N 73  
4T4 H27  H  N N 74  
4T4 H28  H  N N 75  
4T4 H29  H  N N 76  
4T4 H30  H  N N 77  
4T4 H31  H  N N 78  
4T4 H32  H  N N 79  
4T4 H33  H  N N 80  
4T4 H34  H  N N 81  
4T4 H35  H  N N 82  
4T4 H36  H  N N 83  
4T4 H37  H  N N 84  
4T4 H38  H  N N 85  
4T4 H40  H  N N 86  
4T4 H41  H  N N 87  
4T4 H42  H  N N 88  
4T4 H43  H  N N 89  
4T4 H44  H  N N 90  
4T4 H45  H  N N 91  
4T4 H46  H  N N 92  
4T4 H47  H  N N 93  
4T4 H48  H  N N 94  
ALA N    N  N N 95  
ALA CA   C  N S 96  
ALA C    C  N N 97  
ALA O    O  N N 98  
ALA CB   C  N N 99  
ALA OXT  O  N N 100 
ALA H    H  N N 101 
ALA H2   H  N N 102 
ALA HA   H  N N 103 
ALA HB1  H  N N 104 
ALA HB2  H  N N 105 
ALA HB3  H  N N 106 
ALA HXT  H  N N 107 
ARG N    N  N N 108 
ARG CA   C  N S 109 
ARG C    C  N N 110 
ARG O    O  N N 111 
ARG CB   C  N N 112 
ARG CG   C  N N 113 
ARG CD   C  N N 114 
ARG NE   N  N N 115 
ARG CZ   C  N N 116 
ARG NH1  N  N N 117 
ARG NH2  N  N N 118 
ARG OXT  O  N N 119 
ARG H    H  N N 120 
ARG H2   H  N N 121 
ARG HA   H  N N 122 
ARG HB2  H  N N 123 
ARG HB3  H  N N 124 
ARG HG2  H  N N 125 
ARG HG3  H  N N 126 
ARG HD2  H  N N 127 
ARG HD3  H  N N 128 
ARG HE   H  N N 129 
ARG HH11 H  N N 130 
ARG HH12 H  N N 131 
ARG HH21 H  N N 132 
ARG HH22 H  N N 133 
ARG HXT  H  N N 134 
ASN N    N  N N 135 
ASN CA   C  N S 136 
ASN C    C  N N 137 
ASN O    O  N N 138 
ASN CB   C  N N 139 
ASN CG   C  N N 140 
ASN OD1  O  N N 141 
ASN ND2  N  N N 142 
ASN OXT  O  N N 143 
ASN H    H  N N 144 
ASN H2   H  N N 145 
ASN HA   H  N N 146 
ASN HB2  H  N N 147 
ASN HB3  H  N N 148 
ASN HD21 H  N N 149 
ASN HD22 H  N N 150 
ASN HXT  H  N N 151 
ASP N    N  N N 152 
ASP CA   C  N S 153 
ASP C    C  N N 154 
ASP O    O  N N 155 
ASP CB   C  N N 156 
ASP CG   C  N N 157 
ASP OD1  O  N N 158 
ASP OD2  O  N N 159 
ASP OXT  O  N N 160 
ASP H    H  N N 161 
ASP H2   H  N N 162 
ASP HA   H  N N 163 
ASP HB2  H  N N 164 
ASP HB3  H  N N 165 
ASP HD2  H  N N 166 
ASP HXT  H  N N 167 
CL  CL   CL N N 168 
CYS N    N  N N 169 
CYS CA   C  N R 170 
CYS C    C  N N 171 
CYS O    O  N N 172 
CYS CB   C  N N 173 
CYS SG   S  N N 174 
CYS OXT  O  N N 175 
CYS H    H  N N 176 
CYS H2   H  N N 177 
CYS HA   H  N N 178 
CYS HB2  H  N N 179 
CYS HB3  H  N N 180 
CYS HG   H  N N 181 
CYS HXT  H  N N 182 
GLN N    N  N N 183 
GLN CA   C  N S 184 
GLN C    C  N N 185 
GLN O    O  N N 186 
GLN CB   C  N N 187 
GLN CG   C  N N 188 
GLN CD   C  N N 189 
GLN OE1  O  N N 190 
GLN NE2  N  N N 191 
GLN OXT  O  N N 192 
GLN H    H  N N 193 
GLN H2   H  N N 194 
GLN HA   H  N N 195 
GLN HB2  H  N N 196 
GLN HB3  H  N N 197 
GLN HG2  H  N N 198 
GLN HG3  H  N N 199 
GLN HE21 H  N N 200 
GLN HE22 H  N N 201 
GLN HXT  H  N N 202 
GLU N    N  N N 203 
GLU CA   C  N S 204 
GLU C    C  N N 205 
GLU O    O  N N 206 
GLU CB   C  N N 207 
GLU CG   C  N N 208 
GLU CD   C  N N 209 
GLU OE1  O  N N 210 
GLU OE2  O  N N 211 
GLU OXT  O  N N 212 
GLU H    H  N N 213 
GLU H2   H  N N 214 
GLU HA   H  N N 215 
GLU HB2  H  N N 216 
GLU HB3  H  N N 217 
GLU HG2  H  N N 218 
GLU HG3  H  N N 219 
GLU HE2  H  N N 220 
GLU HXT  H  N N 221 
GLY N    N  N N 222 
GLY CA   C  N N 223 
GLY C    C  N N 224 
GLY O    O  N N 225 
GLY OXT  O  N N 226 
GLY H    H  N N 227 
GLY H2   H  N N 228 
GLY HA2  H  N N 229 
GLY HA3  H  N N 230 
GLY HXT  H  N N 231 
HIS N    N  N N 232 
HIS CA   C  N S 233 
HIS C    C  N N 234 
HIS O    O  N N 235 
HIS CB   C  N N 236 
HIS CG   C  Y N 237 
HIS ND1  N  Y N 238 
HIS CD2  C  Y N 239 
HIS CE1  C  Y N 240 
HIS NE2  N  Y N 241 
HIS OXT  O  N N 242 
HIS H    H  N N 243 
HIS H2   H  N N 244 
HIS HA   H  N N 245 
HIS HB2  H  N N 246 
HIS HB3  H  N N 247 
HIS HD1  H  N N 248 
HIS HD2  H  N N 249 
HIS HE1  H  N N 250 
HIS HE2  H  N N 251 
HIS HXT  H  N N 252 
HOH O    O  N N 253 
HOH H1   H  N N 254 
HOH H2   H  N N 255 
ILE N    N  N N 256 
ILE CA   C  N S 257 
ILE C    C  N N 258 
ILE O    O  N N 259 
ILE CB   C  N S 260 
ILE CG1  C  N N 261 
ILE CG2  C  N N 262 
ILE CD1  C  N N 263 
ILE OXT  O  N N 264 
ILE H    H  N N 265 
ILE H2   H  N N 266 
ILE HA   H  N N 267 
ILE HB   H  N N 268 
ILE HG12 H  N N 269 
ILE HG13 H  N N 270 
ILE HG21 H  N N 271 
ILE HG22 H  N N 272 
ILE HG23 H  N N 273 
ILE HD11 H  N N 274 
ILE HD12 H  N N 275 
ILE HD13 H  N N 276 
ILE HXT  H  N N 277 
LEU N    N  N N 278 
LEU CA   C  N S 279 
LEU C    C  N N 280 
LEU O    O  N N 281 
LEU CB   C  N N 282 
LEU CG   C  N N 283 
LEU CD1  C  N N 284 
LEU CD2  C  N N 285 
LEU OXT  O  N N 286 
LEU H    H  N N 287 
LEU H2   H  N N 288 
LEU HA   H  N N 289 
LEU HB2  H  N N 290 
LEU HB3  H  N N 291 
LEU HG   H  N N 292 
LEU HD11 H  N N 293 
LEU HD12 H  N N 294 
LEU HD13 H  N N 295 
LEU HD21 H  N N 296 
LEU HD22 H  N N 297 
LEU HD23 H  N N 298 
LEU HXT  H  N N 299 
LYS N    N  N N 300 
LYS CA   C  N S 301 
LYS C    C  N N 302 
LYS O    O  N N 303 
LYS CB   C  N N 304 
LYS CG   C  N N 305 
LYS CD   C  N N 306 
LYS CE   C  N N 307 
LYS NZ   N  N N 308 
LYS OXT  O  N N 309 
LYS H    H  N N 310 
LYS H2   H  N N 311 
LYS HA   H  N N 312 
LYS HB2  H  N N 313 
LYS HB3  H  N N 314 
LYS HG2  H  N N 315 
LYS HG3  H  N N 316 
LYS HD2  H  N N 317 
LYS HD3  H  N N 318 
LYS HE2  H  N N 319 
LYS HE3  H  N N 320 
LYS HZ1  H  N N 321 
LYS HZ2  H  N N 322 
LYS HZ3  H  N N 323 
LYS HXT  H  N N 324 
MET N    N  N N 325 
MET CA   C  N S 326 
MET C    C  N N 327 
MET O    O  N N 328 
MET CB   C  N N 329 
MET CG   C  N N 330 
MET SD   S  N N 331 
MET CE   C  N N 332 
MET OXT  O  N N 333 
MET H    H  N N 334 
MET H2   H  N N 335 
MET HA   H  N N 336 
MET HB2  H  N N 337 
MET HB3  H  N N 338 
MET HG2  H  N N 339 
MET HG3  H  N N 340 
MET HE1  H  N N 341 
MET HE2  H  N N 342 
MET HE3  H  N N 343 
MET HXT  H  N N 344 
PHE N    N  N N 345 
PHE CA   C  N S 346 
PHE C    C  N N 347 
PHE O    O  N N 348 
PHE CB   C  N N 349 
PHE CG   C  Y N 350 
PHE CD1  C  Y N 351 
PHE CD2  C  Y N 352 
PHE CE1  C  Y N 353 
PHE CE2  C  Y N 354 
PHE CZ   C  Y N 355 
PHE OXT  O  N N 356 
PHE H    H  N N 357 
PHE H2   H  N N 358 
PHE HA   H  N N 359 
PHE HB2  H  N N 360 
PHE HB3  H  N N 361 
PHE HD1  H  N N 362 
PHE HD2  H  N N 363 
PHE HE1  H  N N 364 
PHE HE2  H  N N 365 
PHE HZ   H  N N 366 
PHE HXT  H  N N 367 
PRO N    N  N N 368 
PRO CA   C  N S 369 
PRO C    C  N N 370 
PRO O    O  N N 371 
PRO CB   C  N N 372 
PRO CG   C  N N 373 
PRO CD   C  N N 374 
PRO OXT  O  N N 375 
PRO H    H  N N 376 
PRO HA   H  N N 377 
PRO HB2  H  N N 378 
PRO HB3  H  N N 379 
PRO HG2  H  N N 380 
PRO HG3  H  N N 381 
PRO HD2  H  N N 382 
PRO HD3  H  N N 383 
PRO HXT  H  N N 384 
SER N    N  N N 385 
SER CA   C  N S 386 
SER C    C  N N 387 
SER O    O  N N 388 
SER CB   C  N N 389 
SER OG   O  N N 390 
SER OXT  O  N N 391 
SER H    H  N N 392 
SER H2   H  N N 393 
SER HA   H  N N 394 
SER HB2  H  N N 395 
SER HB3  H  N N 396 
SER HG   H  N N 397 
SER HXT  H  N N 398 
THR N    N  N N 399 
THR CA   C  N S 400 
THR C    C  N N 401 
THR O    O  N N 402 
THR CB   C  N R 403 
THR OG1  O  N N 404 
THR CG2  C  N N 405 
THR OXT  O  N N 406 
THR H    H  N N 407 
THR H2   H  N N 408 
THR HA   H  N N 409 
THR HB   H  N N 410 
THR HG1  H  N N 411 
THR HG21 H  N N 412 
THR HG22 H  N N 413 
THR HG23 H  N N 414 
THR HXT  H  N N 415 
TYR N    N  N N 416 
TYR CA   C  N S 417 
TYR C    C  N N 418 
TYR O    O  N N 419 
TYR CB   C  N N 420 
TYR CG   C  Y N 421 
TYR CD1  C  Y N 422 
TYR CD2  C  Y N 423 
TYR CE1  C  Y N 424 
TYR CE2  C  Y N 425 
TYR CZ   C  Y N 426 
TYR OH   O  N N 427 
TYR OXT  O  N N 428 
TYR H    H  N N 429 
TYR H2   H  N N 430 
TYR HA   H  N N 431 
TYR HB2  H  N N 432 
TYR HB3  H  N N 433 
TYR HD1  H  N N 434 
TYR HD2  H  N N 435 
TYR HE1  H  N N 436 
TYR HE2  H  N N 437 
TYR HH   H  N N 438 
TYR HXT  H  N N 439 
VAL N    N  N N 440 
VAL CA   C  N S 441 
VAL C    C  N N 442 
VAL O    O  N N 443 
VAL CB   C  N N 444 
VAL CG1  C  N N 445 
VAL CG2  C  N N 446 
VAL OXT  O  N N 447 
VAL H    H  N N 448 
VAL H2   H  N N 449 
VAL HA   H  N N 450 
VAL HB   H  N N 451 
VAL HG11 H  N N 452 
VAL HG12 H  N N 453 
VAL HG13 H  N N 454 
VAL HG21 H  N N 455 
VAL HG22 H  N N 456 
VAL HG23 H  N N 457 
VAL HXT  H  N N 458 
# 
loop_
_chem_comp_bond.comp_id 
_chem_comp_bond.atom_id_1 
_chem_comp_bond.atom_id_2 
_chem_comp_bond.value_order 
_chem_comp_bond.pdbx_aromatic_flag 
_chem_comp_bond.pdbx_stereo_config 
_chem_comp_bond.pdbx_ordinal 
4T4 O4  C36  doub N N 1   
4T4 C1  N4   sing N N 2   
4T4 C36 N4   sing N N 3   
4T4 C36 C37  sing N N 4   
4T4 N4  C35  sing N N 5   
4T4 O3  C14  doub N N 6   
4T4 C37 N3   sing N N 7   
4T4 C15 C14  sing N N 8   
4T4 C15 C16  sing N N 9   
4T4 C14 N1   sing N N 10  
4T4 C35 C34  sing N N 11  
4T4 C32 C33  sing N N 12  
4T4 C32 C31  sing N N 13  
4T4 N3  C34  sing N N 14  
4T4 N3  C31  sing N N 15  
4T4 C21 C16  doub Y N 16  
4T4 C21 C20  sing Y N 17  
4T4 C16 C17  sing Y N 18  
4T4 C5  C6   doub Y N 19  
4T4 C5  C4   sing Y N 20  
4T4 N1  C4   sing N N 21  
4T4 N1  C13  sing N N 22  
4T4 C33 C11  sing N N 23  
4T4 C31 C30  sing N N 24  
4T4 C22 O1   sing N N 25  
4T4 C6  C7   sing Y N 26  
4T4 C4  C9   doub Y N 27  
4T4 C25 C26  doub Y N 28  
4T4 C25 C24  sing Y N 29  
4T4 C26 C2   sing Y N 30  
4T4 C7  N2   sing N N 31  
4T4 C7  C8   doub Y N 32  
4T4 C38 N2   sing N N 33  
4T4 C9  C8   sing Y N 34  
4T4 C20 O1   sing N N 35  
4T4 C20 C19  doub Y N 36  
4T4 C11 C10  sing N N 37  
4T4 C11 C12  sing N N 38  
4T4 C17 C13  sing N N 39  
4T4 C17 C18  doub Y N 40  
4T4 C13 C24  sing N N 41  
4T4 C30 C12  sing N N 42  
4T4 N2  C10  sing N N 43  
4T4 C24 C23  doub Y N 44  
4T4 C2  CL1  sing N N 45  
4T4 C2  C3   doub Y N 46  
4T4 C18 C19  sing Y N 47  
4T4 C19 O2   sing N N 48  
4T4 C23 C3   sing Y N 49  
4T4 O2  C27  sing N N 50  
4T4 C27 C29  sing N N 51  
4T4 C27 C28  sing N N 52  
4T4 C1  H1   sing N N 53  
4T4 C1  H2   sing N N 54  
4T4 C1  H3   sing N N 55  
4T4 C3  H4   sing N N 56  
4T4 C5  H5   sing N N 57  
4T4 C6  H6   sing N N 58  
4T4 C8  H7   sing N N 59  
4T4 C9  H8   sing N N 60  
4T4 C10 H9   sing N N 61  
4T4 C10 H10  sing N N 62  
4T4 C11 H11  sing N N 63  
4T4 C12 H12  sing N N 64  
4T4 C12 H13  sing N N 65  
4T4 C13 H14  sing N N 66  
4T4 C15 H15  sing N N 67  
4T4 C15 H16  sing N N 68  
4T4 C18 H17  sing N N 69  
4T4 C21 H18  sing N N 70  
4T4 C22 H19  sing N N 71  
4T4 C22 H20  sing N N 72  
4T4 C22 H21  sing N N 73  
4T4 C23 H22  sing N N 74  
4T4 C25 H23  sing N N 75  
4T4 C26 H24  sing N N 76  
4T4 C27 H25  sing N N 77  
4T4 C28 H26  sing N N 78  
4T4 C28 H27  sing N N 79  
4T4 C28 H28  sing N N 80  
4T4 C29 H29  sing N N 81  
4T4 C29 H30  sing N N 82  
4T4 C29 H31  sing N N 83  
4T4 C30 H32  sing N N 84  
4T4 C30 H33  sing N N 85  
4T4 C31 H34  sing N N 86  
4T4 C32 H35  sing N N 87  
4T4 C32 H36  sing N N 88  
4T4 C33 H37  sing N N 89  
4T4 C33 H38  sing N N 90  
4T4 C34 H40  sing N N 91  
4T4 C34 H41  sing N N 92  
4T4 C35 H42  sing N N 93  
4T4 C35 H43  sing N N 94  
4T4 C37 H44  sing N N 95  
4T4 C37 H45  sing N N 96  
4T4 C38 H46  sing N N 97  
4T4 C38 H47  sing N N 98  
4T4 C38 H48  sing N N 99  
ALA N   CA   sing N N 100 
ALA N   H    sing N N 101 
ALA N   H2   sing N N 102 
ALA CA  C    sing N N 103 
ALA CA  CB   sing N N 104 
ALA CA  HA   sing N N 105 
ALA C   O    doub N N 106 
ALA C   OXT  sing N N 107 
ALA CB  HB1  sing N N 108 
ALA CB  HB2  sing N N 109 
ALA CB  HB3  sing N N 110 
ALA OXT HXT  sing N N 111 
ARG N   CA   sing N N 112 
ARG N   H    sing N N 113 
ARG N   H2   sing N N 114 
ARG CA  C    sing N N 115 
ARG CA  CB   sing N N 116 
ARG CA  HA   sing N N 117 
ARG C   O    doub N N 118 
ARG C   OXT  sing N N 119 
ARG CB  CG   sing N N 120 
ARG CB  HB2  sing N N 121 
ARG CB  HB3  sing N N 122 
ARG CG  CD   sing N N 123 
ARG CG  HG2  sing N N 124 
ARG CG  HG3  sing N N 125 
ARG CD  NE   sing N N 126 
ARG CD  HD2  sing N N 127 
ARG CD  HD3  sing N N 128 
ARG NE  CZ   sing N N 129 
ARG NE  HE   sing N N 130 
ARG CZ  NH1  sing N N 131 
ARG CZ  NH2  doub N N 132 
ARG NH1 HH11 sing N N 133 
ARG NH1 HH12 sing N N 134 
ARG NH2 HH21 sing N N 135 
ARG NH2 HH22 sing N N 136 
ARG OXT HXT  sing N N 137 
ASN N   CA   sing N N 138 
ASN N   H    sing N N 139 
ASN N   H2   sing N N 140 
ASN CA  C    sing N N 141 
ASN CA  CB   sing N N 142 
ASN CA  HA   sing N N 143 
ASN C   O    doub N N 144 
ASN C   OXT  sing N N 145 
ASN CB  CG   sing N N 146 
ASN CB  HB2  sing N N 147 
ASN CB  HB3  sing N N 148 
ASN CG  OD1  doub N N 149 
ASN CG  ND2  sing N N 150 
ASN ND2 HD21 sing N N 151 
ASN ND2 HD22 sing N N 152 
ASN OXT HXT  sing N N 153 
ASP N   CA   sing N N 154 
ASP N   H    sing N N 155 
ASP N   H2   sing N N 156 
ASP CA  C    sing N N 157 
ASP CA  CB   sing N N 158 
ASP CA  HA   sing N N 159 
ASP C   O    doub N N 160 
ASP C   OXT  sing N N 161 
ASP CB  CG   sing N N 162 
ASP CB  HB2  sing N N 163 
ASP CB  HB3  sing N N 164 
ASP CG  OD1  doub N N 165 
ASP CG  OD2  sing N N 166 
ASP OD2 HD2  sing N N 167 
ASP OXT HXT  sing N N 168 
CYS N   CA   sing N N 169 
CYS N   H    sing N N 170 
CYS N   H2   sing N N 171 
CYS CA  C    sing N N 172 
CYS CA  CB   sing N N 173 
CYS CA  HA   sing N N 174 
CYS C   O    doub N N 175 
CYS C   OXT  sing N N 176 
CYS CB  SG   sing N N 177 
CYS CB  HB2  sing N N 178 
CYS CB  HB3  sing N N 179 
CYS SG  HG   sing N N 180 
CYS OXT HXT  sing N N 181 
GLN N   CA   sing N N 182 
GLN N   H    sing N N 183 
GLN N   H2   sing N N 184 
GLN CA  C    sing N N 185 
GLN CA  CB   sing N N 186 
GLN CA  HA   sing N N 187 
GLN C   O    doub N N 188 
GLN C   OXT  sing N N 189 
GLN CB  CG   sing N N 190 
GLN CB  HB2  sing N N 191 
GLN CB  HB3  sing N N 192 
GLN CG  CD   sing N N 193 
GLN CG  HG2  sing N N 194 
GLN CG  HG3  sing N N 195 
GLN CD  OE1  doub N N 196 
GLN CD  NE2  sing N N 197 
GLN NE2 HE21 sing N N 198 
GLN NE2 HE22 sing N N 199 
GLN OXT HXT  sing N N 200 
GLU N   CA   sing N N 201 
GLU N   H    sing N N 202 
GLU N   H2   sing N N 203 
GLU CA  C    sing N N 204 
GLU CA  CB   sing N N 205 
GLU CA  HA   sing N N 206 
GLU C   O    doub N N 207 
GLU C   OXT  sing N N 208 
GLU CB  CG   sing N N 209 
GLU CB  HB2  sing N N 210 
GLU CB  HB3  sing N N 211 
GLU CG  CD   sing N N 212 
GLU CG  HG2  sing N N 213 
GLU CG  HG3  sing N N 214 
GLU CD  OE1  doub N N 215 
GLU CD  OE2  sing N N 216 
GLU OE2 HE2  sing N N 217 
GLU OXT HXT  sing N N 218 
GLY N   CA   sing N N 219 
GLY N   H    sing N N 220 
GLY N   H2   sing N N 221 
GLY CA  C    sing N N 222 
GLY CA  HA2  sing N N 223 
GLY CA  HA3  sing N N 224 
GLY C   O    doub N N 225 
GLY C   OXT  sing N N 226 
GLY OXT HXT  sing N N 227 
HIS N   CA   sing N N 228 
HIS N   H    sing N N 229 
HIS N   H2   sing N N 230 
HIS CA  C    sing N N 231 
HIS CA  CB   sing N N 232 
HIS CA  HA   sing N N 233 
HIS C   O    doub N N 234 
HIS C   OXT  sing N N 235 
HIS CB  CG   sing N N 236 
HIS CB  HB2  sing N N 237 
HIS CB  HB3  sing N N 238 
HIS CG  ND1  sing Y N 239 
HIS CG  CD2  doub Y N 240 
HIS ND1 CE1  doub Y N 241 
HIS ND1 HD1  sing N N 242 
HIS CD2 NE2  sing Y N 243 
HIS CD2 HD2  sing N N 244 
HIS CE1 NE2  sing Y N 245 
HIS CE1 HE1  sing N N 246 
HIS NE2 HE2  sing N N 247 
HIS OXT HXT  sing N N 248 
HOH O   H1   sing N N 249 
HOH O   H2   sing N N 250 
ILE N   CA   sing N N 251 
ILE N   H    sing N N 252 
ILE N   H2   sing N N 253 
ILE CA  C    sing N N 254 
ILE CA  CB   sing N N 255 
ILE CA  HA   sing N N 256 
ILE C   O    doub N N 257 
ILE C   OXT  sing N N 258 
ILE CB  CG1  sing N N 259 
ILE CB  CG2  sing N N 260 
ILE CB  HB   sing N N 261 
ILE CG1 CD1  sing N N 262 
ILE CG1 HG12 sing N N 263 
ILE CG1 HG13 sing N N 264 
ILE CG2 HG21 sing N N 265 
ILE CG2 HG22 sing N N 266 
ILE CG2 HG23 sing N N 267 
ILE CD1 HD11 sing N N 268 
ILE CD1 HD12 sing N N 269 
ILE CD1 HD13 sing N N 270 
ILE OXT HXT  sing N N 271 
LEU N   CA   sing N N 272 
LEU N   H    sing N N 273 
LEU N   H2   sing N N 274 
LEU CA  C    sing N N 275 
LEU CA  CB   sing N N 276 
LEU CA  HA   sing N N 277 
LEU C   O    doub N N 278 
LEU C   OXT  sing N N 279 
LEU CB  CG   sing N N 280 
LEU CB  HB2  sing N N 281 
LEU CB  HB3  sing N N 282 
LEU CG  CD1  sing N N 283 
LEU CG  CD2  sing N N 284 
LEU CG  HG   sing N N 285 
LEU CD1 HD11 sing N N 286 
LEU CD1 HD12 sing N N 287 
LEU CD1 HD13 sing N N 288 
LEU CD2 HD21 sing N N 289 
LEU CD2 HD22 sing N N 290 
LEU CD2 HD23 sing N N 291 
LEU OXT HXT  sing N N 292 
LYS N   CA   sing N N 293 
LYS N   H    sing N N 294 
LYS N   H2   sing N N 295 
LYS CA  C    sing N N 296 
LYS CA  CB   sing N N 297 
LYS CA  HA   sing N N 298 
LYS C   O    doub N N 299 
LYS C   OXT  sing N N 300 
LYS CB  CG   sing N N 301 
LYS CB  HB2  sing N N 302 
LYS CB  HB3  sing N N 303 
LYS CG  CD   sing N N 304 
LYS CG  HG2  sing N N 305 
LYS CG  HG3  sing N N 306 
LYS CD  CE   sing N N 307 
LYS CD  HD2  sing N N 308 
LYS CD  HD3  sing N N 309 
LYS CE  NZ   sing N N 310 
LYS CE  HE2  sing N N 311 
LYS CE  HE3  sing N N 312 
LYS NZ  HZ1  sing N N 313 
LYS NZ  HZ2  sing N N 314 
LYS NZ  HZ3  sing N N 315 
LYS OXT HXT  sing N N 316 
MET N   CA   sing N N 317 
MET N   H    sing N N 318 
MET N   H2   sing N N 319 
MET CA  C    sing N N 320 
MET CA  CB   sing N N 321 
MET CA  HA   sing N N 322 
MET C   O    doub N N 323 
MET C   OXT  sing N N 324 
MET CB  CG   sing N N 325 
MET CB  HB2  sing N N 326 
MET CB  HB3  sing N N 327 
MET CG  SD   sing N N 328 
MET CG  HG2  sing N N 329 
MET CG  HG3  sing N N 330 
MET SD  CE   sing N N 331 
MET CE  HE1  sing N N 332 
MET CE  HE2  sing N N 333 
MET CE  HE3  sing N N 334 
MET OXT HXT  sing N N 335 
PHE N   CA   sing N N 336 
PHE N   H    sing N N 337 
PHE N   H2   sing N N 338 
PHE CA  C    sing N N 339 
PHE CA  CB   sing N N 340 
PHE CA  HA   sing N N 341 
PHE C   O    doub N N 342 
PHE C   OXT  sing N N 343 
PHE CB  CG   sing N N 344 
PHE CB  HB2  sing N N 345 
PHE CB  HB3  sing N N 346 
PHE CG  CD1  doub Y N 347 
PHE CG  CD2  sing Y N 348 
PHE CD1 CE1  sing Y N 349 
PHE CD1 HD1  sing N N 350 
PHE CD2 CE2  doub Y N 351 
PHE CD2 HD2  sing N N 352 
PHE CE1 CZ   doub Y N 353 
PHE CE1 HE1  sing N N 354 
PHE CE2 CZ   sing Y N 355 
PHE CE2 HE2  sing N N 356 
PHE CZ  HZ   sing N N 357 
PHE OXT HXT  sing N N 358 
PRO N   CA   sing N N 359 
PRO N   CD   sing N N 360 
PRO N   H    sing N N 361 
PRO CA  C    sing N N 362 
PRO CA  CB   sing N N 363 
PRO CA  HA   sing N N 364 
PRO C   O    doub N N 365 
PRO C   OXT  sing N N 366 
PRO CB  CG   sing N N 367 
PRO CB  HB2  sing N N 368 
PRO CB  HB3  sing N N 369 
PRO CG  CD   sing N N 370 
PRO CG  HG2  sing N N 371 
PRO CG  HG3  sing N N 372 
PRO CD  HD2  sing N N 373 
PRO CD  HD3  sing N N 374 
PRO OXT HXT  sing N N 375 
SER N   CA   sing N N 376 
SER N   H    sing N N 377 
SER N   H2   sing N N 378 
SER CA  C    sing N N 379 
SER CA  CB   sing N N 380 
SER CA  HA   sing N N 381 
SER C   O    doub N N 382 
SER C   OXT  sing N N 383 
SER CB  OG   sing N N 384 
SER CB  HB2  sing N N 385 
SER CB  HB3  sing N N 386 
SER OG  HG   sing N N 387 
SER OXT HXT  sing N N 388 
THR N   CA   sing N N 389 
THR N   H    sing N N 390 
THR N   H2   sing N N 391 
THR CA  C    sing N N 392 
THR CA  CB   sing N N 393 
THR CA  HA   sing N N 394 
THR C   O    doub N N 395 
THR C   OXT  sing N N 396 
THR CB  OG1  sing N N 397 
THR CB  CG2  sing N N 398 
THR CB  HB   sing N N 399 
THR OG1 HG1  sing N N 400 
THR CG2 HG21 sing N N 401 
THR CG2 HG22 sing N N 402 
THR CG2 HG23 sing N N 403 
THR OXT HXT  sing N N 404 
TYR N   CA   sing N N 405 
TYR N   H    sing N N 406 
TYR N   H2   sing N N 407 
TYR CA  C    sing N N 408 
TYR CA  CB   sing N N 409 
TYR CA  HA   sing N N 410 
TYR C   O    doub N N 411 
TYR C   OXT  sing N N 412 
TYR CB  CG   sing N N 413 
TYR CB  HB2  sing N N 414 
TYR CB  HB3  sing N N 415 
TYR CG  CD1  doub Y N 416 
TYR CG  CD2  sing Y N 417 
TYR CD1 CE1  sing Y N 418 
TYR CD1 HD1  sing N N 419 
TYR CD2 CE2  doub Y N 420 
TYR CD2 HD2  sing N N 421 
TYR CE1 CZ   doub Y N 422 
TYR CE1 HE1  sing N N 423 
TYR CE2 CZ   sing Y N 424 
TYR CE2 HE2  sing N N 425 
TYR CZ  OH   sing N N 426 
TYR OH  HH   sing N N 427 
TYR OXT HXT  sing N N 428 
VAL N   CA   sing N N 429 
VAL N   H    sing N N 430 
VAL N   H2   sing N N 431 
VAL CA  C    sing N N 432 
VAL CA  CB   sing N N 433 
VAL CA  HA   sing N N 434 
VAL C   O    doub N N 435 
VAL C   OXT  sing N N 436 
VAL CB  CG1  sing N N 437 
VAL CB  CG2  sing N N 438 
VAL CB  HB   sing N N 439 
VAL CG1 HG11 sing N N 440 
VAL CG1 HG12 sing N N 441 
VAL CG1 HG13 sing N N 442 
VAL CG2 HG21 sing N N 443 
VAL CG2 HG22 sing N N 444 
VAL CG2 HG23 sing N N 445 
VAL OXT HXT  sing N N 446 
# 
_pdbx_initial_refinement_model.id               1 
_pdbx_initial_refinement_model.entity_id_list   ? 
_pdbx_initial_refinement_model.type             'experimental model' 
_pdbx_initial_refinement_model.source_name      PDB 
_pdbx_initial_refinement_model.accession_code   4ZYI 
_pdbx_initial_refinement_model.details          ? 
# 
_atom_sites.entry_id                    4ZYF 
_atom_sites.fract_transf_matrix[1][1]   -0.01519149 
_atom_sites.fract_transf_matrix[1][2]   0.00802191 
_atom_sites.fract_transf_matrix[1][3]   0.01166370 
_atom_sites.fract_transf_matrix[2][1]   -0.01630837 
_atom_sites.fract_transf_matrix[2][2]   -0.01171167 
_atom_sites.fract_transf_matrix[2][3]   0.00529710 
_atom_sites.fract_transf_matrix[3][1]   0.00442919 
_atom_sites.fract_transf_matrix[3][2]   -0.00271411 
_atom_sites.fract_transf_matrix[3][3]   0.00763552 
_atom_sites.fract_transf_vector[1]      -0.213775 
_atom_sites.fract_transf_vector[2]      -0.349013 
_atom_sites.fract_transf_vector[3]      -0.031043 
# 
loop_
_atom_type.symbol 
C  
CL 
N  
O  
S  
# 
loop_
_atom_site.group_PDB 
_atom_site.id 
_atom_site.type_symbol 
_atom_site.label_atom_id 
_atom_site.label_alt_id 
_atom_site.label_comp_id 
_atom_site.label_asym_id 
_atom_site.label_entity_id 
_atom_site.label_seq_id 
_atom_site.pdbx_PDB_ins_code 
_atom_site.Cartn_x 
_atom_site.Cartn_y 
_atom_site.Cartn_z 
_atom_site.occupancy 
_atom_site.B_iso_or_equiv 
_atom_site.pdbx_formal_charge 
_atom_site.auth_seq_id 
_atom_site.auth_comp_id 
_atom_site.auth_asym_id 
_atom_site.auth_atom_id 
_atom_site.pdbx_PDB_model_num 
ATOM   1   N  N   . GLN A 1 3  ? -3.172  -10.304 15.687  1.00 40.59 ? 18  GLN A N   1 
ATOM   2   C  CA  . GLN A 1 3  ? -3.802  -9.987  14.371  1.00 40.36 ? 18  GLN A CA  1 
ATOM   3   C  C   . GLN A 1 3  ? -4.635  -8.713  14.459  1.00 39.95 ? 18  GLN A C   1 
ATOM   4   O  O   . GLN A 1 3  ? -5.427  -8.539  15.385  1.00 39.85 ? 18  GLN A O   1 
ATOM   5   C  CB  . GLN A 1 3  ? -4.663  -11.157 13.877  1.00 40.64 ? 18  GLN A CB  1 
ATOM   6   C  CG  . GLN A 1 3  ? -5.206  -10.995 12.453  1.00 41.09 ? 18  GLN A CG  1 
ATOM   7   C  CD  . GLN A 1 3  ? -4.141  -11.175 11.380  1.00 42.71 ? 18  GLN A CD  1 
ATOM   8   O  OE1 . GLN A 1 3  ? -3.528  -12.237 11.271  1.00 43.09 ? 18  GLN A OE1 1 
ATOM   9   N  NE2 . GLN A 1 3  ? -3.924  -10.135 10.577  1.00 42.73 ? 18  GLN A NE2 1 
ATOM   10  N  N   . ILE A 1 4  ? -4.450  -7.841  13.471  1.00 39.45 ? 19  ILE A N   1 
ATOM   11  C  CA  . ILE A 1 4  ? -5.064  -6.515  13.430  1.00 38.95 ? 19  ILE A CA  1 
ATOM   12  C  C   . ILE A 1 4  ? -6.597  -6.580  13.425  1.00 38.29 ? 19  ILE A C   1 
ATOM   13  O  O   . ILE A 1 4  ? -7.183  -7.322  12.637  1.00 38.21 ? 19  ILE A O   1 
ATOM   14  C  CB  . ILE A 1 4  ? -4.532  -5.693  12.209  1.00 39.13 ? 19  ILE A CB  1 
ATOM   15  C  CG1 . ILE A 1 4  ? -3.056  -5.333  12.398  1.00 39.52 ? 19  ILE A CG1 1 
ATOM   16  C  CG2 . ILE A 1 4  ? -5.325  -4.410  12.002  1.00 38.98 ? 19  ILE A CG2 1 
ATOM   17  C  CD1 . ILE A 1 4  ? -2.081  -6.351  11.852  1.00 40.25 ? 19  ILE A CD1 1 
ATOM   18  N  N   . PRO A 1 5  ? -7.244  -5.808  14.322  1.00 37.74 ? 20  PRO A N   1 
ATOM   19  C  CA  . PRO A 1 5  ? -8.697  -5.697  14.391  1.00 37.27 ? 20  PRO A CA  1 
ATOM   20  C  C   . PRO A 1 5  ? -9.311  -5.350  13.039  1.00 36.92 ? 20  PRO A C   1 
ATOM   21  O  O   . PRO A 1 5  ? -8.803  -4.472  12.335  1.00 36.88 ? 20  PRO A O   1 
ATOM   22  C  CB  . PRO A 1 5  ? -8.905  -4.541  15.372  1.00 37.44 ? 20  PRO A CB  1 
ATOM   23  C  CG  . PRO A 1 5  ? -7.742  -4.624  16.273  1.00 37.48 ? 20  PRO A CG  1 
ATOM   24  C  CD  . PRO A 1 5  ? -6.593  -5.038  15.400  1.00 37.60 ? 20  PRO A CD  1 
ATOM   25  N  N   . ALA A 1 6  ? -10.393 -6.045  12.691  1.00 36.42 ? 21  ALA A N   1 
ATOM   26  C  CA  . ALA A 1 6  ? -11.080 -5.855  11.415  1.00 36.00 ? 21  ALA A CA  1 
ATOM   27  C  C   . ALA A 1 6  ? -11.602 -4.427  11.240  1.00 35.61 ? 21  ALA A C   1 
ATOM   28  O  O   . ALA A 1 6  ? -11.783 -3.961  10.108  1.00 35.44 ? 21  ALA A O   1 
ATOM   29  C  CB  . ALA A 1 6  ? -12.214 -6.852  11.272  1.00 36.18 ? 21  ALA A CB  1 
ATOM   30  N  N   . SER A 1 7  ? -11.834 -3.745  12.361  1.00 34.87 ? 22  SER A N   1 
ATOM   31  C  CA  . SER A 1 7  ? -12.329 -2.366  12.359  1.00 34.25 ? 22  SER A CA  1 
ATOM   32  C  C   . SER A 1 7  ? -11.387 -1.394  11.660  1.00 33.62 ? 22  SER A C   1 
ATOM   33  O  O   . SER A 1 7  ? -11.842 -0.410  11.078  1.00 33.46 ? 22  SER A O   1 
ATOM   34  C  CB  . SER A 1 7  ? -12.599 -1.872  13.786  1.00 34.21 ? 22  SER A CB  1 
ATOM   35  O  OG  . SER A 1 7  ? -11.448 -2.008  14.610  1.00 34.23 ? 22  SER A OG  1 
ATOM   36  N  N   . GLU A 1 8  ? -10.081 -1.667  11.728  1.00 33.23 ? 23  GLU A N   1 
ATOM   37  C  CA  . GLU A 1 8  ? -9.067  -0.772  11.153  1.00 32.72 ? 23  GLU A CA  1 
ATOM   38  C  C   . GLU A 1 8  ? -9.209  -0.570  9.647   1.00 32.21 ? 23  GLU A C   1 
ATOM   39  O  O   . GLU A 1 8  ? -8.881  0.500   9.140   1.00 31.98 ? 23  GLU A O   1 
ATOM   40  C  CB  . GLU A 1 8  ? -7.644  -1.225  11.496  1.00 32.70 ? 23  GLU A CB  1 
ATOM   41  C  CG  . GLU A 1 8  ? -7.228  -0.941  12.943  1.00 33.64 ? 23  GLU A CG  1 
ATOM   42  C  CD  . GLU A 1 8  ? -5.716  -0.983  13.165  1.00 33.50 ? 23  GLU A CD  1 
ATOM   43  O  OE1 . GLU A 1 8  ? -4.953  -0.651  12.237  1.00 34.44 ? 23  GLU A OE1 1 
ATOM   44  O  OE2 . GLU A 1 8  ? -5.287  -1.332  14.285  1.00 33.78 ? 23  GLU A OE2 1 
ATOM   45  N  N   . GLN A 1 9  ? -9.705  -1.577  8.933   1.00 31.65 ? 24  GLN A N   1 
ATOM   46  C  CA  . GLN A 1 9  ? -9.868  -1.436  7.479   1.00 31.20 ? 24  GLN A CA  1 
ATOM   47  C  C   . GLN A 1 9  ? -11.054 -0.544  7.067   1.00 30.43 ? 24  GLN A C   1 
ATOM   48  O  O   . GLN A 1 9  ? -11.185 -0.161  5.901   1.00 30.14 ? 24  GLN A O   1 
ATOM   49  C  CB  . GLN A 1 9  ? -9.875  -2.795  6.766   1.00 31.65 ? 24  GLN A CB  1 
ATOM   50  C  CG  . GLN A 1 9  ? -11.118 -3.639  6.962   1.00 32.69 ? 24  GLN A CG  1 
ATOM   51  C  CD  . GLN A 1 9  ? -11.016 -4.981  6.252   1.00 35.27 ? 24  GLN A CD  1 
ATOM   52  O  OE1 . GLN A 1 9  ? -10.020 -5.706  6.386   1.00 35.97 ? 24  GLN A OE1 1 
ATOM   53  N  NE2 . GLN A 1 9  ? -12.046 -5.318  5.489   1.00 35.59 ? 24  GLN A NE2 1 
ATOM   54  N  N   . GLU A 1 10 ? -11.906 -0.211  8.034   1.00 29.39 ? 25  GLU A N   1 
ATOM   55  C  CA  . GLU A 1 10 ? -13.025 0.692   7.780   1.00 28.59 ? 25  GLU A CA  1 
ATOM   56  C  C   . GLU A 1 10 ? -12.655 2.163   8.004   1.00 27.22 ? 25  GLU A C   1 
ATOM   57  O  O   . GLU A 1 10 ? -13.455 3.054   7.719   1.00 27.16 ? 25  GLU A O   1 
ATOM   58  C  CB  . GLU A 1 10 ? -14.257 0.281   8.601   1.00 29.30 ? 25  GLU A CB  1 
ATOM   59  C  CG  . GLU A 1 10 ? -14.833 -1.063  8.135   1.00 31.31 ? 25  GLU A CG  1 
ATOM   60  C  CD  . GLU A 1 10 ? -16.110 -1.457  8.842   1.00 34.48 ? 25  GLU A CD  1 
ATOM   61  O  OE1 . GLU A 1 10 ? -16.840 -2.321  8.298   1.00 36.01 ? 25  GLU A OE1 1 
ATOM   62  O  OE2 . GLU A 1 10 ? -16.384 -0.911  9.932   1.00 36.35 ? 25  GLU A OE2 1 
ATOM   63  N  N   . THR A 1 11 ? -11.434 2.399   8.490   1.00 25.75 ? 26  THR A N   1 
ATOM   64  C  CA  . THR A 1 11 ? -10.914 3.743   8.749   1.00 24.18 ? 26  THR A CA  1 
ATOM   65  C  C   . THR A 1 11 ? -10.911 4.608   7.483   1.00 23.38 ? 26  THR A C   1 
ATOM   66  O  O   . THR A 1 11 ? -10.444 4.175   6.429   1.00 23.09 ? 26  THR A O   1 
ATOM   67  C  CB  . THR A 1 11 ? -9.485  3.667   9.341   1.00 24.60 ? 26  THR A CB  1 
ATOM   68  O  OG1 . THR A 1 11 ? -9.519  2.939   10.578  1.00 24.56 ? 26  THR A OG1 1 
ATOM   69  C  CG2 . THR A 1 11 ? -8.901  5.059   9.572   1.00 23.57 ? 26  THR A CG2 1 
ATOM   70  N  N   . LEU A 1 12 ? -11.437 5.826   7.604   1.00 22.17 ? 27  LEU A N   1 
ATOM   71  C  CA  . LEU A 1 12 ? -11.518 6.770   6.495   1.00 21.43 ? 27  LEU A CA  1 
ATOM   72  C  C   . LEU A 1 12 ? -10.241 7.564   6.408   1.00 20.13 ? 27  LEU A C   1 
ATOM   73  O  O   . LEU A 1 12 ? -9.790  8.134   7.405   1.00 19.44 ? 27  LEU A O   1 
ATOM   74  C  CB  . LEU A 1 12 ? -12.683 7.741   6.695   1.00 21.79 ? 27  LEU A CB  1 
ATOM   75  C  CG  . LEU A 1 12 ? -14.037 7.104   7.002   1.00 23.71 ? 27  LEU A CG  1 
ATOM   76  C  CD1 . LEU A 1 12 ? -15.049 8.172   7.397   1.00 23.72 ? 27  LEU A CD1 1 
ATOM   77  C  CD2 . LEU A 1 12 ? -14.536 6.302   5.821   1.00 24.68 ? 27  LEU A CD2 1 
ATOM   78  N  N   . VAL A 1 13 ? -9.673  7.612   5.205   1.00 19.19 ? 28  VAL A N   1 
ATOM   79  C  CA  . VAL A 1 13 ? -8.358  8.198   5.023   1.00 18.51 ? 28  VAL A CA  1 
ATOM   80  C  C   . VAL A 1 13 ? -8.244  9.071   3.777   1.00 18.55 ? 28  VAL A C   1 
ATOM   81  O  O   . VAL A 1 13 ? -8.950  8.862   2.780   1.00 18.68 ? 28  VAL A O   1 
ATOM   82  C  CB  . VAL A 1 13 ? -7.252  7.100   5.023   1.00 18.49 ? 28  VAL A CB  1 
ATOM   83  C  CG1 . VAL A 1 13 ? -7.314  6.276   6.309   1.00 18.23 ? 28  VAL A CG1 1 
ATOM   84  C  CG2 . VAL A 1 13 ? -7.387  6.184   3.804   1.00 18.07 ? 28  VAL A CG2 1 
ATOM   85  N  N   . ARG A 1 14 ? -7.348  10.052  3.862   1.00 18.75 ? 29  ARG A N   1 
ATOM   86  C  CA  . ARG A 1 14 ? -7.019  10.953  2.766   1.00 19.77 ? 29  ARG A CA  1 
ATOM   87  C  C   . ARG A 1 14 ? -5.521  10.816  2.442   1.00 19.23 ? 29  ARG A C   1 
ATOM   88  O  O   . ARG A 1 14 ? -4.668  11.286  3.202   1.00 19.50 ? 29  ARG A O   1 
ATOM   89  C  CB  . ARG A 1 14 ? -7.365  12.394  3.158   1.00 20.33 ? 29  ARG A CB  1 
ATOM   90  C  CG  . ARG A 1 14 ? -7.233  13.412  2.044   1.00 24.47 ? 29  ARG A CG  1 
ATOM   91  C  CD  . ARG A 1 14 ? -7.744  14.780  2.493   1.00 30.97 ? 29  ARG A CD  1 
ATOM   92  N  NE  . ARG A 1 14 ? -9.177  14.762  2.780   1.00 35.71 ? 29  ARG A NE  1 
ATOM   93  C  CZ  . ARG A 1 14 ? -10.099 15.397  2.060   1.00 38.08 ? 29  ARG A CZ  1 
ATOM   94  N  NH1 . ARG A 1 14 ? -9.748  16.134  1.004   1.00 38.97 ? 29  ARG A NH1 1 
ATOM   95  N  NH2 . ARG A 1 14 ? -11.378 15.309  2.407   1.00 39.40 ? 29  ARG A NH2 1 
ATOM   96  N  N   . PRO A 1 15 ? -5.197  10.153  1.315   1.00 18.85 ? 30  PRO A N   1 
ATOM   97  C  CA  . PRO A 1 15 ? -3.806  9.899   0.945   1.00 18.32 ? 30  PRO A CA  1 
ATOM   98  C  C   . PRO A 1 15 ? -3.024  11.186  0.724   1.00 17.97 ? 30  PRO A C   1 
ATOM   99  O  O   . PRO A 1 15 ? -3.547  12.152  0.159   1.00 17.54 ? 30  PRO A O   1 
ATOM   100 C  CB  . PRO A 1 15 ? -3.930  9.118   -0.371  1.00 18.25 ? 30  PRO A CB  1 
ATOM   101 C  CG  . PRO A 1 15 ? -5.287  8.492   -0.293  1.00 19.82 ? 30  PRO A CG  1 
ATOM   102 C  CD  . PRO A 1 15 ? -6.131  9.550   0.348   1.00 18.61 ? 30  PRO A CD  1 
ATOM   103 N  N   . LYS A 1 16 ? -1.782  11.189  1.193   1.00 17.55 ? 31  LYS A N   1 
ATOM   104 C  CA  . LYS A 1 16 ? -0.831  12.247  0.898   1.00 17.60 ? 31  LYS A CA  1 
ATOM   105 C  C   . LYS A 1 16 ? -0.485  12.218  -0.600  1.00 17.82 ? 31  LYS A C   1 
ATOM   106 O  O   . LYS A 1 16 ? -0.789  11.231  -1.272  1.00 16.92 ? 31  LYS A O   1 
ATOM   107 C  CB  . LYS A 1 16 ? 0.407   12.080  1.774   1.00 17.76 ? 31  LYS A CB  1 
ATOM   108 C  CG  . LYS A 1 16 ? 0.137   12.316  3.261   1.00 16.96 ? 31  LYS A CG  1 
ATOM   109 C  CD  . LYS A 1 16 ? 1.421   12.196  4.092   1.00 19.18 ? 31  LYS A CD  1 
ATOM   110 C  CE  . LYS A 1 16 ? 1.100   12.248  5.573   1.00 20.12 ? 31  LYS A CE  1 
ATOM   111 N  NZ  . LYS A 1 16 ? 2.261   11.883  6.429   1.00 22.21 ? 31  LYS A NZ  1 
ATOM   112 N  N   . PRO A 1 17 ? 0.137   13.295  -1.131  1.00 18.06 ? 32  PRO A N   1 
ATOM   113 C  CA  . PRO A 1 17 ? 0.284   13.397  -2.596  1.00 18.34 ? 32  PRO A CA  1 
ATOM   114 C  C   . PRO A 1 17 ? 0.974   12.219  -3.314  1.00 18.41 ? 32  PRO A C   1 
ATOM   115 O  O   . PRO A 1 17 ? 0.494   11.811  -4.379  1.00 18.24 ? 32  PRO A O   1 
ATOM   116 C  CB  . PRO A 1 17 ? 1.046   14.716  -2.778  1.00 18.75 ? 32  PRO A CB  1 
ATOM   117 C  CG  . PRO A 1 17 ? 0.559   15.548  -1.600  1.00 19.23 ? 32  PRO A CG  1 
ATOM   118 C  CD  . PRO A 1 17 ? 0.550   14.546  -0.464  1.00 18.11 ? 32  PRO A CD  1 
ATOM   119 N  N   . LEU A 1 18 ? 2.062   11.676  -2.762  1.00 18.20 ? 33  LEU A N   1 
ATOM   120 C  CA  . LEU A 1 18 ? 2.744   10.536  -3.422  1.00 17.82 ? 33  LEU A CA  1 
ATOM   121 C  C   . LEU A 1 18 ? 1.879   9.269   -3.461  1.00 17.15 ? 33  LEU A C   1 
ATOM   122 O  O   . LEU A 1 18 ? 1.759   8.617   -4.505  1.00 16.30 ? 33  LEU A O   1 
ATOM   123 C  CB  . LEU A 1 18 ? 4.122   10.246  -2.811  1.00 18.77 ? 33  LEU A CB  1 
ATOM   124 C  CG  . LEU A 1 18 ? 5.226   11.275  -3.100  1.00 20.93 ? 33  LEU A CG  1 
ATOM   125 C  CD1 . LEU A 1 18 ? 6.520   10.930  -2.375  1.00 23.86 ? 33  LEU A CD1 1 
ATOM   126 C  CD2 . LEU A 1 18 ? 5.480   11.426  -4.610  1.00 22.84 ? 33  LEU A CD2 1 
ATOM   127 N  N   . LEU A 1 19 ? 1.253   8.936   -2.335  1.00 15.82 ? 34  LEU A N   1 
ATOM   128 C  CA  . LEU A 1 19 ? 0.329   7.804   -2.295  1.00 15.94 ? 34  LEU A CA  1 
ATOM   129 C  C   . LEU A 1 19 ? -0.834  8.043   -3.259  1.00 16.04 ? 34  LEU A C   1 
ATOM   130 O  O   . LEU A 1 19 ? -1.263  7.127   -3.964  1.00 15.46 ? 34  LEU A O   1 
ATOM   131 C  CB  . LEU A 1 19 ? -0.199  7.566   -0.869  1.00 15.55 ? 34  LEU A CB  1 
ATOM   132 C  CG  . LEU A 1 19 ? -1.242  6.448   -0.676  1.00 15.71 ? 34  LEU A CG  1 
ATOM   133 C  CD1 . LEU A 1 19 ? -0.772  5.096   -1.262  1.00 17.24 ? 34  LEU A CD1 1 
ATOM   134 C  CD2 . LEU A 1 19 ? -1.627  6.290   0.802   1.00 16.60 ? 34  LEU A CD2 1 
ATOM   135 N  N   . LEU A 1 20 ? -1.336  9.274   -3.295  1.00 16.52 ? 35  LEU A N   1 
ATOM   136 C  CA  . LEU A 1 20 ? -2.443  9.601   -4.199  1.00 17.49 ? 35  LEU A CA  1 
ATOM   137 C  C   . LEU A 1 20 ? -2.053  9.354   -5.663  1.00 17.30 ? 35  LEU A C   1 
ATOM   138 O  O   . LEU A 1 20 ? -2.811  8.765   -6.427  1.00 16.51 ? 35  LEU A O   1 
ATOM   139 C  CB  . LEU A 1 20 ? -2.939  11.038  -3.971  1.00 18.21 ? 35  LEU A CB  1 
ATOM   140 C  CG  . LEU A 1 20 ? -4.166  11.450  -4.791  1.00 19.46 ? 35  LEU A CG  1 
ATOM   141 C  CD1 . LEU A 1 20 ? -5.316  10.455  -4.615  1.00 21.66 ? 35  LEU A CD1 1 
ATOM   142 C  CD2 . LEU A 1 20 ? -4.596  12.859  -4.375  1.00 21.44 ? 35  LEU A CD2 1 
ATOM   143 N  N   . LYS A 1 21 ? -0.846  9.770   -6.017  1.00 18.15 ? 36  LYS A N   1 
ATOM   144 C  CA  . LYS A 1 21 ? -0.293  9.546   -7.348  1.00 19.08 ? 36  LYS A CA  1 
ATOM   145 C  C   . LYS A 1 21 ? -0.256  8.054   -7.699  1.00 19.17 ? 36  LYS A C   1 
ATOM   146 O  O   . LYS A 1 21 ? -0.687  7.650   -8.787  1.00 19.14 ? 36  LYS A O   1 
ATOM   147 C  CB  . LYS A 1 21 ? 1.099   10.164  -7.426  1.00 19.80 ? 36  LYS A CB  1 
ATOM   148 C  CG  . LYS A 1 21 ? 1.806   9.959   -8.746  1.00 21.90 ? 36  LYS A CG  1 
ATOM   149 C  CD  . LYS A 1 21 ? 3.270   10.311  -8.603  1.00 25.42 ? 36  LYS A CD  1 
ATOM   150 C  CE  . LYS A 1 21 ? 4.039   9.863   -9.831  1.00 26.53 ? 36  LYS A CE  1 
ATOM   151 N  NZ  . LYS A 1 21 ? 3.646   10.684  -11.016 1.00 27.97 ? 36  LYS A NZ  1 
ATOM   152 N  N   . LEU A 1 22 ? 0.229   7.234   -6.767  1.00 19.26 ? 37  LEU A N   1 
ATOM   153 C  CA  . LEU A 1 22 ? 0.261   5.792   -6.956  1.00 19.66 ? 37  LEU A CA  1 
ATOM   154 C  C   . LEU A 1 22 ? -1.150  5.226   -7.101  1.00 19.58 ? 37  LEU A C   1 
ATOM   155 O  O   . LEU A 1 22 ? -1.422  4.452   -8.025  1.00 19.53 ? 37  LEU A O   1 
ATOM   156 C  CB  . LEU A 1 22 ? 1.012   5.107   -5.802  1.00 20.06 ? 37  LEU A CB  1 
ATOM   157 C  CG  . LEU A 1 22 ? 1.501   3.675   -6.026  1.00 22.21 ? 37  LEU A CG  1 
ATOM   158 C  CD1 . LEU A 1 22 ? 2.696   3.369   -5.122  1.00 22.95 ? 37  LEU A CD1 1 
ATOM   159 C  CD2 . LEU A 1 22 ? 0.371   2.692   -5.788  1.00 23.42 ? 37  LEU A CD2 1 
ATOM   160 N  N   . LEU A 1 23 ? -2.052  5.615   -6.201  1.00 19.00 ? 38  LEU A N   1 
ATOM   161 C  CA  . LEU A 1 23 ? -3.430  5.125   -6.268  1.00 19.40 ? 38  LEU A CA  1 
ATOM   162 C  C   . LEU A 1 23 ? -4.107  5.466   -7.602  1.00 19.70 ? 38  LEU A C   1 
ATOM   163 O  O   . LEU A 1 23 ? -4.816  4.638   -8.168  1.00 19.96 ? 38  LEU A O   1 
ATOM   164 C  CB  . LEU A 1 23 ? -4.258  5.651   -5.087  1.00 19.25 ? 38  LEU A CB  1 
ATOM   165 C  CG  . LEU A 1 23 ? -3.901  5.127   -3.689  1.00 19.29 ? 38  LEU A CG  1 
ATOM   166 C  CD1 . LEU A 1 23 ? -4.668  5.901   -2.638  1.00 18.72 ? 38  LEU A CD1 1 
ATOM   167 C  CD2 . LEU A 1 23 ? -4.200  3.628   -3.565  1.00 19.64 ? 38  LEU A CD2 1 
ATOM   168 N  N   . LYS A 1 24 ? -3.880  6.675   -8.107  1.00 20.80 ? 39  LYS A N   1 
ATOM   169 C  CA  . LYS A 1 24 ? -4.499  7.091   -9.367  1.00 21.81 ? 39  LYS A CA  1 
ATOM   170 C  C   . LYS A 1 24 ? -3.978  6.271   -10.560 1.00 21.77 ? 39  LYS A C   1 
ATOM   171 O  O   . LYS A 1 24 ? -4.670  6.136   -11.568 1.00 21.46 ? 39  LYS A O   1 
ATOM   172 C  CB  . LYS A 1 24 ? -4.354  8.597   -9.589  1.00 22.39 ? 39  LYS A CB  1 
ATOM   173 C  CG  . LYS A 1 24 ? -5.164  9.419   -8.584  1.00 24.69 ? 39  LYS A CG  1 
ATOM   174 C  CD  . LYS A 1 24 ? -5.455  10.835  -9.049  1.00 28.76 ? 39  LYS A CD  1 
ATOM   175 C  CE  . LYS A 1 24 ? -6.306  11.553  -7.991  1.00 30.24 ? 39  LYS A CE  1 
ATOM   176 N  NZ  . LYS A 1 24 ? -6.897  12.838  -8.476  1.00 32.05 ? 39  LYS A NZ  1 
ATOM   177 N  N   . SER A 1 25 ? -2.788  5.688   -10.418 1.00 22.21 ? 40  SER A N   1 
ATOM   178 C  CA  . SER A 1 25 ? -2.217  4.850   -11.474 1.00 22.52 ? 40  SER A CA  1 
ATOM   179 C  C   . SER A 1 25 ? -2.863  3.459   -11.521 1.00 22.72 ? 40  SER A C   1 
ATOM   180 O  O   . SER A 1 25 ? -2.646  2.702   -12.475 1.00 22.91 ? 40  SER A O   1 
ATOM   181 C  CB  . SER A 1 25 ? -0.681  4.765   -11.358 1.00 22.16 ? 40  SER A CB  1 
ATOM   182 O  OG  . SER A 1 25 ? -0.278  3.850   -10.353 1.00 22.31 ? 40  SER A OG  1 
ATOM   183 N  N   . VAL A 1 26 ? -3.652  3.128   -10.500 1.00 22.96 ? 41  VAL A N   1 
ATOM   184 C  CA  . VAL A 1 26 ? -4.386  1.864   -10.457 1.00 23.99 ? 41  VAL A CA  1 
ATOM   185 C  C   . VAL A 1 26 ? -5.909  2.069   -10.436 1.00 25.02 ? 41  VAL A C   1 
ATOM   186 O  O   . VAL A 1 26 ? -6.673  1.120   -10.246 1.00 25.08 ? 41  VAL A O   1 
ATOM   187 C  CB  . VAL A 1 26 ? -3.918  0.914   -9.313  1.00 24.56 ? 41  VAL A CB  1 
ATOM   188 C  CG1 . VAL A 1 26 ? -2.587  0.261   -9.680  1.00 24.26 ? 41  VAL A CG1 1 
ATOM   189 C  CG2 . VAL A 1 26 ? -3.823  1.645   -7.974  1.00 24.03 ? 41  VAL A CG2 1 
ATOM   190 N  N   . GLY A 1 27 ? -6.330  3.314   -10.643 1.00 26.11 ? 42  GLY A N   1 
ATOM   191 C  CA  . GLY A 1 27 ? -7.729  3.613   -10.977 1.00 27.46 ? 42  GLY A CA  1 
ATOM   192 C  C   . GLY A 1 27 ? -8.475  4.523   -10.032 1.00 28.43 ? 42  GLY A C   1 
ATOM   193 O  O   . GLY A 1 27 ? -9.646  4.841   -10.262 1.00 28.02 ? 42  GLY A O   1 
ATOM   194 N  N   . ALA A 1 28 ? -7.795  4.943   -8.975  1.00 29.35 ? 43  ALA A N   1 
ATOM   195 C  CA  . ALA A 1 28 ? -8.426  5.715   -7.913  1.00 30.82 ? 43  ALA A CA  1 
ATOM   196 C  C   . ALA A 1 28 ? -8.916  7.058   -8.441  1.00 31.58 ? 43  ALA A C   1 
ATOM   197 O  O   . ALA A 1 28 ? -8.224  7.724   -9.222  1.00 32.35 ? 43  ALA A O   1 
ATOM   198 C  CB  . ALA A 1 28 ? -7.462  5.905   -6.759  1.00 30.42 ? 43  ALA A CB  1 
ATOM   199 N  N   . GLN A 1 29 ? -10.120 7.437   -8.027  1.00 32.35 ? 44  GLN A N   1 
ATOM   200 C  CA  . GLN A 1 29 ? -10.722 8.700   -8.456  1.00 32.82 ? 44  GLN A CA  1 
ATOM   201 C  C   . GLN A 1 29 ? -11.152 9.600   -7.302  1.00 32.35 ? 44  GLN A C   1 
ATOM   202 O  O   . GLN A 1 29 ? -11.746 10.647  -7.535  1.00 32.59 ? 44  GLN A O   1 
ATOM   203 C  CB  . GLN A 1 29 ? -11.938 8.431   -9.349  1.00 33.19 ? 44  GLN A CB  1 
ATOM   204 C  CG  . GLN A 1 29 ? -11.608 7.848   -10.704 1.00 34.61 ? 44  GLN A CG  1 
ATOM   205 C  CD  . GLN A 1 29 ? -12.628 8.222   -11.762 1.00 36.89 ? 44  GLN A CD  1 
ATOM   206 O  OE1 . GLN A 1 29 ? -13.713 8.716   -11.456 1.00 38.87 ? 44  GLN A OE1 1 
ATOM   207 N  NE2 . GLN A 1 29 ? -12.280 7.988   -13.018 1.00 37.94 ? 44  GLN A NE2 1 
ATOM   208 N  N   . LYS A 1 30 ? -10.834 9.206   -6.071  1.00 32.15 ? 45  LYS A N   1 
ATOM   209 C  CA  . LYS A 1 30 ? -11.489 9.781   -4.891  1.00 32.07 ? 45  LYS A CA  1 
ATOM   210 C  C   . LYS A 1 30 ? -10.626 10.724  -4.059  1.00 31.96 ? 45  LYS A C   1 
ATOM   211 O  O   . LYS A 1 30 ? -9.399  10.704  -4.134  1.00 32.06 ? 45  LYS A O   1 
ATOM   212 C  CB  . LYS A 1 30 ? -11.988 8.667   -3.973  1.00 32.01 ? 45  LYS A CB  1 
ATOM   213 C  CG  . LYS A 1 30 ? -13.034 7.745   -4.547  1.00 32.92 ? 45  LYS A CG  1 
ATOM   214 C  CD  . LYS A 1 30 ? -13.040 6.463   -3.739  1.00 33.77 ? 45  LYS A CD  1 
ATOM   215 C  CE  . LYS A 1 30 ? -14.418 6.148   -3.213  1.00 34.94 ? 45  LYS A CE  1 
ATOM   216 N  NZ  . LYS A 1 30 ? -14.323 5.535   -1.863  1.00 34.97 ? 45  LYS A NZ  1 
ATOM   217 N  N   . ASP A 1 31 ? -11.305 11.538  -3.255  1.00 31.87 ? 46  ASP A N   1 
ATOM   218 C  CA  . ASP A 1 31 ? -10.674 12.374  -2.244  1.00 31.64 ? 46  ASP A CA  1 
ATOM   219 C  C   . ASP A 1 31 ? -10.429 11.572  -0.962  1.00 30.60 ? 46  ASP A C   1 
ATOM   220 O  O   . ASP A 1 31 ? -9.417  11.768  -0.276  1.00 30.59 ? 46  ASP A O   1 
ATOM   221 C  CB  . ASP A 1 31 ? -11.574 13.577  -1.941  1.00 32.43 ? 46  ASP A CB  1 
ATOM   222 C  CG  . ASP A 1 31 ? -12.982 13.170  -1.522  1.00 34.55 ? 46  ASP A CG  1 
ATOM   223 O  OD1 . ASP A 1 31 ? -13.517 12.176  -2.071  1.00 37.74 ? 46  ASP A OD1 1 
ATOM   224 O  OD2 . ASP A 1 31 ? -13.559 13.836  -0.631  1.00 37.39 ? 46  ASP A OD2 1 
ATOM   225 N  N   . THR A 1 32 ? -11.360 10.668  -0.660  1.00 29.06 ? 47  THR A N   1 
ATOM   226 C  CA  . THR A 1 32 ? -11.370 9.909   0.584   1.00 27.77 ? 47  THR A CA  1 
ATOM   227 C  C   . THR A 1 32 ? -11.593 8.432   0.268   1.00 26.66 ? 47  THR A C   1 
ATOM   228 O  O   . THR A 1 32 ? -12.387 8.088   -0.611  1.00 26.39 ? 47  THR A O   1 
ATOM   229 C  CB  . THR A 1 32 ? -12.472 10.434  1.535   1.00 27.86 ? 47  THR A CB  1 
ATOM   230 O  OG1 . THR A 1 32 ? -12.278 11.835  1.749   1.00 29.03 ? 47  THR A OG1 1 
ATOM   231 C  CG2 . THR A 1 32 ? -12.435 9.719   2.888   1.00 28.48 ? 47  THR A CG2 1 
ATOM   232 N  N   . TYR A 1 33 ? -10.878 7.569   0.985   1.00 24.95 ? 48  TYR A N   1 
ATOM   233 C  CA  . TYR A 1 33 ? -10.965 6.126   0.813   1.00 23.87 ? 48  TYR A CA  1 
ATOM   234 C  C   . TYR A 1 33 ? -11.129 5.456   2.158   1.00 23.31 ? 48  TYR A C   1 
ATOM   235 O  O   . TYR A 1 33 ? -10.896 6.065   3.201   1.00 22.32 ? 48  TYR A O   1 
ATOM   236 C  CB  . TYR A 1 33 ? -9.667  5.589   0.189   1.00 23.90 ? 48  TYR A CB  1 
ATOM   237 C  CG  . TYR A 1 33 ? -9.327  6.169   -1.156  1.00 23.54 ? 48  TYR A CG  1 
ATOM   238 C  CD1 . TYR A 1 33 ? -8.645  7.376   -1.262  1.00 23.02 ? 48  TYR A CD1 1 
ATOM   239 C  CD2 . TYR A 1 33 ? -9.682  5.505   -2.331  1.00 23.97 ? 48  TYR A CD2 1 
ATOM   240 C  CE1 . TYR A 1 33 ? -8.336  7.914   -2.501  1.00 23.52 ? 48  TYR A CE1 1 
ATOM   241 C  CE2 . TYR A 1 33 ? -9.367  6.031   -3.570  1.00 23.93 ? 48  TYR A CE2 1 
ATOM   242 C  CZ  . TYR A 1 33 ? -8.694  7.234   -3.646  1.00 23.63 ? 48  TYR A CZ  1 
ATOM   243 O  OH  . TYR A 1 33 ? -8.389  7.761   -4.877  1.00 24.87 ? 48  TYR A OH  1 
ATOM   244 N  N   . THR A 1 34 ? -11.516 4.186   2.142   1.00 22.66 ? 49  THR A N   1 
ATOM   245 C  CA  . THR A 1 34 ? -11.330 3.374   3.324   1.00 22.16 ? 49  THR A CA  1 
ATOM   246 C  C   . THR A 1 34 ? -9.955  2.722   3.237   1.00 21.72 ? 49  THR A C   1 
ATOM   247 O  O   . THR A 1 34 ? -9.383  2.584   2.143   1.00 21.48 ? 49  THR A O   1 
ATOM   248 C  CB  . THR A 1 34 ? -12.393 2.286   3.457   1.00 22.63 ? 49  THR A CB  1 
ATOM   249 O  OG1 . THR A 1 34 ? -12.355 1.461   2.294   1.00 22.52 ? 49  THR A OG1 1 
ATOM   250 C  CG2 . THR A 1 34 ? -13.789 2.906   3.611   1.00 22.74 ? 49  THR A CG2 1 
ATOM   251 N  N   . MET A 1 35 ? -9.429  2.333   4.394   1.00 21.21 ? 50  MET A N   1 
ATOM   252 C  CA  . MET A 1 35 ? -8.187  1.583   4.484   1.00 21.24 ? 50  MET A CA  1 
ATOM   253 C  C   . MET A 1 35 ? -8.267  0.307   3.650   1.00 21.19 ? 50  MET A C   1 
ATOM   254 O  O   . MET A 1 35 ? -7.307  -0.059  2.976   1.00 20.36 ? 50  MET A O   1 
ATOM   255 C  CB  . MET A 1 35 ? -7.861  1.275   5.951   1.00 21.51 ? 50  MET A CB  1 
ATOM   256 C  CG  . MET A 1 35 ? -6.488  0.642   6.211   1.00 22.78 ? 50  MET A CG  1 
ATOM   257 S  SD  . MET A 1 35 ? -5.044  1.587   5.619   1.00 27.53 ? 50  MET A SD  1 
ATOM   258 C  CE  . MET A 1 35 ? -5.657  3.247   5.612   1.00 23.78 ? 50  MET A CE  1 
ATOM   259 N  N   . LYS A 1 36 ? -9.425  -0.347  3.675   1.00 21.22 ? 51  LYS A N   1 
ATOM   260 C  CA  . LYS A 1 36 ? -9.651  -1.510  2.826   1.00 21.52 ? 51  LYS A CA  1 
ATOM   261 C  C   . LYS A 1 36 ? -9.406  -1.211  1.343   1.00 21.21 ? 51  LYS A C   1 
ATOM   262 O  O   . LYS A 1 36 ? -8.701  -1.972  0.688   1.00 21.89 ? 51  LYS A O   1 
ATOM   263 C  CB  . LYS A 1 36 ? -11.047 -2.083  3.049   1.00 21.97 ? 51  LYS A CB  1 
ATOM   264 C  CG  . LYS A 1 36 ? -11.378 -3.280  2.183   1.00 24.08 ? 51  LYS A CG  1 
ATOM   265 C  CD  . LYS A 1 36 ? -12.824 -3.688  2.401   1.00 26.75 ? 51  LYS A CD  1 
ATOM   266 C  CE  . LYS A 1 36 ? -13.218 -4.875  1.536   1.00 29.13 ? 51  LYS A CE  1 
ATOM   267 N  NZ  . LYS A 1 36 ? -13.282 -4.498  0.099   1.00 31.70 ? 51  LYS A NZ  1 
ATOM   268 N  N   . GLU A 1 37 ? -9.982  -0.118  0.829   1.00 20.38 ? 52  GLU A N   1 
ATOM   269 C  CA  . GLU A 1 37 ? -9.749  0.332   -0.553  1.00 20.15 ? 52  GLU A CA  1 
ATOM   270 C  C   . GLU A 1 37 ? -8.261  0.578   -0.835  1.00 19.48 ? 52  GLU A C   1 
ATOM   271 O  O   . GLU A 1 37 ? -7.735  0.152   -1.872  1.00 19.43 ? 52  GLU A O   1 
ATOM   272 C  CB  . GLU A 1 37 ? -10.546 1.602   -0.875  1.00 20.23 ? 52  GLU A CB  1 
ATOM   273 C  CG  . GLU A 1 37 ? -12.023 1.378   -1.208  1.00 22.27 ? 52  GLU A CG  1 
ATOM   274 C  CD  . GLU A 1 37 ? -12.740 2.670   -1.541  1.00 26.55 ? 52  GLU A CD  1 
ATOM   275 O  OE1 . GLU A 1 37 ? -12.638 3.639   -0.754  1.00 25.79 ? 52  GLU A OE1 1 
ATOM   276 O  OE2 . GLU A 1 37 ? -13.405 2.720   -2.602  1.00 30.03 ? 52  GLU A OE2 1 
ATOM   277 N  N   . VAL A 1 38 ? -7.584  1.256   0.089   1.00 18.40 ? 53  VAL A N   1 
ATOM   278 C  CA  . VAL A 1 38 ? -6.156  1.558   -0.084  1.00 17.80 ? 53  VAL A CA  1 
ATOM   279 C  C   . VAL A 1 38 ? -5.334  0.275   -0.178  1.00 17.17 ? 53  VAL A C   1 
ATOM   280 O  O   . VAL A 1 38 ? -4.455  0.137   -1.047  1.00 16.32 ? 53  VAL A O   1 
ATOM   281 C  CB  . VAL A 1 38 ? -5.618  2.433   1.068   1.00 17.93 ? 53  VAL A CB  1 
ATOM   282 C  CG1 . VAL A 1 38 ? -4.107  2.640   0.936   1.00 18.07 ? 53  VAL A CG1 1 
ATOM   283 C  CG2 . VAL A 1 38 ? -6.351  3.775   1.092   1.00 17.33 ? 53  VAL A CG2 1 
ATOM   284 N  N   . LEU A 1 39 ? -5.617  -0.653  0.728   1.00 16.87 ? 54  LEU A N   1 
ATOM   285 C  CA  . LEU A 1 39 ? -4.943  -1.940  0.752   1.00 16.88 ? 54  LEU A CA  1 
ATOM   286 C  C   . LEU A 1 39 ? -5.139  -2.690  -0.559  1.00 17.24 ? 54  LEU A C   1 
ATOM   287 O  O   . LEU A 1 39 ? -4.178  -3.219  -1.123  1.00 17.37 ? 54  LEU A O   1 
ATOM   288 C  CB  . LEU A 1 39 ? -5.429  -2.776  1.937   1.00 17.03 ? 54  LEU A CB  1 
ATOM   289 C  CG  . LEU A 1 39 ? -4.865  -2.368  3.299   1.00 17.04 ? 54  LEU A CG  1 
ATOM   290 C  CD1 . LEU A 1 39 ? -5.766  -2.893  4.423   1.00 19.22 ? 54  LEU A CD1 1 
ATOM   291 C  CD2 . LEU A 1 39 ? -3.434  -2.860  3.465   1.00 19.21 ? 54  LEU A CD2 1 
ATOM   292 N  N   . PHE A 1 40 ? -6.375  -2.715  -1.060  1.00 17.59 ? 55  PHE A N   1 
ATOM   293 C  CA  . PHE A 1 40 ? -6.648  -3.394  -2.325  1.00 17.65 ? 55  PHE A CA  1 
ATOM   294 C  C   . PHE A 1 40 ? -6.024  -2.734  -3.562  1.00 17.15 ? 55  PHE A C   1 
ATOM   295 O  O   . PHE A 1 40 ? -5.506  -3.446  -4.421  1.00 16.82 ? 55  PHE A O   1 
ATOM   296 C  CB  . PHE A 1 40 ? -8.144  -3.667  -2.500  1.00 18.72 ? 55  PHE A CB  1 
ATOM   297 C  CG  . PHE A 1 40 ? -8.594  -4.930  -1.812  1.00 21.25 ? 55  PHE A CG  1 
ATOM   298 C  CD1 . PHE A 1 40 ? -8.446  -6.173  -2.441  1.00 23.82 ? 55  PHE A CD1 1 
ATOM   299 C  CD2 . PHE A 1 40 ? -9.143  -4.887  -0.538  1.00 23.10 ? 55  PHE A CD2 1 
ATOM   300 C  CE1 . PHE A 1 40 ? -8.851  -7.352  -1.808  1.00 24.49 ? 55  PHE A CE1 1 
ATOM   301 C  CE2 . PHE A 1 40 ? -9.558  -6.064  0.100   1.00 24.94 ? 55  PHE A CE2 1 
ATOM   302 C  CZ  . PHE A 1 40 ? -9.404  -7.299  -0.536  1.00 25.24 ? 55  PHE A CZ  1 
ATOM   303 N  N   . TYR A 1 41 ? -6.036  -1.401  -3.638  1.00 16.68 ? 56  TYR A N   1 
ATOM   304 C  CA  . TYR A 1 41 ? -5.349  -0.686  -4.732  1.00 16.86 ? 56  TYR A CA  1 
ATOM   305 C  C   . TYR A 1 41 ? -3.834  -0.909  -4.712  1.00 16.36 ? 56  TYR A C   1 
ATOM   306 O  O   . TYR A 1 41 ? -3.229  -1.164  -5.762  1.00 16.35 ? 56  TYR A O   1 
ATOM   307 C  CB  . TYR A 1 41 ? -5.641  0.820   -4.706  1.00 17.50 ? 56  TYR A CB  1 
ATOM   308 C  CG  . TYR A 1 41 ? -7.002  1.206   -5.234  1.00 20.16 ? 56  TYR A CG  1 
ATOM   309 C  CD1 . TYR A 1 41 ? -7.396  0.867   -6.532  1.00 25.14 ? 56  TYR A CD1 1 
ATOM   310 C  CD2 . TYR A 1 41 ? -7.889  1.930   -4.444  1.00 24.28 ? 56  TYR A CD2 1 
ATOM   311 C  CE1 . TYR A 1 41 ? -8.656  1.230   -7.019  1.00 27.18 ? 56  TYR A CE1 1 
ATOM   312 C  CE2 . TYR A 1 41 ? -9.154  2.290   -4.918  1.00 26.50 ? 56  TYR A CE2 1 
ATOM   313 C  CZ  . TYR A 1 41 ? -9.526  1.942   -6.201  1.00 28.11 ? 56  TYR A CZ  1 
ATOM   314 O  OH  . TYR A 1 41 ? -10.771 2.310   -6.662  1.00 30.27 ? 56  TYR A OH  1 
ATOM   315 N  N   . LEU A 1 42 ? -3.231  -0.812  -3.526  1.00 15.45 ? 57  LEU A N   1 
ATOM   316 C  CA  . LEU A 1 42 ? -1.797  -1.093  -3.376  1.00 15.26 ? 57  LEU A CA  1 
ATOM   317 C  C   . LEU A 1 42 ? -1.489  -2.548  -3.704  1.00 15.25 ? 57  LEU A C   1 
ATOM   318 O  O   . LEU A 1 42 ? -0.464  -2.846  -4.322  1.00 14.15 ? 57  LEU A O   1 
ATOM   319 C  CB  . LEU A 1 42 ? -1.293  -0.741  -1.978  1.00 15.60 ? 57  LEU A CB  1 
ATOM   320 C  CG  . LEU A 1 42 ? -1.122  0.757   -1.704  1.00 16.25 ? 57  LEU A CG  1 
ATOM   321 C  CD1 . LEU A 1 42 ? -0.776  0.988   -0.244  1.00 18.01 ? 57  LEU A CD1 1 
ATOM   322 C  CD2 . LEU A 1 42 ? -0.033  1.332   -2.585  1.00 19.02 ? 57  LEU A CD2 1 
ATOM   323 N  N   . GLY A 1 43 ? -2.377  -3.451  -3.285  1.00 15.53 ? 58  GLY A N   1 
ATOM   324 C  CA  . GLY A 1 43 ? -2.263  -4.865  -3.673  1.00 16.01 ? 58  GLY A CA  1 
ATOM   325 C  C   . GLY A 1 43 ? -2.242  -5.035  -5.187  1.00 16.02 ? 58  GLY A C   1 
ATOM   326 O  O   . GLY A 1 43 ? -1.364  -5.723  -5.729  1.00 16.59 ? 58  GLY A O   1 
ATOM   327 N  N   . GLN A 1 44 ? -3.191  -4.404  -5.875  1.00 16.24 ? 59  GLN A N   1 
ATOM   328 C  CA  . GLN A 1 44 ? -3.257  -4.499  -7.336  1.00 16.56 ? 59  GLN A CA  1 
ATOM   329 C  C   . GLN A 1 44 ? -2.042  -3.870  -8.004  1.00 15.72 ? 59  GLN A C   1 
ATOM   330 O  O   . GLN A 1 44 ? -1.585  -4.359  -9.029  1.00 15.31 ? 59  GLN A O   1 
ATOM   331 C  CB  . GLN A 1 44 ? -4.555  -3.930  -7.908  1.00 17.67 ? 59  GLN A CB  1 
ATOM   332 C  CG  . GLN A 1 44 ? -5.775  -4.860  -7.725  1.00 22.01 ? 59  GLN A CG  1 
ATOM   333 C  CD  . GLN A 1 44 ? -5.603  -6.264  -8.318  1.00 24.87 ? 59  GLN A CD  1 
ATOM   334 O  OE1 . GLN A 1 44 ? -6.050  -7.248  -7.722  1.00 29.45 ? 59  GLN A OE1 1 
ATOM   335 N  NE2 . GLN A 1 44 ? -4.956  -6.363  -9.476  1.00 26.64 ? 59  GLN A NE2 1 
ATOM   336 N  N   . TYR A 1 45 ? -1.500  -2.816  -7.397  1.00 14.04 ? 60  TYR A N   1 
ATOM   337 C  CA  . TYR A 1 45 ? -0.287  -2.174  -7.912  1.00 13.24 ? 60  TYR A CA  1 
ATOM   338 C  C   . TYR A 1 45 ? 0.877   -3.172  -7.889  1.00 13.29 ? 60  TYR A C   1 
ATOM   339 O  O   . TYR A 1 45 ? 1.596   -3.361  -8.887  1.00 13.80 ? 60  TYR A O   1 
ATOM   340 C  CB  . TYR A 1 45 ? 0.021   -0.930  -7.069  1.00 12.67 ? 60  TYR A CB  1 
ATOM   341 C  CG  . TYR A 1 45 ? 1.258   -0.167  -7.493  1.00 12.12 ? 60  TYR A CG  1 
ATOM   342 C  CD1 . TYR A 1 45 ? 1.189   0.821   -8.476  1.00 13.32 ? 60  TYR A CD1 1 
ATOM   343 C  CD2 . TYR A 1 45 ? 2.486   -0.409  -6.876  1.00 12.14 ? 60  TYR A CD2 1 
ATOM   344 C  CE1 . TYR A 1 45 ? 2.320   1.531   -8.862  1.00 12.73 ? 60  TYR A CE1 1 
ATOM   345 C  CE2 . TYR A 1 45 ? 3.630   0.287   -7.250  1.00 11.39 ? 60  TYR A CE2 1 
ATOM   346 C  CZ  . TYR A 1 45 ? 3.533   1.263   -8.240  1.00 12.98 ? 60  TYR A CZ  1 
ATOM   347 O  OH  . TYR A 1 45 ? 4.657   1.949   -8.616  1.00 14.67 ? 60  TYR A OH  1 
ATOM   348 N  N   . ILE A 1 46 ? 1.048   -3.822  -6.746  1.00 12.81 ? 61  ILE A N   1 
ATOM   349 C  CA  . ILE A 1 46 ? 2.094   -4.817  -6.560  1.00 13.50 ? 61  ILE A CA  1 
ATOM   350 C  C   . ILE A 1 46 ? 1.915   -5.970  -7.563  1.00 14.25 ? 61  ILE A C   1 
ATOM   351 O  O   . ILE A 1 46 ? 2.876   -6.395  -8.193  1.00 13.65 ? 61  ILE A O   1 
ATOM   352 C  CB  . ILE A 1 46 ? 2.094   -5.327  -5.101  1.00 13.21 ? 61  ILE A CB  1 
ATOM   353 C  CG1 . ILE A 1 46 ? 2.594   -4.202  -4.170  1.00 13.63 ? 61  ILE A CG1 1 
ATOM   354 C  CG2 . ILE A 1 46 ? 2.958   -6.610  -4.954  1.00 13.82 ? 61  ILE A CG2 1 
ATOM   355 C  CD1 . ILE A 1 46 ? 2.240   -4.422  -2.687  1.00 12.66 ? 61  ILE A CD1 1 
ATOM   356 N  N   . MET A 1 47 ? 0.676   -6.431  -7.720  1.00 15.05 ? 62  MET A N   1 
ATOM   357 C  CA  A MET A 1 47 ? 0.363   -7.569  -8.597  0.50 16.41 ? 62  MET A CA  1 
ATOM   358 C  CA  B MET A 1 47 ? 0.394   -7.581  -8.587  0.50 16.28 ? 62  MET A CA  1 
ATOM   359 C  C   . MET A 1 47 ? 0.565   -7.253  -10.074 1.00 16.63 ? 62  MET A C   1 
ATOM   360 O  O   . MET A 1 47 ? 1.197   -8.027  -10.807 1.00 16.98 ? 62  MET A O   1 
ATOM   361 C  CB  A MET A 1 47 ? -1.078  -8.025  -8.385  0.50 16.70 ? 62  MET A CB  1 
ATOM   362 C  CB  B MET A 1 47 ? -1.002  -8.149  -8.320  0.50 16.50 ? 62  MET A CB  1 
ATOM   363 C  CG  A MET A 1 47 ? -1.343  -8.617  -7.031  0.50 18.67 ? 62  MET A CG  1 
ATOM   364 C  CG  B MET A 1 47 ? -1.220  -8.665  -6.906  0.50 17.84 ? 62  MET A CG  1 
ATOM   365 S  SD  A MET A 1 47 ? -0.075  -9.780  -6.527  0.50 22.87 ? 62  MET A SD  1 
ATOM   366 S  SD  B MET A 1 47 ? -0.174  -10.051 -6.426  0.50 21.41 ? 62  MET A SD  1 
ATOM   367 C  CE  A MET A 1 47 ? -1.080  -10.906 -5.580  0.50 22.43 ? 62  MET A CE  1 
ATOM   368 C  CE  B MET A 1 47 ? -0.482  -11.196 -7.772  0.50 18.90 ? 62  MET A CE  1 
ATOM   369 N  N   . THR A 1 48 ? 0.008   -6.120  -10.506 1.00 16.37 ? 63  THR A N   1 
ATOM   370 C  CA  . THR A 1 48 ? 0.064   -5.686  -11.909 1.00 16.84 ? 63  THR A CA  1 
ATOM   371 C  C   . THR A 1 48 ? 1.516   -5.479  -12.345 1.00 16.99 ? 63  THR A C   1 
ATOM   372 O  O   . THR A 1 48 ? 1.902   -5.886  -13.442 1.00 17.28 ? 63  THR A O   1 
ATOM   373 C  CB  . THR A 1 48 ? -0.757  -4.401  -12.136 1.00 17.24 ? 63  THR A CB  1 
ATOM   374 O  OG1 . THR A 1 48 ? -2.129  -4.627  -11.768 1.00 19.00 ? 63  THR A OG1 1 
ATOM   375 C  CG2 . THR A 1 48 ? -0.692  -3.948  -13.620 1.00 18.15 ? 63  THR A CG2 1 
ATOM   376 N  N   . LYS A 1 49 ? 2.323   -4.875  -11.472 1.00 15.94 ? 64  LYS A N   1 
ATOM   377 C  CA  . LYS A 1 49 ? 3.718   -4.581  -11.796 1.00 15.53 ? 64  LYS A CA  1 
ATOM   378 C  C   . LYS A 1 49 ? 4.672   -5.733  -11.488 1.00 15.81 ? 64  LYS A C   1 
ATOM   379 O  O   . LYS A 1 49 ? 5.868   -5.648  -11.796 1.00 15.78 ? 64  LYS A O   1 
ATOM   380 C  CB  . LYS A 1 49 ? 4.181   -3.304  -11.083 1.00 15.30 ? 64  LYS A CB  1 
ATOM   381 C  CG  . LYS A 1 49 ? 3.477   -2.041  -11.576 1.00 14.26 ? 64  LYS A CG  1 
ATOM   382 C  CD  . LYS A 1 49 ? 4.136   -0.780  -11.002 1.00 13.77 ? 64  LYS A CD  1 
ATOM   383 C  CE  . LYS A 1 49 ? 5.382   -0.383  -11.807 1.00 13.58 ? 64  LYS A CE  1 
ATOM   384 N  NZ  . LYS A 1 49 ? 5.995   0.885   -11.290 1.00 14.27 ? 64  LYS A NZ  1 
ATOM   385 N  N   . ARG A 1 50 ? 4.139   -6.793  -10.877 1.00 15.72 ? 65  ARG A N   1 
ATOM   386 C  CA  . ARG A 1 50 ? 4.923   -7.953  -10.455 1.00 16.67 ? 65  ARG A CA  1 
ATOM   387 C  C   . ARG A 1 50 ? 6.141   -7.541  -9.625  1.00 16.46 ? 65  ARG A C   1 
ATOM   388 O  O   . ARG A 1 50 ? 7.274   -7.910  -9.937  1.00 15.61 ? 65  ARG A O   1 
ATOM   389 C  CB  . ARG A 1 50 ? 5.346   -8.801  -11.664 1.00 17.42 ? 65  ARG A CB  1 
ATOM   390 C  CG  . ARG A 1 50 ? 4.199   -9.354  -12.474 1.00 20.72 ? 65  ARG A CG  1 
ATOM   391 C  CD  . ARG A 1 50 ? 4.750   -9.990  -13.748 1.00 25.74 ? 65  ARG A CD  1 
ATOM   392 N  NE  . ARG A 1 50 ? 3.696   -10.355 -14.691 1.00 31.13 ? 65  ARG A NE  1 
ATOM   393 C  CZ  . ARG A 1 50 ? 3.140   -11.561 -14.768 1.00 33.04 ? 65  ARG A CZ  1 
ATOM   394 N  NH1 . ARG A 1 50 ? 3.528   -12.533 -13.947 1.00 34.77 ? 65  ARG A NH1 1 
ATOM   395 N  NH2 . ARG A 1 50 ? 2.190   -11.796 -15.666 1.00 33.48 ? 65  ARG A NH2 1 
ATOM   396 N  N   . LEU A 1 51 ? 5.896   -6.769  -8.569  1.00 16.43 ? 66  LEU A N   1 
ATOM   397 C  CA  . LEU A 1 51 ? 6.962   -6.347  -7.671  1.00 17.86 ? 66  LEU A CA  1 
ATOM   398 C  C   . LEU A 1 51 ? 7.401   -7.476  -6.736  1.00 19.41 ? 66  LEU A C   1 
ATOM   399 O  O   . LEU A 1 51 ? 8.408   -7.358  -6.049  1.00 19.63 ? 66  LEU A O   1 
ATOM   400 C  CB  . LEU A 1 51 ? 6.563   -5.088  -6.884  1.00 17.17 ? 66  LEU A CB  1 
ATOM   401 C  CG  . LEU A 1 51 ? 6.278   -3.838  -7.722  1.00 16.86 ? 66  LEU A CG  1 
ATOM   402 C  CD1 . LEU A 1 51 ? 5.851   -2.677  -6.827  1.00 14.24 ? 66  LEU A CD1 1 
ATOM   403 C  CD2 . LEU A 1 51 ? 7.502   -3.466  -8.533  1.00 15.88 ? 66  LEU A CD2 1 
ATOM   404 N  N   . TYR A 1 52 ? 6.681   -8.594  -6.757  1.00 21.58 ? 67  TYR A N   1 
ATOM   405 C  CA  . TYR A 1 52 ? 7.035   -9.716  -5.895  1.00 23.48 ? 67  TYR A CA  1 
ATOM   406 C  C   . TYR A 1 52 ? 8.000   -10.661 -6.571  1.00 25.42 ? 67  TYR A C   1 
ATOM   407 O  O   . TYR A 1 52 ? 7.957   -10.849 -7.797  1.00 25.50 ? 67  TYR A O   1 
ATOM   408 C  CB  . TYR A 1 52 ? 5.795   -10.474 -5.406  1.00 22.92 ? 67  TYR A CB  1 
ATOM   409 C  CG  . TYR A 1 52 ? 4.912   -11.000 -6.511  1.00 22.15 ? 67  TYR A CG  1 
ATOM   410 C  CD1 . TYR A 1 52 ? 5.029   -12.315 -6.956  1.00 22.45 ? 67  TYR A CD1 1 
ATOM   411 C  CD2 . TYR A 1 52 ? 3.968   -10.178 -7.122  1.00 20.65 ? 67  TYR A CD2 1 
ATOM   412 C  CE1 . TYR A 1 52 ? 4.216   -12.800 -7.965  1.00 22.91 ? 67  TYR A CE1 1 
ATOM   413 C  CE2 . TYR A 1 52 ? 3.155   -10.654 -8.134  1.00 22.06 ? 67  TYR A CE2 1 
ATOM   414 C  CZ  . TYR A 1 52 ? 3.283   -11.964 -8.550  1.00 23.48 ? 67  TYR A CZ  1 
ATOM   415 O  OH  . TYR A 1 52 ? 2.480   -12.439 -9.563  1.00 26.32 ? 67  TYR A OH  1 
ATOM   416 N  N   . ASP A 1 53 ? 8.873   -11.242 -5.745  1.00 27.97 ? 68  ASP A N   1 
ATOM   417 C  CA  . ASP A 1 53 ? 9.834   -12.247 -6.172  1.00 29.80 ? 68  ASP A CA  1 
ATOM   418 C  C   . ASP A 1 53 ? 9.111   -13.469 -6.734  1.00 30.74 ? 68  ASP A C   1 
ATOM   419 O  O   . ASP A 1 53 ? 8.249   -14.060 -6.079  1.00 30.68 ? 68  ASP A O   1 
ATOM   420 C  CB  . ASP A 1 53 ? 10.746  -12.653 -5.003  1.00 30.35 ? 68  ASP A CB  1 
ATOM   421 C  CG  . ASP A 1 53 ? 12.009  -13.407 -5.458  1.00 31.78 ? 68  ASP A CG  1 
ATOM   422 O  OD1 . ASP A 1 53 ? 12.978  -13.486 -4.673  1.00 32.61 ? 68  ASP A OD1 1 
ATOM   423 O  OD2 . ASP A 1 53 ? 12.041  -13.917 -6.599  1.00 35.68 ? 68  ASP A OD2 1 
ATOM   424 N  N   . GLU A 1 54 ? 9.493   -13.836 -7.954  1.00 31.65 ? 69  GLU A N   1 
ATOM   425 C  CA  . GLU A 1 54 ? 8.944   -14.986 -8.671  1.00 32.18 ? 69  GLU A CA  1 
ATOM   426 C  C   . GLU A 1 54 ? 9.092   -16.311 -7.908  1.00 31.93 ? 69  GLU A C   1 
ATOM   427 O  O   . GLU A 1 54 ? 8.242   -17.199 -8.025  1.00 31.85 ? 69  GLU A O   1 
ATOM   428 C  CB  . GLU A 1 54 ? 9.634   -15.103 -10.032 1.00 32.78 ? 69  GLU A CB  1 
ATOM   429 C  CG  . GLU A 1 54 ? 9.692   -13.798 -10.827 1.00 35.20 ? 69  GLU A CG  1 
ATOM   430 C  CD  . GLU A 1 54 ? 11.063  -13.544 -11.437 1.00 38.76 ? 69  GLU A CD  1 
ATOM   431 O  OE1 . GLU A 1 54 ? 11.212  -13.722 -12.666 1.00 40.58 ? 69  GLU A OE1 1 
ATOM   432 O  OE2 . GLU A 1 54 ? 11.993  -13.166 -10.687 1.00 40.25 ? 69  GLU A OE2 1 
ATOM   433 N  N   . LYS A 1 55 ? 10.169  -16.430 -7.134  1.00 31.58 ? 70  LYS A N   1 
ATOM   434 C  CA  . LYS A 1 55 ? 10.469  -17.646 -6.384  1.00 31.31 ? 70  LYS A CA  1 
ATOM   435 C  C   . LYS A 1 55 ? 10.181  -17.542 -4.888  1.00 30.83 ? 70  LYS A C   1 
ATOM   436 O  O   . LYS A 1 55 ? 9.995   -18.558 -4.220  1.00 31.84 ? 70  LYS A O   1 
ATOM   437 C  CB  . LYS A 1 55 ? 11.925  -18.059 -6.605  1.00 31.69 ? 70  LYS A CB  1 
ATOM   438 C  CG  . LYS A 1 55 ? 12.181  -18.756 -7.931  1.00 33.16 ? 70  LYS A CG  1 
ATOM   439 C  CD  . LYS A 1 55 ? 11.475  -20.120 -8.018  1.00 35.32 ? 70  LYS A CD  1 
ATOM   440 C  CE  . LYS A 1 55 ? 12.191  -21.195 -7.214  1.00 36.85 ? 70  LYS A CE  1 
ATOM   441 N  NZ  . LYS A 1 55 ? 11.578  -22.543 -7.426  1.00 38.50 ? 70  LYS A NZ  1 
ATOM   442 N  N   . GLN A 1 56 ? 10.169  -16.323 -4.360  1.00 29.84 ? 71  GLN A N   1 
ATOM   443 C  CA  . GLN A 1 56 ? 9.805   -16.094 -2.964  1.00 28.57 ? 71  GLN A CA  1 
ATOM   444 C  C   . GLN A 1 56 ? 8.675   -15.075 -2.967  1.00 27.55 ? 71  GLN A C   1 
ATOM   445 O  O   . GLN A 1 56 ? 8.852   -13.891 -2.667  1.00 26.97 ? 71  GLN A O   1 
ATOM   446 C  CB  . GLN A 1 56 ? 11.013  -15.650 -2.132  1.00 28.99 ? 71  GLN A CB  1 
ATOM   447 C  CG  . GLN A 1 56 ? 12.053  -16.766 -1.950  1.00 30.26 ? 71  GLN A CG  1 
ATOM   448 C  CD  . GLN A 1 56 ? 13.241  -16.361 -1.104  1.00 32.26 ? 71  GLN A CD  1 
ATOM   449 O  OE1 . GLN A 1 56 ? 13.445  -15.181 -0.805  1.00 32.72 ? 71  GLN A OE1 1 
ATOM   450 N  NE2 . GLN A 1 56 ? 14.042  -17.350 -0.709  1.00 33.01 ? 71  GLN A NE2 1 
ATOM   451 N  N   . GLN A 1 57 ? 7.491   -15.573 -3.298  1.00 26.29 ? 72  GLN A N   1 
ATOM   452 C  CA  . GLN A 1 57 ? 6.393   -14.715 -3.738  1.00 25.41 ? 72  GLN A CA  1 
ATOM   453 C  C   . GLN A 1 57 ? 5.771   -13.827 -2.673  1.00 24.41 ? 72  GLN A C   1 
ATOM   454 O  O   . GLN A 1 57 ? 5.026   -12.909 -3.009  1.00 24.34 ? 72  GLN A O   1 
ATOM   455 C  CB  . GLN A 1 57 ? 5.350   -15.532 -4.500  1.00 25.54 ? 72  GLN A CB  1 
ATOM   456 C  CG  . GLN A 1 57 ? 5.954   -16.211 -5.723  1.00 26.95 ? 72  GLN A CG  1 
ATOM   457 C  CD  . GLN A 1 57 ? 4.924   -16.680 -6.712  1.00 29.79 ? 72  GLN A CD  1 
ATOM   458 O  OE1 . GLN A 1 57 ? 3.936   -17.305 -6.338  1.00 31.68 ? 72  GLN A OE1 1 
ATOM   459 N  NE2 . GLN A 1 57 ? 5.152   -16.392 -7.989  1.00 29.75 ? 72  GLN A NE2 1 
ATOM   460 N  N   . HIS A 1 58 ? 6.094   -14.073 -1.406  1.00 22.83 ? 73  HIS A N   1 
ATOM   461 C  CA  . HIS A 1 58 ? 5.608   -13.206 -0.334  1.00 22.37 ? 73  HIS A CA  1 
ATOM   462 C  C   . HIS A 1 58 ? 6.456   -11.947 -0.139  1.00 20.97 ? 73  HIS A C   1 
ATOM   463 O  O   . HIS A 1 58 ? 6.037   -11.027 0.559   1.00 21.05 ? 73  HIS A O   1 
ATOM   464 C  CB  . HIS A 1 58 ? 5.451   -13.973 0.983   1.00 22.95 ? 73  HIS A CB  1 
ATOM   465 C  CG  . HIS A 1 58 ? 4.348   -14.987 0.949   1.00 25.50 ? 73  HIS A CG  1 
ATOM   466 N  ND1 . HIS A 1 58 ? 4.463   -16.236 1.523   1.00 28.45 ? 73  HIS A ND1 1 
ATOM   467 C  CD2 . HIS A 1 58 ? 3.115   -14.940 0.390   1.00 26.95 ? 73  HIS A CD2 1 
ATOM   468 C  CE1 . HIS A 1 58 ? 3.343   -16.912 1.327   1.00 28.72 ? 73  HIS A CE1 1 
ATOM   469 N  NE2 . HIS A 1 58 ? 2.508   -16.147 0.642   1.00 28.45 ? 73  HIS A NE2 1 
ATOM   470 N  N   . ILE A 1 59 ? 7.629   -11.901 -0.763  1.00 19.34 ? 74  ILE A N   1 
ATOM   471 C  CA  . ILE A 1 59 ? 8.508   -10.736 -0.623  1.00 18.50 ? 74  ILE A CA  1 
ATOM   472 C  C   . ILE A 1 59 ? 8.328   -9.772  -1.788  1.00 17.57 ? 74  ILE A C   1 
ATOM   473 O  O   . ILE A 1 59 ? 8.488   -10.152 -2.956  1.00 16.49 ? 74  ILE A O   1 
ATOM   474 C  CB  . ILE A 1 59 ? 10.002  -11.126 -0.486  1.00 19.22 ? 74  ILE A CB  1 
ATOM   475 C  CG1 . ILE A 1 59 ? 10.179  -12.225 0.573   1.00 20.91 ? 74  ILE A CG1 1 
ATOM   476 C  CG2 . ILE A 1 59 ? 10.858  -9.889  -0.124  1.00 18.99 ? 74  ILE A CG2 1 
ATOM   477 C  CD1 . ILE A 1 59 ? 9.674   -11.843 1.968   1.00 23.28 ? 74  ILE A CD1 1 
ATOM   478 N  N   . VAL A 1 60 ? 7.987   -8.533  -1.444  1.00 16.21 ? 75  VAL A N   1 
ATOM   479 C  CA  . VAL A 1 60 ? 7.815   -7.451  -2.397  1.00 16.25 ? 75  VAL A CA  1 
ATOM   480 C  C   . VAL A 1 60 ? 9.103   -6.639  -2.443  1.00 16.43 ? 75  VAL A C   1 
ATOM   481 O  O   . VAL A 1 60 ? 9.584   -6.189  -1.411  1.00 16.87 ? 75  VAL A O   1 
ATOM   482 C  CB  . VAL A 1 60 ? 6.646   -6.526  -1.988  1.00 15.75 ? 75  VAL A CB  1 
ATOM   483 C  CG1 . VAL A 1 60 ? 6.568   -5.310  -2.898  1.00 15.71 ? 75  VAL A CG1 1 
ATOM   484 C  CG2 . VAL A 1 60 ? 5.324   -7.295  -2.027  1.00 16.49 ? 75  VAL A CG2 1 
ATOM   485 N  N   . TYR A 1 61 ? 9.648   -6.457  -3.641  1.00 16.45 ? 76  TYR A N   1 
ATOM   486 C  CA  . TYR A 1 61 ? 10.872  -5.681  -3.825  1.00 17.20 ? 76  TYR A CA  1 
ATOM   487 C  C   . TYR A 1 61 ? 10.515  -4.357  -4.483  1.00 17.01 ? 76  TYR A C   1 
ATOM   488 O  O   . TYR A 1 61 ? 9.909   -4.339  -5.551  1.00 17.33 ? 76  TYR A O   1 
ATOM   489 C  CB  . TYR A 1 61 ? 11.880  -6.452  -4.671  1.00 17.13 ? 76  TYR A CB  1 
ATOM   490 C  CG  . TYR A 1 61 ? 12.511  -7.582  -3.897  1.00 18.27 ? 76  TYR A CG  1 
ATOM   491 C  CD1 . TYR A 1 61 ? 13.595  -7.349  -3.053  1.00 18.30 ? 76  TYR A CD1 1 
ATOM   492 C  CD2 . TYR A 1 61 ? 11.994  -8.876  -3.969  1.00 18.79 ? 76  TYR A CD2 1 
ATOM   493 C  CE1 . TYR A 1 61 ? 14.166  -8.374  -2.322  1.00 17.95 ? 76  TYR A CE1 1 
ATOM   494 C  CE2 . TYR A 1 61 ? 12.567  -9.915  -3.238  1.00 18.91 ? 76  TYR A CE2 1 
ATOM   495 C  CZ  . TYR A 1 61 ? 13.650  -9.648  -2.421  1.00 18.81 ? 76  TYR A CZ  1 
ATOM   496 O  OH  . TYR A 1 61 ? 14.224  -10.646 -1.689  1.00 20.09 ? 76  TYR A OH  1 
ATOM   497 N  N   . CYS A 1 62 ? 10.887  -3.261  -3.833  1.00 16.92 ? 77  CYS A N   1 
ATOM   498 C  CA  . CYS A 1 62 ? 10.438  -1.934  -4.263  1.00 17.29 ? 77  CYS A CA  1 
ATOM   499 C  C   . CYS A 1 62 ? 11.521  -0.849  -4.264  1.00 16.90 ? 77  CYS A C   1 
ATOM   500 O  O   . CYS A 1 62 ? 11.216  0.343   -4.372  1.00 16.47 ? 77  CYS A O   1 
ATOM   501 C  CB  . CYS A 1 62 ? 9.226   -1.501  -3.421  1.00 17.36 ? 77  CYS A CB  1 
ATOM   502 S  SG  . CYS A 1 62 ? 9.450   -1.652  -1.620  1.00 19.46 ? 77  CYS A SG  1 
ATOM   503 N  N   . SER A 1 63 ? 12.784  -1.260  -4.185  1.00 17.20 ? 78  SER A N   1 
ATOM   504 C  CA  . SER A 1 63 ? 13.911  -0.318  -4.144  1.00 18.24 ? 78  SER A CA  1 
ATOM   505 C  C   . SER A 1 63 ? 14.004  0.577   -5.394  1.00 17.87 ? 78  SER A C   1 
ATOM   506 O  O   . SER A 1 63 ? 14.493  1.710   -5.329  1.00 19.03 ? 78  SER A O   1 
ATOM   507 C  CB  . SER A 1 63 ? 15.234  -1.072  -3.951  1.00 18.41 ? 78  SER A CB  1 
ATOM   508 O  OG  . SER A 1 63 ? 15.606  -1.738  -5.155  1.00 20.50 ? 78  SER A OG  1 
ATOM   509 N  N   . ASN A 1 64 ? 13.538  0.068   -6.527  1.00 17.05 ? 79  ASN A N   1 
ATOM   510 C  CA  . ASN A 1 64 ? 13.576  0.812   -7.777  1.00 16.24 ? 79  ASN A CA  1 
ATOM   511 C  C   . ASN A 1 64 ? 12.172  1.216   -8.217  1.00 15.49 ? 79  ASN A C   1 
ATOM   512 O  O   . ASN A 1 64 ? 11.896  1.342   -9.411  1.00 15.39 ? 79  ASN A O   1 
ATOM   513 C  CB  . ASN A 1 64 ? 14.263  -0.017  -8.871  1.00 16.43 ? 79  ASN A CB  1 
ATOM   514 C  CG  . ASN A 1 64 ? 13.609  -1.359  -9.075  1.00 16.95 ? 79  ASN A CG  1 
ATOM   515 O  OD1 . ASN A 1 64 ? 12.486  -1.599  -8.612  1.00 17.39 ? 79  ASN A OD1 1 
ATOM   516 N  ND2 . ASN A 1 64 ? 14.302  -2.249  -9.773  1.00 17.99 ? 79  ASN A ND2 1 
ATOM   517 N  N   . ASP A 1 65 ? 11.299  1.447   -7.240  1.00 14.66 ? 80  ASP A N   1 
ATOM   518 C  CA  . ASP A 1 65 ? 9.901   1.778   -7.511  1.00 14.11 ? 80  ASP A CA  1 
ATOM   519 C  C   . ASP A 1 65 ? 9.442   2.915   -6.610  1.00 14.24 ? 80  ASP A C   1 
ATOM   520 O  O   . ASP A 1 65 ? 9.979   3.102   -5.508  1.00 14.47 ? 80  ASP A O   1 
ATOM   521 C  CB  . ASP A 1 65 ? 9.036   0.542   -7.273  1.00 14.20 ? 80  ASP A CB  1 
ATOM   522 C  CG  . ASP A 1 65 ? 7.661   0.664   -7.902  1.00 14.28 ? 80  ASP A CG  1 
ATOM   523 O  OD1 . ASP A 1 65 ? 7.490   0.211   -9.055  1.00 13.64 ? 80  ASP A OD1 1 
ATOM   524 O  OD2 . ASP A 1 65 ? 6.765   1.234   -7.258  1.00 14.49 ? 80  ASP A OD2 1 
ATOM   525 N  N   . LEU A 1 66 ? 8.449   3.675   -7.070  1.00 14.05 ? 81  LEU A N   1 
ATOM   526 C  CA  . LEU A 1 66 ? 7.836   4.703   -6.225  1.00 14.55 ? 81  LEU A CA  1 
ATOM   527 C  C   . LEU A 1 66 ? 7.334   4.135   -4.894  1.00 14.15 ? 81  LEU A C   1 
ATOM   528 O  O   . LEU A 1 66 ? 7.378   4.819   -3.872  1.00 13.69 ? 81  LEU A O   1 
ATOM   529 C  CB  . LEU A 1 66 ? 6.668   5.376   -6.943  1.00 15.47 ? 81  LEU A CB  1 
ATOM   530 C  CG  . LEU A 1 66 ? 5.873   6.453   -6.194  1.00 17.32 ? 81  LEU A CG  1 
ATOM   531 C  CD1 . LEU A 1 66 ? 6.785   7.557   -5.636  1.00 20.38 ? 81  LEU A CD1 1 
ATOM   532 C  CD2 . LEU A 1 66 ? 4.801   7.016   -7.098  1.00 20.47 ? 81  LEU A CD2 1 
ATOM   533 N  N   . LEU A 1 67 ? 6.868   2.888   -4.906  1.00 14.09 ? 82  LEU A N   1 
ATOM   534 C  CA  . LEU A 1 67 ? 6.424   2.244   -3.663  1.00 14.00 ? 82  LEU A CA  1 
ATOM   535 C  C   . LEU A 1 67 ? 7.526   2.249   -2.593  1.00 14.63 ? 82  LEU A C   1 
ATOM   536 O  O   . LEU A 1 67 ? 7.243   2.438   -1.408  1.00 13.88 ? 82  LEU A O   1 
ATOM   537 C  CB  . LEU A 1 67 ? 5.895   0.817   -3.927  1.00 14.05 ? 82  LEU A CB  1 
ATOM   538 C  CG  . LEU A 1 67 ? 5.352   0.022   -2.724  1.00 13.80 ? 82  LEU A CG  1 
ATOM   539 C  CD1 . LEU A 1 67 ? 4.135   0.686   -2.098  1.00 15.40 ? 82  LEU A CD1 1 
ATOM   540 C  CD2 . LEU A 1 67 ? 5.040   -1.425  -3.099  1.00 14.89 ? 82  LEU A CD2 1 
ATOM   541 N  N   . GLY A 1 68 ? 8.781   2.065   -3.007  1.00 15.54 ? 83  GLY A N   1 
ATOM   542 C  CA  . GLY A 1 68 ? 9.905   2.106   -2.064  1.00 16.78 ? 83  GLY A CA  1 
ATOM   543 C  C   . GLY A 1 68 ? 10.152  3.491   -1.480  1.00 17.96 ? 83  GLY A C   1 
ATOM   544 O  O   . GLY A 1 68 ? 10.583  3.610   -0.324  1.00 18.36 ? 83  GLY A O   1 
ATOM   545 N  N   . ASP A 1 69 ? 9.904   4.532   -2.277  1.00 19.09 ? 84  ASP A N   1 
ATOM   546 C  CA  . ASP A 1 69 ? 9.940   5.922   -1.783  1.00 20.38 ? 84  ASP A CA  1 
ATOM   547 C  C   . ASP A 1 69 ? 8.838   6.158   -0.755  1.00 20.33 ? 84  ASP A C   1 
ATOM   548 O  O   . ASP A 1 69 ? 9.056   6.793   0.284   1.00 20.46 ? 84  ASP A O   1 
ATOM   549 C  CB  . ASP A 1 69 ? 9.756   6.930   -2.923  1.00 21.34 ? 84  ASP A CB  1 
ATOM   550 C  CG  . ASP A 1 69 ? 10.691  6.692   -4.087  1.00 24.59 ? 84  ASP A CG  1 
ATOM   551 O  OD1 . ASP A 1 69 ? 11.836  6.242   -3.871  1.00 28.63 ? 84  ASP A OD1 1 
ATOM   552 O  OD2 . ASP A 1 69 ? 10.268  6.966   -5.234  1.00 29.51 ? 84  ASP A OD2 1 
ATOM   553 N  N   . LEU A 1 70 ? 7.650   5.641   -1.059  1.00 19.94 ? 85  LEU A N   1 
ATOM   554 C  CA  . LEU A 1 70 ? 6.474   5.754   -0.197  1.00 20.10 ? 85  LEU A CA  1 
ATOM   555 C  C   . LEU A 1 70 ? 6.719   5.077   1.154   1.00 19.81 ? 85  LEU A C   1 
ATOM   556 O  O   . LEU A 1 70 ? 6.458   5.665   2.210   1.00 19.62 ? 85  LEU A O   1 
ATOM   557 C  CB  . LEU A 1 70 ? 5.276   5.112   -0.910  1.00 20.71 ? 85  LEU A CB  1 
ATOM   558 C  CG  . LEU A 1 70 ? 3.829   5.345   -0.497  1.00 22.81 ? 85  LEU A CG  1 
ATOM   559 C  CD1 . LEU A 1 70 ? 3.421   6.743   -0.876  1.00 25.83 ? 85  LEU A CD1 1 
ATOM   560 C  CD2 . LEU A 1 70 ? 2.941   4.344   -1.227  1.00 25.06 ? 85  LEU A CD2 1 
ATOM   561 N  N   . PHE A 1 71 ? 7.256   3.859   1.113   1.00 19.00 ? 86  PHE A N   1 
ATOM   562 C  CA  . PHE A 1 71 ? 7.396   3.020   2.310   1.00 19.29 ? 86  PHE A CA  1 
ATOM   563 C  C   . PHE A 1 71 ? 8.729   3.166   3.046   1.00 19.53 ? 86  PHE A C   1 
ATOM   564 O  O   . PHE A 1 71 ? 8.857   2.746   4.207   1.00 20.50 ? 86  PHE A O   1 
ATOM   565 C  CB  . PHE A 1 71 ? 7.156   1.548   1.944   1.00 18.78 ? 86  PHE A CB  1 
ATOM   566 C  CG  . PHE A 1 71 ? 5.692   1.173   1.814   1.00 18.71 ? 86  PHE A CG  1 
ATOM   567 C  CD1 . PHE A 1 71 ? 4.685   2.141   1.874   1.00 17.75 ? 86  PHE A CD1 1 
ATOM   568 C  CD2 . PHE A 1 71 ? 5.334   -0.157  1.600   1.00 18.44 ? 86  PHE A CD2 1 
ATOM   569 C  CE1 . PHE A 1 71 ? 3.342   1.786   1.753   1.00 17.75 ? 86  PHE A CE1 1 
ATOM   570 C  CE2 . PHE A 1 71 ? 4.001   -0.527  1.475   1.00 18.77 ? 86  PHE A CE2 1 
ATOM   571 C  CZ  . PHE A 1 71 ? 2.997   0.448   1.546   1.00 18.72 ? 86  PHE A CZ  1 
ATOM   572 N  N   . GLY A 1 72 ? 9.719   3.739   2.372   1.00 20.07 ? 87  GLY A N   1 
ATOM   573 C  CA  . GLY A 1 72 ? 11.059  3.927   2.955   1.00 20.22 ? 87  GLY A CA  1 
ATOM   574 C  C   . GLY A 1 72 ? 11.860  2.654   3.187   1.00 20.54 ? 87  GLY A C   1 
ATOM   575 O  O   . GLY A 1 72 ? 12.765  2.628   4.038   1.00 20.87 ? 87  GLY A O   1 
ATOM   576 N  N   . VAL A 1 73 ? 11.539  1.599   2.437   1.00 20.04 ? 88  VAL A N   1 
ATOM   577 C  CA  . VAL A 1 73 ? 12.248  0.318   2.513   1.00 20.44 ? 88  VAL A CA  1 
ATOM   578 C  C   . VAL A 1 73 ? 12.551  -0.209  1.095   1.00 20.25 ? 88  VAL A C   1 
ATOM   579 O  O   . VAL A 1 73 ? 11.855  0.166   0.142   1.00 19.90 ? 88  VAL A O   1 
ATOM   580 C  CB  . VAL A 1 73 ? 11.470  -0.766  3.333   1.00 20.96 ? 88  VAL A CB  1 
ATOM   581 C  CG1 . VAL A 1 73 ? 11.357  -0.376  4.807   1.00 22.07 ? 88  VAL A CG1 1 
ATOM   582 C  CG2 . VAL A 1 73 ? 10.091  -1.051  2.732   1.00 21.35 ? 88  VAL A CG2 1 
ATOM   583 N  N   . PRO A 1 74 ? 13.597  -1.053  0.948   1.00 20.19 ? 89  PRO A N   1 
ATOM   584 C  CA  . PRO A 1 74 ? 13.874  -1.688  -0.351  1.00 20.07 ? 89  PRO A CA  1 
ATOM   585 C  C   . PRO A 1 74 ? 12.999  -2.908  -0.624  1.00 20.03 ? 89  PRO A C   1 
ATOM   586 O  O   . PRO A 1 74 ? 12.840  -3.306  -1.784  1.00 19.72 ? 89  PRO A O   1 
ATOM   587 C  CB  . PRO A 1 74 ? 15.342  -2.113  -0.227  1.00 20.10 ? 89  PRO A CB  1 
ATOM   588 C  CG  . PRO A 1 74 ? 15.547  -2.329  1.240   1.00 20.43 ? 89  PRO A CG  1 
ATOM   589 C  CD  . PRO A 1 74 ? 14.692  -1.286  1.916   1.00 20.30 ? 89  PRO A CD  1 
ATOM   590 N  N   . SER A 1 75 ? 12.446  -3.481  0.441   1.00 20.27 ? 90  SER A N   1 
ATOM   591 C  CA  . SER A 1 75 ? 11.626  -4.699  0.378   1.00 20.70 ? 90  SER A CA  1 
ATOM   592 C  C   . SER A 1 75 ? 10.881  -4.933  1.691   1.00 20.53 ? 90  SER A C   1 
ATOM   593 O  O   . SER A 1 75 ? 11.243  -4.373  2.724   1.00 20.73 ? 90  SER A O   1 
ATOM   594 C  CB  . SER A 1 75 ? 12.482  -5.921  0.037   1.00 21.14 ? 90  SER A CB  1 
ATOM   595 O  OG  . SER A 1 75 ? 13.324  -6.281  1.116   1.00 22.34 ? 90  SER A OG  1 
ATOM   596 N  N   . PHE A 1 76 ? 9.834   -5.752  1.629   1.00 20.50 ? 91  PHE A N   1 
ATOM   597 C  CA  . PHE A 1 76 ? 9.058   -6.174  2.802   1.00 20.54 ? 91  PHE A CA  1 
ATOM   598 C  C   . PHE A 1 76 ? 8.281   -7.451  2.466   1.00 20.73 ? 91  PHE A C   1 
ATOM   599 O  O   . PHE A 1 76 ? 8.043   -7.763  1.295   1.00 20.82 ? 91  PHE A O   1 
ATOM   600 C  CB  . PHE A 1 76 ? 8.092   -5.071  3.266   1.00 20.10 ? 91  PHE A CB  1 
ATOM   601 C  CG  . PHE A 1 76 ? 7.018   -4.727  2.255   1.00 19.16 ? 91  PHE A CG  1 
ATOM   602 C  CD1 . PHE A 1 76 ? 5.765   -5.334  2.311   1.00 17.77 ? 91  PHE A CD1 1 
ATOM   603 C  CD2 . PHE A 1 76 ? 7.261   -3.790  1.250   1.00 18.43 ? 91  PHE A CD2 1 
ATOM   604 C  CE1 . PHE A 1 76 ? 4.773   -5.031  1.372   1.00 16.70 ? 91  PHE A CE1 1 
ATOM   605 C  CE2 . PHE A 1 76 ? 6.274   -3.467  0.319   1.00 18.84 ? 91  PHE A CE2 1 
ATOM   606 C  CZ  . PHE A 1 76 ? 5.020   -4.093  0.381   1.00 18.29 ? 91  PHE A CZ  1 
ATOM   607 N  N   . SER A 1 77 ? 7.885   -8.181  3.500   1.00 21.47 ? 92  SER A N   1 
ATOM   608 C  CA  . SER A 1 77 ? 7.035   -9.356  3.332   1.00 21.69 ? 92  SER A CA  1 
ATOM   609 C  C   . SER A 1 77 ? 5.574   -8.977  3.497   1.00 21.86 ? 92  SER A C   1 
ATOM   610 O  O   . SER A 1 77 ? 5.231   -8.192  4.376   1.00 22.26 ? 92  SER A O   1 
ATOM   611 C  CB  . SER A 1 77 ? 7.404   -10.435 4.350   1.00 21.62 ? 92  SER A CB  1 
ATOM   612 O  OG  . SER A 1 77 ? 6.569   -11.571 4.203   1.00 22.82 ? 92  SER A OG  1 
ATOM   613 N  N   . VAL A 1 78 ? 4.712   -9.544  2.656   1.00 22.33 ? 93  VAL A N   1 
ATOM   614 C  CA  . VAL A 1 78 ? 3.273   -9.304  2.756   1.00 22.81 ? 93  VAL A CA  1 
ATOM   615 C  C   . VAL A 1 78 ? 2.720   -9.881  4.061   1.00 23.60 ? 93  VAL A C   1 
ATOM   616 O  O   . VAL A 1 78 ? 1.631   -9.525  4.492   1.00 23.23 ? 93  VAL A O   1 
ATOM   617 C  CB  . VAL A 1 78 ? 2.497   -9.844  1.534   1.00 22.86 ? 93  VAL A CB  1 
ATOM   618 C  CG1 . VAL A 1 78 ? 2.917   -9.095  0.275   1.00 22.49 ? 93  VAL A CG1 1 
ATOM   619 C  CG2 . VAL A 1 78 ? 2.707   -11.368 1.369   1.00 23.00 ? 93  VAL A CG2 1 
ATOM   620 N  N   . LYS A 1 79 ? 3.501   -10.752 4.691   1.00 24.75 ? 94  LYS A N   1 
ATOM   621 C  CA  . LYS A 1 79 ? 3.119   -11.361 5.958   1.00 26.26 ? 94  LYS A CA  1 
ATOM   622 C  C   . LYS A 1 79 ? 3.328   -10.412 7.148   1.00 26.83 ? 94  LYS A C   1 
ATOM   623 O  O   . LYS A 1 79 ? 2.818   -10.666 8.240   1.00 26.85 ? 94  LYS A O   1 
ATOM   624 C  CB  . LYS A 1 79 ? 3.876   -12.681 6.157   1.00 26.62 ? 94  LYS A CB  1 
ATOM   625 C  CG  . LYS A 1 79 ? 3.551   -13.755 5.116   1.00 28.43 ? 94  LYS A CG  1 
ATOM   626 C  CD  . LYS A 1 79 ? 2.141   -14.313 5.286   1.00 32.08 ? 94  LYS A CD  1 
ATOM   627 C  CE  . LYS A 1 79 ? 1.886   -15.442 4.292   1.00 33.63 ? 94  LYS A CE  1 
ATOM   628 N  NZ  . LYS A 1 79 ? 0.576   -16.114 4.509   1.00 35.86 ? 94  LYS A NZ  1 
ATOM   629 N  N   . GLU A 1 80 ? 4.070   -9.325  6.930   1.00 27.47 ? 95  GLU A N   1 
ATOM   630 C  CA  . GLU A 1 80 ? 4.347   -8.329  7.969   1.00 28.29 ? 95  GLU A CA  1 
ATOM   631 C  C   . GLU A 1 80 ? 3.199   -7.323  8.063   1.00 28.14 ? 95  GLU A C   1 
ATOM   632 O  O   . GLU A 1 80 ? 3.342   -6.155  7.689   1.00 27.83 ? 95  GLU A O   1 
ATOM   633 C  CB  . GLU A 1 80 ? 5.675   -7.614  7.685   1.00 28.43 ? 95  GLU A CB  1 
ATOM   634 C  CG  . GLU A 1 80 ? 6.914   -8.506  7.771   1.00 30.65 ? 95  GLU A CG  1 
ATOM   635 C  CD  . GLU A 1 80 ? 8.187   -7.790  7.332   1.00 32.73 ? 95  GLU A CD  1 
ATOM   636 O  OE1 . GLU A 1 80 ? 8.998   -7.428  8.206   1.00 34.65 ? 95  GLU A OE1 1 
ATOM   637 O  OE2 . GLU A 1 80 ? 8.380   -7.574  6.117   1.00 33.56 ? 95  GLU A OE2 1 
ATOM   638 N  N   . HIS A 1 81 ? 2.066   -7.786  8.582   1.00 28.19 ? 96  HIS A N   1 
ATOM   639 C  CA  . HIS A 1 81 ? 0.809   -7.031  8.541   1.00 28.30 ? 96  HIS A CA  1 
ATOM   640 C  C   . HIS A 1 81 ? 0.818   -5.715  9.312   1.00 27.85 ? 96  HIS A C   1 
ATOM   641 O  O   . HIS A 1 81 ? 0.300   -4.708  8.826   1.00 27.42 ? 96  HIS A O   1 
ATOM   642 C  CB  . HIS A 1 81 ? -0.365  -7.914  8.973   1.00 28.81 ? 96  HIS A CB  1 
ATOM   643 C  CG  . HIS A 1 81 ? -0.464  -9.192  8.202   1.00 30.22 ? 96  HIS A CG  1 
ATOM   644 N  ND1 . HIS A 1 81 ? -0.553  -10.425 8.811   1.00 31.87 ? 96  HIS A ND1 1 
ATOM   645 C  CD2 . HIS A 1 81 ? -0.455  -9.430  6.869   1.00 31.40 ? 96  HIS A CD2 1 
ATOM   646 C  CE1 . HIS A 1 81 ? -0.602  -11.367 7.885   1.00 32.56 ? 96  HIS A CE1 1 
ATOM   647 N  NE2 . HIS A 1 81 ? -0.547  -10.789 6.698   1.00 32.39 ? 96  HIS A NE2 1 
ATOM   648 N  N   . ARG A 1 82 ? 1.389   -5.730  10.517  1.00 27.30 ? 97  ARG A N   1 
ATOM   649 C  CA  . ARG A 1 82 ? 1.498   -4.519  11.319  1.00 27.04 ? 97  ARG A CA  1 
ATOM   650 C  C   . ARG A 1 82 ? 2.379   -3.479  10.640  1.00 25.86 ? 97  ARG A C   1 
ATOM   651 O  O   . ARG A 1 82 ? 2.041   -2.300  10.613  1.00 25.89 ? 97  ARG A O   1 
ATOM   652 C  CB  . ARG A 1 82 ? 2.029   -4.836  12.719  1.00 27.44 ? 97  ARG A CB  1 
ATOM   653 C  CG  . ARG A 1 82 ? 0.964   -4.811  13.796  1.00 30.05 ? 97  ARG A CG  1 
ATOM   654 C  CD  . ARG A 1 82 ? 1.598   -4.830  15.188  1.00 33.27 ? 97  ARG A CD  1 
ATOM   655 N  NE  . ARG A 1 82 ? 1.349   -6.076  15.914  1.00 36.90 ? 97  ARG A NE  1 
ATOM   656 C  CZ  . ARG A 1 82 ? 1.838   -6.357  17.122  1.00 37.76 ? 97  ARG A CZ  1 
ATOM   657 N  NH1 . ARG A 1 82 ? 2.633   -5.495  17.747  1.00 37.58 ? 97  ARG A NH1 1 
ATOM   658 N  NH2 . ARG A 1 82 ? 1.541   -7.512  17.705  1.00 39.45 ? 97  ARG A NH2 1 
ATOM   659 N  N   . LYS A 1 83 ? 3.504   -3.937  10.097  1.00 24.75 ? 98  LYS A N   1 
ATOM   660 C  CA  . LYS A 1 83 ? 4.446   -3.099  9.358   1.00 23.70 ? 98  LYS A CA  1 
ATOM   661 C  C   . LYS A 1 83 ? 3.768   -2.432  8.150   1.00 22.42 ? 98  LYS A C   1 
ATOM   662 O  O   . LYS A 1 83 ? 3.944   -1.232  7.906   1.00 21.80 ? 98  LYS A O   1 
ATOM   663 C  CB  . LYS A 1 83 ? 5.627   -3.964  8.909   1.00 24.15 ? 98  LYS A CB  1 
ATOM   664 C  CG  . LYS A 1 83 ? 6.795   -3.210  8.273   1.00 25.85 ? 98  LYS A CG  1 
ATOM   665 C  CD  . LYS A 1 83 ? 7.880   -4.198  7.827   1.00 28.83 ? 98  LYS A CD  1 
ATOM   666 C  CE  . LYS A 1 83 ? 9.133   -3.496  7.323   1.00 31.15 ? 98  LYS A CE  1 
ATOM   667 N  NZ  . LYS A 1 83 ? 9.752   -2.623  8.369   1.00 32.87 ? 98  LYS A NZ  1 
ATOM   668 N  N   . ILE A 1 84 ? 3.001   -3.227  7.407   1.00 21.08 ? 99  ILE A N   1 
ATOM   669 C  CA  . ILE A 1 84 ? 2.262   -2.748  6.230   1.00 20.19 ? 99  ILE A CA  1 
ATOM   670 C  C   . ILE A 1 84 ? 1.252   -1.672  6.626   1.00 19.70 ? 99  ILE A C   1 
ATOM   671 O  O   . ILE A 1 84 ? 1.178   -0.622  5.992   1.00 18.66 ? 99  ILE A O   1 
ATOM   672 C  CB  . ILE A 1 84 ? 1.596   -3.927  5.474   1.00 20.14 ? 99  ILE A CB  1 
ATOM   673 C  CG1 . ILE A 1 84 ? 2.668   -4.750  4.759   1.00 20.20 ? 99  ILE A CG1 1 
ATOM   674 C  CG2 . ILE A 1 84 ? 0.527   -3.437  4.497   1.00 19.57 ? 99  ILE A CG2 1 
ATOM   675 C  CD1 . ILE A 1 84 ? 2.201   -6.126  4.320   1.00 22.63 ? 99  ILE A CD1 1 
ATOM   676 N  N   . TYR A 1 85 ? 0.497   -1.908  7.698   1.00 19.30 ? 100 TYR A N   1 
ATOM   677 C  CA  . TYR A 1 85 ? -0.386  -0.868  8.197   1.00 19.27 ? 100 TYR A CA  1 
ATOM   678 C  C   . TYR A 1 85 ? 0.363   0.412   8.534   1.00 18.46 ? 100 TYR A C   1 
ATOM   679 O  O   . TYR A 1 85 ? -0.081  1.485   8.166   1.00 17.82 ? 100 TYR A O   1 
ATOM   680 C  CB  . TYR A 1 85 ? -1.202  -1.337  9.404   1.00 19.89 ? 100 TYR A CB  1 
ATOM   681 C  CG  . TYR A 1 85 ? -2.525  -1.936  9.008   1.00 22.65 ? 100 TYR A CG  1 
ATOM   682 C  CD1 . TYR A 1 85 ? -2.635  -3.289  8.705   1.00 26.56 ? 100 TYR A CD1 1 
ATOM   683 C  CD2 . TYR A 1 85 ? -3.669  -1.148  8.922   1.00 25.60 ? 100 TYR A CD2 1 
ATOM   684 C  CE1 . TYR A 1 85 ? -3.857  -3.848  8.335   1.00 28.43 ? 100 TYR A CE1 1 
ATOM   685 C  CE2 . TYR A 1 85 ? -4.899  -1.702  8.548   1.00 28.26 ? 100 TYR A CE2 1 
ATOM   686 C  CZ  . TYR A 1 85 ? -4.976  -3.052  8.258   1.00 28.27 ? 100 TYR A CZ  1 
ATOM   687 O  OH  . TYR A 1 85 ? -6.182  -3.617  7.896   1.00 29.87 ? 100 TYR A OH  1 
ATOM   688 N  N   . THR A 1 86 ? 1.489   0.285   9.230   1.00 18.25 ? 101 THR A N   1 
ATOM   689 C  CA  . THR A 1 86 ? 2.276   1.440   9.653   1.00 17.74 ? 101 THR A CA  1 
ATOM   690 C  C   . THR A 1 86 ? 2.788   2.220   8.442   1.00 17.57 ? 101 THR A C   1 
ATOM   691 O  O   . THR A 1 86 ? 2.647   3.441   8.381   1.00 17.23 ? 101 THR A O   1 
ATOM   692 C  CB  . THR A 1 86 ? 3.421   0.997   10.587  1.00 18.29 ? 101 THR A CB  1 
ATOM   693 O  OG1 . THR A 1 86 ? 2.842   0.491   11.799  1.00 17.75 ? 101 THR A OG1 1 
ATOM   694 C  CG2 . THR A 1 86 ? 4.352   2.142   10.910  1.00 18.14 ? 101 THR A CG2 1 
ATOM   695 N  N   . MET A 1 87 ? 3.340   1.504   7.461   1.00 16.98 ? 102 MET A N   1 
ATOM   696 C  CA  . MET A 1 87 ? 3.892   2.167   6.273   1.00 17.22 ? 102 MET A CA  1 
ATOM   697 C  C   . MET A 1 87 ? 2.813   2.907   5.487   1.00 16.71 ? 102 MET A C   1 
ATOM   698 O  O   . MET A 1 87 ? 3.041   4.014   4.997   1.00 16.83 ? 102 MET A O   1 
ATOM   699 C  CB  . MET A 1 87 ? 4.650   1.177   5.385   1.00 17.28 ? 102 MET A CB  1 
ATOM   700 C  CG  . MET A 1 87 ? 5.921   0.617   6.042   1.00 18.79 ? 102 MET A CG  1 
ATOM   701 S  SD  . MET A 1 87 ? 6.827   -0.550  5.000   1.00 21.16 ? 102 MET A SD  1 
ATOM   702 C  CE  . MET A 1 87 ? 5.621   -1.863  4.788   1.00 21.71 ? 102 MET A CE  1 
ATOM   703 N  N   . ILE A 1 88 ? 1.636   2.297   5.372   1.00 16.41 ? 103 ILE A N   1 
ATOM   704 C  CA  . ILE A 1 88 ? 0.515   2.956   4.722   1.00 15.99 ? 103 ILE A CA  1 
ATOM   705 C  C   . ILE A 1 88 ? 0.028   4.161   5.531   1.00 15.65 ? 103 ILE A C   1 
ATOM   706 O  O   . ILE A 1 88 ? -0.189  5.223   4.971   1.00 15.32 ? 103 ILE A O   1 
ATOM   707 C  CB  . ILE A 1 88 ? -0.639  1.973   4.396   1.00 15.72 ? 103 ILE A CB  1 
ATOM   708 C  CG1 . ILE A 1 88 ? -0.148  0.917   3.400   1.00 15.93 ? 103 ILE A CG1 1 
ATOM   709 C  CG2 . ILE A 1 88 ? -1.841  2.726   3.835   1.00 16.25 ? 103 ILE A CG2 1 
ATOM   710 C  CD1 . ILE A 1 88 ? -1.080  -0.264  3.217   1.00 17.13 ? 103 ILE A CD1 1 
ATOM   711 N  N   . TYR A 1 89 ? -0.119  4.009   6.848   1.00 15.96 ? 104 TYR A N   1 
ATOM   712 C  CA  . TYR A 1 89 ? -0.665  5.105   7.657   1.00 16.57 ? 104 TYR A CA  1 
ATOM   713 C  C   . TYR A 1 89 ? 0.219   6.353   7.614   1.00 16.06 ? 104 TYR A C   1 
ATOM   714 O  O   . TYR A 1 89 ? -0.282  7.474   7.659   1.00 15.81 ? 104 TYR A O   1 
ATOM   715 C  CB  . TYR A 1 89 ? -0.885  4.673   9.111   1.00 17.25 ? 104 TYR A CB  1 
ATOM   716 C  CG  . TYR A 1 89 ? -2.133  3.847   9.354   1.00 21.34 ? 104 TYR A CG  1 
ATOM   717 C  CD1 . TYR A 1 89 ? -3.356  4.177   8.761   1.00 24.28 ? 104 TYR A CD1 1 
ATOM   718 C  CD2 . TYR A 1 89 ? -2.091  2.744   10.217  1.00 25.43 ? 104 TYR A CD2 1 
ATOM   719 C  CE1 . TYR A 1 89 ? -4.506  3.408   9.009   1.00 27.11 ? 104 TYR A CE1 1 
ATOM   720 C  CE2 . TYR A 1 89 ? -3.227  1.972   10.463  1.00 27.68 ? 104 TYR A CE2 1 
ATOM   721 C  CZ  . TYR A 1 89 ? -4.426  2.306   9.859   1.00 28.50 ? 104 TYR A CZ  1 
ATOM   722 O  OH  . TYR A 1 89 ? -5.541  1.529   10.123  1.00 30.80 ? 104 TYR A OH  1 
ATOM   723 N  N   . ARG A 1 90 ? 1.528   6.153   7.494   1.00 16.25 ? 105 ARG A N   1 
ATOM   724 C  CA  . ARG A 1 90 ? 2.461   7.276   7.393   1.00 16.60 ? 105 ARG A CA  1 
ATOM   725 C  C   . ARG A 1 90 ? 2.305   8.030   6.072   1.00 16.93 ? 105 ARG A C   1 
ATOM   726 O  O   . ARG A 1 90 ? 2.860   9.117   5.886   1.00 16.55 ? 105 ARG A O   1 
ATOM   727 C  CB  . ARG A 1 90 ? 3.909   6.802   7.591   1.00 17.28 ? 105 ARG A CB  1 
ATOM   728 C  CG  . ARG A 1 90 ? 4.231   6.389   9.032   1.00 17.90 ? 105 ARG A CG  1 
ATOM   729 C  CD  . ARG A 1 90 ? 5.622   5.790   9.142   1.00 21.75 ? 105 ARG A CD  1 
ATOM   730 N  NE  . ARG A 1 90 ? 5.962   5.388   10.510  1.00 22.98 ? 105 ARG A NE  1 
ATOM   731 C  CZ  . ARG A 1 90 ? 6.897   4.493   10.818  1.00 24.13 ? 105 ARG A CZ  1 
ATOM   732 N  NH1 . ARG A 1 90 ? 7.593   3.896   9.857   1.00 24.62 ? 105 ARG A NH1 1 
ATOM   733 N  NH2 . ARG A 1 90 ? 7.133   4.179   12.087  1.00 23.99 ? 105 ARG A NH2 1 
ATOM   734 N  N   . ASN A 1 91 ? 1.522   7.463   5.162   1.00 17.08 ? 106 ASN A N   1 
ATOM   735 C  CA  . ASN A 1 91 ? 1.307   8.100   3.868   1.00 17.61 ? 106 ASN A CA  1 
ATOM   736 C  C   . ASN A 1 91 ? -0.102  8.650   3.694   1.00 17.77 ? 106 ASN A C   1 
ATOM   737 O  O   . ASN A 1 91 ? -0.570  8.889   2.578   1.00 17.75 ? 106 ASN A O   1 
ATOM   738 C  CB  . ASN A 1 91 ? 1.694   7.132   2.754   1.00 17.62 ? 106 ASN A CB  1 
ATOM   739 C  CG  . ASN A 1 91 ? 3.181   7.068   2.568   1.00 19.42 ? 106 ASN A CG  1 
ATOM   740 O  OD1 . ASN A 1 91 ? 3.790   8.009   2.044   1.00 21.99 ? 106 ASN A OD1 1 
ATOM   741 N  ND2 . ASN A 1 91 ? 3.792   5.993   3.044   1.00 19.03 ? 106 ASN A ND2 1 
ATOM   742 N  N   . LEU A 1 92 ? -0.783  8.850   4.815   1.00 18.08 ? 107 LEU A N   1 
ATOM   743 C  CA  . LEU A 1 92 ? -2.136  9.374   4.758   1.00 18.26 ? 107 LEU A CA  1 
ATOM   744 C  C   . LEU A 1 92 ? -2.531  10.147  5.998   1.00 18.19 ? 107 LEU A C   1 
ATOM   745 O  O   . LEU A 1 92 ? -1.817  10.180  7.002   1.00 18.04 ? 107 LEU A O   1 
ATOM   746 C  CB  . LEU A 1 92 ? -3.146  8.259   4.466   1.00 18.87 ? 107 LEU A CB  1 
ATOM   747 C  CG  . LEU A 1 92 ? -3.167  7.062   5.404   1.00 18.00 ? 107 LEU A CG  1 
ATOM   748 C  CD1 . LEU A 1 92 ? -4.018  7.353   6.643   1.00 21.09 ? 107 LEU A CD1 1 
ATOM   749 C  CD2 . LEU A 1 92 ? -3.678  5.846   4.665   1.00 19.36 ? 107 LEU A CD2 1 
ATOM   750 N  N   . VAL A 1 93 ? -3.693  10.765  5.893   1.00 18.44 ? 108 VAL A N   1 
ATOM   751 C  CA  . VAL A 1 93 ? -4.278  11.524  6.965   1.00 19.12 ? 108 VAL A CA  1 
ATOM   752 C  C   . VAL A 1 93 ? -5.589  10.831  7.294   1.00 19.28 ? 108 VAL A C   1 
ATOM   753 O  O   . VAL A 1 93 ? -6.454  10.675  6.442   1.00 18.97 ? 108 VAL A O   1 
ATOM   754 C  CB  . VAL A 1 93 ? -4.528  12.984  6.531   1.00 18.84 ? 108 VAL A CB  1 
ATOM   755 C  CG1 . VAL A 1 93 ? -5.380  13.721  7.560   1.00 19.91 ? 108 VAL A CG1 1 
ATOM   756 C  CG2 . VAL A 1 93 ? -3.199  13.711  6.294   1.00 19.81 ? 108 VAL A CG2 1 
ATOM   757 N  N   . VAL A 1 94 ? -5.722  10.384  8.532   1.00 20.04 ? 109 VAL A N   1 
ATOM   758 C  CA  . VAL A 1 94 ? -6.982  9.807   8.964   1.00 21.00 ? 109 VAL A CA  1 
ATOM   759 C  C   . VAL A 1 94 ? -8.004  10.931  9.080   1.00 21.86 ? 109 VAL A C   1 
ATOM   760 O  O   . VAL A 1 94 ? -7.712  11.981  9.652   1.00 22.08 ? 109 VAL A O   1 
ATOM   761 C  CB  . VAL A 1 94 ? -6.831  9.044   10.287  1.00 20.91 ? 109 VAL A CB  1 
ATOM   762 C  CG1 . VAL A 1 94 ? -8.195  8.676   10.847  1.00 20.88 ? 109 VAL A CG1 1 
ATOM   763 C  CG2 . VAL A 1 94 ? -5.984  7.795   10.074  1.00 20.44 ? 109 VAL A CG2 1 
ATOM   764 N  N   . VAL A 1 95 ? -9.184  10.713  8.509   1.00 22.85 ? 110 VAL A N   1 
ATOM   765 C  CA  . VAL A 1 95 ? -10.238 11.719  8.504   1.00 24.77 ? 110 VAL A CA  1 
ATOM   766 C  C   . VAL A 1 95 ? -10.846 11.827  9.901   1.00 25.37 ? 110 VAL A C   1 
ATOM   767 O  O   . VAL A 1 95 ? -10.984 10.820  10.595  1.00 26.36 ? 110 VAL A O   1 
ATOM   768 C  CB  . VAL A 1 95 ? -11.348 11.375  7.483   1.00 24.97 ? 110 VAL A CB  1 
ATOM   769 C  CG1 . VAL A 1 95 ? -12.413 12.474  7.449   1.00 26.39 ? 110 VAL A CG1 1 
ATOM   770 C  CG2 . VAL A 1 95 ? -10.762 11.167  6.094   1.00 26.20 ? 110 VAL A CG2 1 
HETATM 771 C  C1  . 4T4 B 2 .  ? -0.639  -19.323 -9.692  1.00 36.69 ? 201 4T4 A C1  1 
HETATM 772 C  C2  . 4T4 B 2 .  ? 0.354   -4.118  0.577   1.00 21.47 ? 201 4T4 A C2  1 
HETATM 773 C  C3  . 4T4 B 2 .  ? 0.861   -5.382  0.940   1.00 20.86 ? 201 4T4 A C3  1 
HETATM 774 C  C4  . 4T4 B 2 .  ? -1.586  -8.731  -1.398  1.00 19.52 ? 201 4T4 A C4  1 
HETATM 775 C  C5  . 4T4 B 2 .  ? -0.604  -8.120  -2.202  1.00 19.62 ? 201 4T4 A C5  1 
HETATM 776 C  C6  . 4T4 B 2 .  ? 0.439   -8.921  -2.664  1.00 19.39 ? 201 4T4 A C6  1 
HETATM 777 C  C7  . 4T4 B 2 .  ? 0.519   -10.300 -2.375  1.00 18.04 ? 201 4T4 A C7  1 
HETATM 778 C  C8  . 4T4 B 2 .  ? -0.473  -10.891 -1.562  1.00 19.65 ? 201 4T4 A C8  1 
HETATM 779 C  C9  . 4T4 B 2 .  ? -1.519  -10.101 -1.090  1.00 20.06 ? 201 4T4 A C9  1 
HETATM 780 C  C10 . 4T4 B 2 .  ? 1.773   -12.424 -2.619  1.00 19.85 ? 201 4T4 A C10 1 
HETATM 781 C  C11 . 4T4 B 2 .  ? 1.078   -13.355 -3.626  1.00 20.84 ? 201 4T4 A C11 1 
HETATM 782 C  C12 . 4T4 B 2 .  ? 1.349   -14.834 -3.182  1.00 23.08 ? 201 4T4 A C12 1 
HETATM 783 C  C13 . 4T4 B 2 .  ? -2.369  -7.544  0.523   1.00 20.59 ? 201 4T4 A C13 1 
HETATM 784 C  C14 . 4T4 B 2 .  ? -3.794  -7.660  -1.537  1.00 19.19 ? 201 4T4 A C14 1 
HETATM 785 C  C15 . 4T4 B 2 .  ? -4.896  -6.850  -0.905  1.00 20.30 ? 201 4T4 A C15 1 
HETATM 786 C  C16 . 4T4 B 2 .  ? -4.822  -6.844  0.637   1.00 20.60 ? 201 4T4 A C16 1 
HETATM 787 C  C17 . 4T4 B 2 .  ? -3.623  -7.160  1.304   1.00 21.03 ? 201 4T4 A C17 1 
HETATM 788 C  C18 . 4T4 B 2 .  ? -3.533  -7.155  2.702   1.00 21.88 ? 201 4T4 A C18 1 
HETATM 789 C  C19 . 4T4 B 2 .  ? -4.662  -6.812  3.482   1.00 22.66 ? 201 4T4 A C19 1 
HETATM 790 C  C20 . 4T4 B 2 .  ? -5.864  -6.489  2.841   1.00 23.02 ? 201 4T4 A C20 1 
HETATM 791 C  C21 . 4T4 B 2 .  ? -5.961  -6.497  1.412   1.00 21.49 ? 201 4T4 A C21 1 
HETATM 792 C  C22 . 4T4 B 2 .  ? -8.217  -5.802  3.235   1.00 24.51 ? 201 4T4 A C22 1 
HETATM 793 CL CL1 . 4T4 B 2 .  ? 1.347   -2.660  0.552   1.00 24.02 ? 201 4T4 A CL1 1 
HETATM 794 C  C23 . 4T4 B 2 .  ? -0.012  -6.508  0.932   1.00 22.08 ? 201 4T4 A C23 1 
HETATM 795 C  C24 . 4T4 B 2 .  ? -1.379  -6.347  0.561   1.00 21.96 ? 201 4T4 A C24 1 
HETATM 796 C  C25 . 4T4 B 2 .  ? -1.851  -5.065  0.192   1.00 21.39 ? 201 4T4 A C25 1 
HETATM 797 C  C26 . 4T4 B 2 .  ? -0.994  -3.950  0.202   1.00 21.34 ? 201 4T4 A C26 1 
HETATM 798 N  N1  . 4T4 B 2 .  ? -2.652  -7.973  -0.870  1.00 19.74 ? 201 4T4 A N1  1 
HETATM 799 O  O1  . 4T4 B 2 .  ? -6.906  -6.173  3.713   1.00 23.98 ? 201 4T4 A O1  1 
HETATM 800 O  O2  . 4T4 B 2 .  ? -4.630  -6.787  4.889   1.00 24.19 ? 201 4T4 A O2  1 
HETATM 801 C  C27 . 4T4 B 2 .  ? -3.430  -7.092  5.641   1.00 24.07 ? 201 4T4 A C27 1 
HETATM 802 C  C28 . 4T4 B 2 .  ? -3.887  -7.500  7.066   1.00 26.21 ? 201 4T4 A C28 1 
HETATM 803 C  C29 . 4T4 B 2 .  ? -2.447  -5.897  5.758   1.00 24.74 ? 201 4T4 A C29 1 
HETATM 804 O  O3  . 4T4 B 2 .  ? -3.961  -8.036  -2.684  1.00 19.26 ? 201 4T4 A O3  1 
HETATM 805 N  N2  . 4T4 B 2 .  ? 1.583   -10.986 -2.846  1.00 19.79 ? 201 4T4 A N2  1 
HETATM 806 C  C30 . 4T4 B 2 .  ? 0.728   -15.839 -4.215  1.00 24.47 ? 201 4T4 A C30 1 
HETATM 807 C  C31 . 4T4 B 2 .  ? 1.187   -15.575 -5.703  1.00 26.77 ? 201 4T4 A C31 1 
HETATM 808 C  C32 . 4T4 B 2 .  ? 0.827   -14.102 -6.079  1.00 25.22 ? 201 4T4 A C32 1 
HETATM 809 C  C33 . 4T4 B 2 .  ? 1.553   -13.130 -5.096  1.00 23.61 ? 201 4T4 A C33 1 
HETATM 810 N  N3  . 4T4 B 2 .  ? 0.689   -16.598 -6.702  1.00 30.49 ? 201 4T4 A N3  1 
HETATM 811 C  C34 . 4T4 B 2 .  ? 1.159   -18.023 -6.618  1.00 32.63 ? 201 4T4 A C34 1 
HETATM 812 C  C35 . 4T4 B 2 .  ? 1.068   -18.668 -8.031  1.00 35.10 ? 201 4T4 A C35 1 
HETATM 813 N  N4  . 4T4 B 2 .  ? -0.260  -18.447 -8.622  1.00 35.54 ? 201 4T4 A N4  1 
HETATM 814 C  C36 . 4T4 B 2 .  ? -1.134  -17.470 -8.200  1.00 35.00 ? 201 4T4 A C36 1 
HETATM 815 C  C37 . 4T4 B 2 .  ? -0.756  -16.534 -7.073  1.00 33.31 ? 201 4T4 A C37 1 
HETATM 816 O  O4  . 4T4 B 2 .  ? -2.251  -17.283 -8.685  1.00 36.42 ? 201 4T4 A O4  1 
HETATM 817 C  C38 . 4T4 B 2 .  ? 2.647   -10.264 -3.585  1.00 19.28 ? 201 4T4 A C38 1 
HETATM 818 CL CL  . CL  C 3 .  ? 7.990   3.569   -10.291 0.50 17.34 ? 202 CL  A CL  1 
HETATM 819 O  O   . HOH D 4 .  ? 10.922  -3.488  -8.208  1.00 48.03 ? 301 HOH A O   1 
HETATM 820 O  O   . HOH D 4 .  ? -6.900  -5.568  6.533   1.00 32.57 ? 302 HOH A O   1 
HETATM 821 O  O   . HOH D 4 .  ? 13.513  -12.997 -2.247  1.00 29.47 ? 303 HOH A O   1 
HETATM 822 O  O   . HOH D 4 .  ? -17.606 -2.616  5.912   1.00 46.32 ? 304 HOH A O   1 
HETATM 823 O  O   . HOH D 4 .  ? 9.086   -0.179  8.313   1.00 41.11 ? 305 HOH A O   1 
HETATM 824 O  O   . HOH D 4 .  ? -2.931  -2.283  14.178  1.00 58.60 ? 306 HOH A O   1 
HETATM 825 O  O   . HOH D 4 .  ? 11.622  -4.300  5.262   1.00 40.38 ? 307 HOH A O   1 
HETATM 826 O  O   . HOH D 4 .  ? -7.294  2.544   11.857  1.00 36.90 ? 308 HOH A O   1 
HETATM 827 O  O   . HOH D 4 .  ? 15.199  -9.948  0.644   1.00 43.97 ? 309 HOH A O   1 
HETATM 828 O  O   . HOH D 4 .  ? -5.884  12.952  -0.824  1.00 33.28 ? 310 HOH A O   1 
HETATM 829 O  O   . HOH D 4 .  ? -3.505  -9.994  -4.439  1.00 41.27 ? 311 HOH A O   1 
HETATM 830 O  O   . HOH D 4 .  ? -1.904  0.264   -13.316 1.00 28.28 ? 312 HOH A O   1 
HETATM 831 O  O   . HOH D 4 .  ? 0.189   -17.501 0.859   1.00 54.73 ? 313 HOH A O   1 
HETATM 832 O  O   . HOH D 4 .  ? 2.486   12.383  9.078   1.00 37.43 ? 314 HOH A O   1 
HETATM 833 O  O   . HOH D 4 .  ? 9.043   7.924   2.745   1.00 45.93 ? 315 HOH A O   1 
HETATM 834 O  O   . HOH D 4 .  ? -0.706  13.605  -6.023  1.00 30.46 ? 316 HOH A O   1 
HETATM 835 O  O   . HOH D 4 .  ? 4.989   4.453   -9.674  1.00 23.91 ? 317 HOH A O   1 
HETATM 836 O  O   . HOH D 4 .  ? 7.591   3.833   7.117   1.00 32.99 ? 318 HOH A O   1 
HETATM 837 O  O   . HOH D 4 .  ? -2.430  7.914   9.303   1.00 22.46 ? 319 HOH A O   1 
HETATM 838 O  O   . HOH D 4 .  ? 14.090  -3.905  -5.883  1.00 27.43 ? 320 HOH A O   1 
HETATM 839 O  O   . HOH D 4 .  ? 2.783   -7.702  -15.303 1.00 47.21 ? 321 HOH A O   1 
HETATM 840 O  O   . HOH D 4 .  ? 6.318   9.075   1.916   1.00 32.45 ? 322 HOH A O   1 
HETATM 841 O  O   . HOH D 4 .  ? -5.597  -6.522  -4.307  1.00 24.66 ? 323 HOH A O   1 
HETATM 842 O  O   . HOH D 4 .  ? 0.995   -17.406 6.939   1.00 46.97 ? 324 HOH A O   1 
HETATM 843 O  O   . HOH D 4 .  ? 10.441  -25.114 -7.497  1.00 66.44 ? 325 HOH A O   1 
HETATM 844 O  O   . HOH D 4 .  ? -5.651  -1.386  -11.057 1.00 27.82 ? 326 HOH A O   1 
HETATM 845 O  O   . HOH D 4 .  ? -11.847 5.445   -6.995  1.00 34.88 ? 327 HOH A O   1 
HETATM 846 O  O   . HOH D 4 .  ? 4.499   -1.502  12.956  1.00 35.74 ? 328 HOH A O   1 
HETATM 847 O  O   . HOH D 4 .  ? -0.955  -9.049  3.403   1.00 33.34 ? 329 HOH A O   1 
HETATM 848 O  O   . HOH D 4 .  ? -7.308  7.171   -11.892 1.00 46.54 ? 330 HOH A O   1 
HETATM 849 O  O   . HOH D 4 .  ? 2.309   9.722   0.204   1.00 17.61 ? 331 HOH A O   1 
HETATM 850 O  O   . HOH D 4 .  ? 7.884   -15.907 -0.101  1.00 35.02 ? 332 HOH A O   1 
HETATM 851 O  O   . HOH D 4 .  ? 7.055   -18.375 -2.650  1.00 31.71 ? 333 HOH A O   1 
HETATM 852 O  O   . HOH D 4 .  ? 2.326   -15.219 -10.417 1.00 41.19 ? 334 HOH A O   1 
HETATM 853 O  O   . HOH D 4 .  ? 4.539   -6.533  10.928  1.00 30.43 ? 335 HOH A O   1 
HETATM 854 O  O   . HOH D 4 .  ? -6.118  12.239  12.138  1.00 27.01 ? 336 HOH A O   1 
HETATM 855 O  O   . HOH D 4 .  ? -4.078  -15.876 -6.814  1.00 40.98 ? 337 HOH A O   1 
HETATM 856 O  O   . HOH D 4 .  ? 6.053   -14.907 -10.424 1.00 52.79 ? 338 HOH A O   1 
HETATM 857 O  O   . HOH D 4 .  ? -3.248  10.580  10.208  1.00 21.78 ? 339 HOH A O   1 
HETATM 858 O  O   . HOH D 4 .  ? 4.953   -4.402  16.198  1.00 53.25 ? 340 HOH A O   1 
HETATM 859 O  O   . HOH D 4 .  ? 3.473   12.478  -0.239  1.00 28.54 ? 341 HOH A O   1 
HETATM 860 O  O   . HOH D 4 .  ? -12.503 6.776   10.350  1.00 38.79 ? 342 HOH A O   1 
HETATM 861 O  O   . HOH D 4 .  ? 2.632   -6.930  20.552  1.00 52.03 ? 343 HOH A O   1 
HETATM 862 O  O   . HOH D 4 .  ? -3.304  -1.891  -12.653 1.00 29.43 ? 344 HOH A O   1 
HETATM 863 O  O   . HOH D 4 .  ? 9.399   9.949   -4.673  1.00 62.22 ? 345 HOH A O   1 
HETATM 864 O  O   . HOH D 4 .  ? 12.887  -5.081  -9.984  1.00 29.22 ? 346 HOH A O   1 
HETATM 865 O  O   . HOH D 4 .  ? -4.022  14.393  3.036   1.00 30.34 ? 347 HOH A O   1 
HETATM 866 O  O   . HOH D 4 .  ? 11.500  -10.797 -8.588  1.00 30.16 ? 348 HOH A O   1 
HETATM 867 O  O   . HOH D 4 .  ? 6.139   4.814   5.345   1.00 37.92 ? 349 HOH A O   1 
HETATM 868 O  O   . HOH D 4 .  ? 9.301   1.330   10.877  1.00 51.41 ? 350 HOH A O   1 
HETATM 869 O  O   . HOH D 4 .  ? -0.198  11.900  9.236   1.00 47.20 ? 351 HOH A O   1 
HETATM 870 O  O   . HOH D 4 .  ? -0.537  -12.626 4.009   1.00 38.80 ? 352 HOH A O   1 
HETATM 871 O  O   . HOH D 4 .  ? 6.667   -12.214 -10.476 1.00 42.03 ? 353 HOH A O   1 
HETATM 872 O  O   . HOH D 4 .  ? 7.285   -6.573  10.877  1.00 39.06 ? 354 HOH A O   1 
HETATM 873 O  O   . HOH D 4 .  ? -10.364 13.271  12.786  1.00 42.55 ? 355 HOH A O   1 
HETATM 874 O  O   . HOH D 4 .  ? 11.765  -8.633  3.159   1.00 39.22 ? 356 HOH A O   1 
HETATM 875 O  O   . HOH D 4 .  ? 2.694   -8.596  12.026  1.00 36.78 ? 357 HOH A O   1 
HETATM 876 O  O   . HOH D 4 .  ? 13.295  4.957   -6.811  1.00 50.07 ? 358 HOH A O   1 
HETATM 877 O  O   . HOH D 4 .  ? -14.325 -0.765  4.200   1.00 36.47 ? 359 HOH A O   1 
HETATM 878 O  O   . HOH D 4 .  ? -0.916  -9.528  12.538  1.00 46.11 ? 360 HOH A O   1 
HETATM 879 O  O   . HOH D 4 .  ? -10.790 -8.653  15.349  1.00 39.01 ? 361 HOH A O   1 
HETATM 880 O  O   . HOH D 4 .  ? 15.291  1.673   -1.178  1.00 40.63 ? 362 HOH A O   1 
HETATM 881 O  O   . HOH D 4 .  ? -5.587  16.089  4.420   1.00 34.70 ? 363 HOH A O   1 
HETATM 882 O  O   . HOH D 4 .  ? 10.327  -5.002  -10.180 1.00 30.98 ? 364 HOH A O   1 
HETATM 883 O  O   . HOH D 4 .  ? -2.108  15.656  -5.026  1.00 39.12 ? 365 HOH A O   1 
# 
